data_2K3R
#
_entry.id   2K3R
#
_cell.length_a   1.000
_cell.length_b   1.000
_cell.length_c   1.000
_cell.angle_alpha   90.00
_cell.angle_beta   90.00
_cell.angle_gamma   90.00
#
_symmetry.space_group_name_H-M   'P 1'
#
loop_
_entity.id
_entity.type
_entity.pdbx_description
1 polymer 'Ribonuclease P protein component 4'
2 non-polymer 'ZINC ION'
#
_entity_poly.entity_id   1
_entity_poly.type   'polypeptide(L)'
_entity_poly.pdbx_seq_one_letter_code
;MAKYNEKKEKKRIAKERIDILFSLAERVFPYSPELAKRYVELALLVQQKAKVKIPRKWKRRYCKKCHAFLVPGINARVRL
RQKRMPHIVVKCLECGHIMRYPYIKEIKKRRKEKMEYGGLVPR
;
_entity_poly.pdbx_strand_id   A
#
loop_
_chem_comp.id
_chem_comp.type
_chem_comp.name
_chem_comp.formula
ZN non-polymer 'ZINC ION' 'Zn 2'
#
# COMPACT_ATOMS: atom_id res chain seq x y z
N LYS A 15 9.00 16.22 -2.60
CA LYS A 15 10.38 16.09 -3.15
C LYS A 15 11.18 15.08 -2.32
N GLU A 16 12.26 15.56 -1.66
CA GLU A 16 13.05 14.73 -0.76
C GLU A 16 12.23 14.33 0.47
N ARG A 17 11.35 15.23 0.89
CA ARG A 17 10.57 15.04 2.12
C ARG A 17 9.70 13.79 2.07
N ILE A 18 9.04 13.57 0.94
CA ILE A 18 8.20 12.41 0.73
C ILE A 18 9.07 11.16 0.80
N ASP A 19 10.23 11.24 0.15
CA ASP A 19 11.14 10.10 0.01
C ASP A 19 11.64 9.63 1.37
N ILE A 20 11.93 10.57 2.27
CA ILE A 20 12.31 10.23 3.65
C ILE A 20 11.14 9.56 4.39
N LEU A 21 9.94 10.10 4.24
CA LEU A 21 8.76 9.52 4.86
C LEU A 21 8.50 8.11 4.30
N PHE A 22 8.69 7.95 2.99
CA PHE A 22 8.50 6.67 2.33
C PHE A 22 9.44 5.61 2.92
N SER A 23 10.71 5.96 3.10
CA SER A 23 11.68 5.04 3.70
C SER A 23 11.27 4.68 5.13
N LEU A 24 10.86 5.68 5.89
CA LEU A 24 10.40 5.46 7.25
C LEU A 24 9.16 4.58 7.28
N ALA A 25 8.24 4.84 6.34
CA ALA A 25 7.02 4.05 6.23
C ALA A 25 7.38 2.60 5.91
N GLU A 26 8.41 2.40 5.09
CA GLU A 26 8.81 1.05 4.72
C GLU A 26 9.33 0.25 5.92
N ARG A 27 10.15 0.85 6.77
CA ARG A 27 10.69 0.13 7.93
C ARG A 27 9.60 -0.24 8.95
N VAL A 28 8.70 0.70 9.23
CA VAL A 28 7.60 0.46 10.16
C VAL A 28 6.67 -0.61 9.59
N PHE A 29 6.54 -0.58 8.27
CA PHE A 29 5.52 -1.35 7.57
C PHE A 29 5.51 -2.83 7.94
N PRO A 30 6.62 -3.58 7.75
CA PRO A 30 6.72 -4.96 8.29
C PRO A 30 6.65 -5.02 9.82
N TYR A 31 7.15 -3.96 10.46
CA TYR A 31 7.22 -3.93 11.92
C TYR A 31 5.82 -3.99 12.55
N SER A 32 4.92 -3.17 12.01
CA SER A 32 3.54 -3.10 12.47
C SER A 32 2.71 -2.40 11.40
N PRO A 33 1.75 -3.10 10.78
CA PRO A 33 0.86 -2.48 9.75
C PRO A 33 0.15 -1.21 10.26
N GLU A 34 -0.27 -1.29 11.51
CA GLU A 34 -1.06 -0.24 12.14
C GLU A 34 -0.25 1.04 12.32
N LEU A 35 1.01 0.89 12.76
CA LEU A 35 1.93 2.02 12.86
C LEU A 35 2.21 2.62 11.48
N ALA A 36 2.40 1.73 10.51
CA ALA A 36 2.71 2.11 9.14
C ALA A 36 1.57 2.91 8.54
N LYS A 37 0.36 2.51 8.93
CA LYS A 37 -0.87 3.12 8.46
C LYS A 37 -0.84 4.60 8.85
N ARG A 38 -0.46 4.89 10.10
CA ARG A 38 -0.29 6.27 10.53
C ARG A 38 0.83 6.99 9.78
N TYR A 39 1.97 6.34 9.56
CA TYR A 39 3.09 6.92 8.82
C TYR A 39 2.77 7.22 7.36
N VAL A 40 2.09 6.28 6.68
CA VAL A 40 1.73 6.46 5.27
C VAL A 40 0.76 7.65 5.12
N GLU A 41 -0.22 7.72 6.02
CA GLU A 41 -1.25 8.75 5.93
C GLU A 41 -0.56 10.12 5.99
N LEU A 42 0.49 10.21 6.79
CA LEU A 42 1.42 11.33 6.76
C LEU A 42 2.14 11.52 5.43
N ALA A 43 2.63 10.45 4.82
CA ALA A 43 3.32 10.60 3.54
C ALA A 43 2.40 11.05 2.41
N LEU A 44 1.20 10.47 2.36
CA LEU A 44 0.16 10.86 1.41
C LEU A 44 -0.35 12.29 1.62
N LEU A 45 -0.52 12.68 2.89
CA LEU A 45 -0.95 14.04 3.21
C LEU A 45 0.11 15.03 2.74
N VAL A 46 1.36 14.66 2.94
CA VAL A 46 2.49 15.47 2.47
C VAL A 46 2.43 15.58 0.95
N GLN A 47 2.17 14.47 0.27
CA GLN A 47 2.20 14.43 -1.18
C GLN A 47 1.19 15.40 -1.80
N GLN A 48 -0.05 15.40 -1.30
CA GLN A 48 -1.05 16.36 -1.78
C GLN A 48 -0.69 17.80 -1.43
N LYS A 49 -0.20 18.01 -0.20
CA LYS A 49 0.16 19.35 0.25
C LYS A 49 1.31 19.95 -0.56
N ALA A 50 2.32 19.11 -0.85
CA ALA A 50 3.41 19.50 -1.73
C ALA A 50 2.96 19.52 -3.19
N LYS A 51 1.78 18.95 -3.46
CA LYS A 51 1.22 18.97 -4.81
C LYS A 51 2.23 18.48 -5.84
N VAL A 52 2.87 17.36 -5.54
CA VAL A 52 3.82 16.74 -6.47
C VAL A 52 3.33 15.36 -6.87
N LYS A 53 3.31 15.10 -8.18
CA LYS A 53 3.01 13.78 -8.68
C LYS A 53 4.29 12.96 -8.80
N ILE A 54 4.24 11.74 -8.29
CA ILE A 54 5.37 10.83 -8.38
C ILE A 54 4.97 9.59 -9.17
N PRO A 55 5.93 8.84 -9.75
CA PRO A 55 5.58 7.76 -10.73
C PRO A 55 4.61 6.74 -10.16
N ARG A 56 5.10 5.58 -9.74
CA ARG A 56 4.25 4.56 -9.16
C ARG A 56 4.46 4.46 -7.64
N LYS A 57 5.39 5.23 -7.07
CA LYS A 57 5.94 4.88 -5.76
C LYS A 57 4.92 4.92 -4.63
N TRP A 58 4.10 5.97 -4.59
CA TRP A 58 3.00 6.01 -3.62
C TRP A 58 1.64 5.68 -4.22
N LYS A 59 1.45 6.02 -5.49
CA LYS A 59 0.14 5.90 -6.15
C LYS A 59 -0.27 4.42 -6.26
N ARG A 60 0.71 3.60 -6.63
CA ARG A 60 0.48 2.19 -6.89
C ARG A 60 0.81 1.30 -5.68
N ARG A 61 1.31 1.91 -4.61
CA ARG A 61 1.78 1.15 -3.45
C ARG A 61 0.99 1.50 -2.19
N TYR A 62 -0.33 1.66 -2.30
CA TYR A 62 -1.11 2.02 -1.11
C TYR A 62 -2.53 1.47 -1.15
N CYS A 63 -3.18 1.46 0.01
CA CYS A 63 -4.58 1.08 0.11
C CYS A 63 -5.52 2.24 -0.23
N LYS A 64 -6.70 1.89 -0.74
CA LYS A 64 -7.68 2.89 -1.15
C LYS A 64 -8.17 3.73 0.03
N LYS A 65 -8.40 3.12 1.19
CA LYS A 65 -8.88 3.88 2.35
C LYS A 65 -7.98 3.83 3.59
N CYS A 66 -7.09 2.83 3.68
CA CYS A 66 -6.11 2.82 4.76
C CYS A 66 -5.03 3.87 4.61
N HIS A 67 -4.64 4.10 3.35
CA HIS A 67 -3.56 5.03 3.06
C HIS A 67 -2.27 4.44 3.63
N ALA A 68 -2.11 3.17 3.32
CA ALA A 68 -1.07 2.33 3.91
C ALA A 68 -0.32 1.63 2.80
N PHE A 69 0.95 1.29 3.03
CA PHE A 69 1.78 0.74 1.97
C PHE A 69 1.21 -0.62 1.57
N LEU A 70 1.00 -0.85 0.28
CA LEU A 70 0.53 -2.16 -0.17
C LEU A 70 1.71 -3.03 -0.61
N VAL A 71 1.98 -4.02 0.24
CA VAL A 71 2.72 -5.22 -0.16
C VAL A 71 2.02 -6.45 0.42
N PRO A 72 1.84 -7.54 -0.35
CA PRO A 72 1.38 -8.83 0.23
C PRO A 72 2.39 -9.38 1.25
N GLY A 73 1.83 -9.98 2.29
CA GLY A 73 2.59 -10.65 3.33
C GLY A 73 2.85 -9.75 4.55
N ILE A 74 2.68 -8.44 4.39
CA ILE A 74 3.12 -7.50 5.41
C ILE A 74 1.96 -6.84 6.16
N ASN A 75 1.27 -5.90 5.52
CA ASN A 75 0.08 -5.30 6.10
C ASN A 75 -1.19 -5.90 5.49
N ALA A 76 -0.93 -6.79 4.54
CA ALA A 76 -1.94 -7.28 3.62
C ALA A 76 -1.46 -8.63 3.12
N ARG A 77 -2.39 -9.50 2.74
CA ARG A 77 -2.03 -10.83 2.26
C ARG A 77 -2.81 -11.13 0.98
N VAL A 78 -2.18 -11.85 0.07
CA VAL A 78 -2.77 -12.14 -1.23
C VAL A 78 -2.79 -13.65 -1.43
N ARG A 79 -3.95 -14.11 -1.90
CA ARG A 79 -4.10 -15.50 -2.31
C ARG A 79 -4.15 -15.53 -3.83
N LEU A 80 -3.37 -16.43 -4.42
CA LEU A 80 -3.31 -16.52 -5.87
C LEU A 80 -4.08 -17.77 -6.27
N ARG A 81 -5.08 -17.60 -7.13
CA ARG A 81 -5.90 -18.72 -7.58
C ARG A 81 -5.64 -19.01 -9.05
N GLN A 82 -5.60 -20.31 -9.35
CA GLN A 82 -5.43 -20.77 -10.72
C GLN A 82 -6.68 -21.51 -11.20
N LYS A 83 -7.33 -20.78 -12.10
CA LYS A 83 -8.41 -21.25 -12.97
C LYS A 83 -8.01 -20.71 -14.34
N ARG A 84 -8.62 -21.15 -15.44
CA ARG A 84 -8.28 -20.39 -16.63
C ARG A 84 -9.16 -19.15 -16.63
N MET A 85 -9.01 -18.37 -15.56
CA MET A 85 -8.96 -16.92 -15.53
C MET A 85 -8.00 -16.54 -14.40
N PRO A 86 -6.83 -15.90 -14.58
CA PRO A 86 -6.01 -15.57 -13.38
C PRO A 86 -6.77 -14.63 -12.45
N HIS A 87 -6.64 -14.85 -11.14
CA HIS A 87 -7.16 -13.93 -10.13
C HIS A 87 -6.28 -13.95 -8.88
N ILE A 88 -6.18 -12.80 -8.23
CA ILE A 88 -5.63 -12.71 -6.88
C ILE A 88 -6.58 -11.96 -5.95
N VAL A 89 -6.64 -12.37 -4.69
CA VAL A 89 -7.41 -11.64 -3.69
C VAL A 89 -6.50 -11.14 -2.57
N VAL A 90 -6.63 -9.86 -2.23
CA VAL A 90 -5.73 -9.19 -1.28
C VAL A 90 -6.56 -8.69 -0.11
N LYS A 91 -6.08 -9.01 1.09
CA LYS A 91 -6.72 -8.52 2.29
C LYS A 91 -5.71 -7.60 2.97
N CYS A 92 -6.08 -6.35 3.24
CA CYS A 92 -5.17 -5.43 3.93
C CYS A 92 -5.74 -5.14 5.32
N LEU A 93 -4.89 -5.35 6.31
CA LEU A 93 -5.32 -5.46 7.70
C LEU A 93 -5.96 -4.15 8.14
N GLU A 94 -5.37 -3.03 7.73
CA GLU A 94 -5.78 -1.75 8.27
C GLU A 94 -7.24 -1.46 7.87
N CYS A 95 -7.61 -1.83 6.63
CA CYS A 95 -9.02 -1.79 6.26
C CYS A 95 -9.74 -3.00 6.84
N GLY A 96 -9.06 -4.14 6.90
CA GLY A 96 -9.69 -5.38 7.33
C GLY A 96 -10.52 -5.99 6.21
N HIS A 97 -10.32 -5.49 4.98
CA HIS A 97 -11.17 -5.82 3.84
C HIS A 97 -10.40 -6.52 2.72
N ILE A 98 -11.12 -7.40 2.02
CA ILE A 98 -10.58 -8.15 0.89
C ILE A 98 -10.86 -7.46 -0.44
N MET A 99 -9.78 -7.34 -1.20
CA MET A 99 -9.78 -6.70 -2.51
C MET A 99 -9.47 -7.76 -3.56
N ARG A 100 -10.18 -7.69 -4.70
CA ARG A 100 -9.90 -8.56 -5.83
C ARG A 100 -9.11 -7.80 -6.88
N TYR A 101 -8.09 -8.45 -7.43
CA TYR A 101 -7.38 -7.94 -8.58
C TYR A 101 -7.37 -8.99 -9.69
N PRO A 102 -8.25 -8.85 -10.68
CA PRO A 102 -8.22 -9.71 -11.90
C PRO A 102 -6.91 -9.53 -12.66
N TYR A 103 -6.42 -10.62 -13.23
CA TYR A 103 -5.26 -10.57 -14.12
C TYR A 103 -5.45 -11.54 -15.29
N ILE A 104 -4.83 -11.24 -16.44
CA ILE A 104 -4.90 -12.13 -17.62
C ILE A 104 -3.49 -12.40 -18.16
N LYS A 105 -3.19 -13.69 -18.39
CA LYS A 105 -1.93 -14.13 -19.00
C LYS A 105 -0.75 -13.76 -18.10
ZN ZN B . -6.37 -1.45 3.62
N LYS A 15 10.32 16.25 -2.18
CA LYS A 15 11.35 15.41 -2.86
C LYS A 15 12.15 14.64 -1.81
N GLU A 16 13.12 15.31 -1.20
CA GLU A 16 13.97 14.67 -0.18
C GLU A 16 13.15 14.31 1.05
N ARG A 17 12.24 15.20 1.44
CA ARG A 17 11.42 14.92 2.61
C ARG A 17 10.50 13.71 2.40
N ILE A 18 9.87 13.65 1.24
CA ILE A 18 8.93 12.56 0.95
C ILE A 18 9.61 11.21 0.75
N ASP A 19 10.75 11.19 0.05
CA ASP A 19 11.41 9.94 -0.28
C ASP A 19 11.97 9.24 0.97
N ILE A 20 12.43 10.03 1.94
CA ILE A 20 12.84 9.50 3.23
C ILE A 20 11.65 8.88 3.97
N LEU A 21 10.53 9.59 3.92
CA LEU A 21 9.30 9.14 4.57
C LEU A 21 8.84 7.84 3.92
N PHE A 22 8.97 7.77 2.59
CA PHE A 22 8.60 6.60 1.81
C PHE A 22 9.38 5.38 2.30
N SER A 23 10.68 5.56 2.51
CA SER A 23 11.51 4.53 3.11
C SER A 23 11.01 4.18 4.52
N LEU A 24 10.68 5.20 5.30
CA LEU A 24 10.21 4.98 6.67
C LEU A 24 8.91 4.19 6.68
N ALA A 25 8.01 4.52 5.76
CA ALA A 25 6.74 3.81 5.65
C ALA A 25 6.99 2.36 5.32
N GLU A 26 7.99 2.10 4.48
CA GLU A 26 8.35 0.72 4.15
C GLU A 26 8.90 -0.02 5.37
N ARG A 27 9.76 0.64 6.16
CA ARG A 27 10.33 0.03 7.36
C ARG A 27 9.29 -0.31 8.42
N VAL A 28 8.39 0.64 8.67
CA VAL A 28 7.35 0.47 9.68
C VAL A 28 6.41 -0.66 9.27
N PHE A 29 6.22 -0.76 7.95
CA PHE A 29 5.20 -1.64 7.38
C PHE A 29 5.27 -3.05 7.96
N PRO A 30 6.40 -3.77 7.80
CA PRO A 30 6.54 -5.14 8.37
C PRO A 30 6.49 -5.17 9.89
N TYR A 31 6.95 -4.10 10.52
CA TYR A 31 6.88 -3.98 11.98
C TYR A 31 5.44 -3.95 12.47
N SER A 32 4.61 -3.17 11.78
CA SER A 32 3.20 -3.06 12.12
C SER A 32 2.45 -2.42 10.95
N PRO A 33 1.35 -3.05 10.48
CA PRO A 33 0.37 -2.38 9.58
C PRO A 33 -0.18 -1.09 10.20
N GLU A 34 -0.45 -1.12 11.49
CA GLU A 34 -1.16 -0.03 12.16
C GLU A 34 -0.31 1.24 12.26
N LEU A 35 0.96 1.07 12.62
CA LEU A 35 1.89 2.19 12.65
C LEU A 35 2.11 2.78 11.26
N ALA A 36 2.23 1.89 10.30
CA ALA A 36 2.48 2.28 8.91
C ALA A 36 1.29 3.09 8.39
N LYS A 37 0.10 2.68 8.84
CA LYS A 37 -1.15 3.27 8.42
C LYS A 37 -1.16 4.75 8.78
N ARG A 38 -0.77 5.06 10.02
CA ARG A 38 -0.66 6.43 10.48
C ARG A 38 0.42 7.21 9.73
N TYR A 39 1.57 6.57 9.50
CA TYR A 39 2.68 7.19 8.78
C TYR A 39 2.35 7.56 7.34
N VAL A 40 1.66 6.67 6.63
CA VAL A 40 1.35 6.94 5.22
C VAL A 40 0.43 8.15 5.07
N GLU A 41 -0.61 8.23 5.91
CA GLU A 41 -1.60 9.31 5.83
C GLU A 41 -0.92 10.64 6.12
N LEU A 42 0.08 10.57 6.98
CA LEU A 42 1.04 11.66 7.13
C LEU A 42 1.80 11.91 5.83
N ALA A 43 2.24 10.86 5.14
CA ALA A 43 2.92 11.03 3.85
C ALA A 43 2.01 11.63 2.78
N LEU A 44 0.75 11.21 2.71
CA LEU A 44 -0.20 11.82 1.79
C LEU A 44 -0.46 13.29 2.09
N LEU A 45 -0.60 13.61 3.38
CA LEU A 45 -0.72 15.00 3.83
C LEU A 45 0.54 15.79 3.51
N VAL A 46 1.70 15.16 3.72
CA VAL A 46 2.98 15.77 3.38
C VAL A 46 3.05 16.02 1.87
N GLN A 47 2.62 15.04 1.09
CA GLN A 47 2.83 15.06 -0.35
C GLN A 47 2.09 16.25 -0.97
N GLN A 48 0.87 16.51 -0.54
CA GLN A 48 0.16 17.72 -0.96
C GLN A 48 0.81 19.00 -0.42
N LYS A 49 1.25 18.99 0.84
CA LYS A 49 1.94 20.16 1.39
C LYS A 49 3.25 20.43 0.63
N ALA A 50 3.97 19.36 0.35
CA ALA A 50 5.21 19.46 -0.41
C ALA A 50 4.94 19.67 -1.90
N LYS A 51 3.69 19.48 -2.30
CA LYS A 51 3.29 19.65 -3.69
C LYS A 51 4.19 18.86 -4.64
N VAL A 52 4.42 17.60 -4.30
CA VAL A 52 5.36 16.78 -5.07
C VAL A 52 4.56 15.73 -5.84
N LYS A 53 4.82 15.64 -7.13
CA LYS A 53 4.10 14.68 -7.97
C LYS A 53 4.75 13.31 -7.86
N ILE A 54 3.93 12.28 -7.77
CA ILE A 54 4.42 10.91 -7.75
C ILE A 54 3.56 10.06 -8.69
N PRO A 55 4.10 9.72 -9.87
CA PRO A 55 3.34 8.95 -10.90
C PRO A 55 2.78 7.61 -10.41
N ARG A 56 3.60 6.86 -9.67
CA ARG A 56 3.15 5.57 -9.15
C ARG A 56 3.57 5.29 -7.71
N LYS A 57 4.61 5.94 -7.20
CA LYS A 57 5.29 5.41 -6.02
C LYS A 57 4.34 5.34 -4.82
N TRP A 58 3.56 6.40 -4.60
CA TRP A 58 2.48 6.32 -3.60
C TRP A 58 1.12 6.07 -4.24
N LYS A 59 0.94 6.58 -5.45
CA LYS A 59 -0.35 6.56 -6.11
C LYS A 59 -0.81 5.13 -6.39
N ARG A 60 0.12 4.32 -6.89
CA ARG A 60 -0.20 2.95 -7.28
C ARG A 60 0.12 1.96 -6.17
N ARG A 61 0.68 2.45 -5.07
CA ARG A 61 1.11 1.59 -3.98
C ARG A 61 0.38 1.94 -2.68
N TYR A 62 -0.95 2.10 -2.73
CA TYR A 62 -1.66 2.46 -1.49
C TYR A 62 -3.07 1.88 -1.45
N CYS A 63 -3.62 1.82 -0.24
CA CYS A 63 -5.02 1.41 -0.03
C CYS A 63 -5.99 2.58 -0.09
N LYS A 64 -7.19 2.33 -0.62
CA LYS A 64 -8.15 3.39 -0.84
C LYS A 64 -8.59 4.06 0.46
N LYS A 65 -8.84 3.24 1.49
CA LYS A 65 -9.13 3.76 2.82
C LYS A 65 -7.87 3.97 3.65
N CYS A 66 -7.06 2.91 3.69
CA CYS A 66 -6.00 2.82 4.70
C CYS A 66 -4.86 3.77 4.39
N HIS A 67 -4.66 3.96 3.09
CA HIS A 67 -3.59 4.82 2.62
C HIS A 67 -2.26 4.16 2.98
N ALA A 68 -2.12 2.92 2.53
CA ALA A 68 -1.11 2.00 3.04
C ALA A 68 -0.29 1.44 1.89
N PHE A 69 0.99 1.18 2.18
CA PHE A 69 1.92 0.82 1.11
C PHE A 69 1.58 -0.58 0.66
N LEU A 70 1.16 -0.76 -0.59
CA LEU A 70 0.31 -1.92 -0.84
C LEU A 70 1.19 -3.08 -1.25
N VAL A 71 1.58 -3.86 -0.25
CA VAL A 71 2.55 -4.93 -0.42
C VAL A 71 2.02 -6.19 0.25
N PRO A 72 1.83 -7.28 -0.51
CA PRO A 72 1.35 -8.55 0.07
C PRO A 72 2.31 -9.10 1.12
N GLY A 73 1.73 -9.71 2.16
CA GLY A 73 2.51 -10.37 3.21
C GLY A 73 2.67 -9.47 4.43
N ILE A 74 2.53 -8.14 4.27
CA ILE A 74 2.92 -7.24 5.35
C ILE A 74 1.72 -6.63 6.09
N ASN A 75 1.05 -5.65 5.48
CA ASN A 75 -0.20 -5.13 6.04
C ASN A 75 -1.38 -5.76 5.32
N ALA A 76 -1.06 -6.55 4.31
CA ALA A 76 -2.06 -7.08 3.41
C ALA A 76 -1.54 -8.38 2.82
N ARG A 77 -2.45 -9.28 2.46
CA ARG A 77 -2.01 -10.58 1.94
C ARG A 77 -2.71 -10.88 0.62
N VAL A 78 -1.97 -11.53 -0.27
CA VAL A 78 -2.51 -11.87 -1.59
C VAL A 78 -2.40 -13.38 -1.78
N ARG A 79 -3.48 -13.97 -2.25
CA ARG A 79 -3.46 -15.39 -2.60
C ARG A 79 -3.49 -15.49 -4.12
N LEU A 80 -2.57 -16.26 -4.68
CA LEU A 80 -2.53 -16.45 -6.13
C LEU A 80 -3.07 -17.84 -6.44
N ARG A 81 -4.19 -17.88 -7.15
CA ARG A 81 -4.89 -19.13 -7.40
C ARG A 81 -4.43 -19.78 -8.70
N GLN A 82 -4.32 -21.11 -8.68
CA GLN A 82 -3.58 -21.89 -9.67
C GLN A 82 -4.26 -21.77 -11.03
N LYS A 83 -3.86 -22.60 -12.01
CA LYS A 83 -4.33 -22.35 -13.36
C LYS A 83 -5.78 -22.82 -13.42
N ARG A 84 -6.61 -21.81 -13.18
CA ARG A 84 -8.00 -21.71 -13.62
C ARG A 84 -8.08 -20.38 -14.36
N MET A 85 -9.25 -19.75 -14.41
CA MET A 85 -9.28 -18.39 -14.94
C MET A 85 -8.73 -17.44 -13.88
N PRO A 86 -7.47 -16.97 -14.04
CA PRO A 86 -6.59 -16.68 -12.87
C PRO A 86 -7.19 -15.60 -11.99
N HIS A 87 -7.00 -15.75 -10.68
CA HIS A 87 -7.48 -14.77 -9.71
C HIS A 87 -6.42 -14.55 -8.64
N ILE A 88 -6.25 -13.31 -8.22
CA ILE A 88 -5.52 -13.02 -6.99
C ILE A 88 -6.40 -12.21 -6.05
N VAL A 89 -6.46 -12.60 -4.78
CA VAL A 89 -7.34 -11.91 -3.84
C VAL A 89 -6.50 -11.26 -2.74
N VAL A 90 -6.77 -9.99 -2.50
CA VAL A 90 -5.89 -9.18 -1.66
C VAL A 90 -6.71 -8.69 -0.48
N LYS A 91 -6.16 -8.90 0.72
CA LYS A 91 -6.81 -8.42 1.94
C LYS A 91 -5.83 -7.51 2.64
N CYS A 92 -6.26 -6.28 2.93
CA CYS A 92 -5.38 -5.35 3.62
C CYS A 92 -5.95 -5.10 5.01
N LEU A 93 -5.10 -5.34 6.01
CA LEU A 93 -5.54 -5.42 7.39
C LEU A 93 -6.11 -4.08 7.84
N GLU A 94 -5.46 -3.02 7.40
CA GLU A 94 -5.75 -1.68 7.88
C GLU A 94 -7.19 -1.30 7.53
N CYS A 95 -7.66 -1.72 6.35
CA CYS A 95 -9.11 -1.68 6.10
C CYS A 95 -9.80 -2.86 6.76
N GLY A 96 -9.12 -4.01 6.81
CA GLY A 96 -9.73 -5.26 7.26
C GLY A 96 -10.53 -5.96 6.17
N HIS A 97 -10.36 -5.52 4.94
CA HIS A 97 -11.24 -5.91 3.85
C HIS A 97 -10.50 -6.60 2.71
N ILE A 98 -11.23 -7.51 2.05
CA ILE A 98 -10.69 -8.35 1.00
C ILE A 98 -11.15 -7.89 -0.39
N MET A 99 -10.17 -7.70 -1.25
CA MET A 99 -10.39 -7.31 -2.64
C MET A 99 -9.99 -8.44 -3.58
N ARG A 100 -10.78 -8.65 -4.61
CA ARG A 100 -10.49 -9.65 -5.63
C ARG A 100 -9.94 -8.99 -6.89
N TYR A 101 -8.87 -9.59 -7.43
CA TYR A 101 -8.25 -9.07 -8.65
C TYR A 101 -8.13 -10.19 -9.70
N PRO A 102 -9.07 -10.23 -10.66
CA PRO A 102 -8.99 -11.16 -11.82
C PRO A 102 -7.77 -10.90 -12.69
N TYR A 103 -7.18 -11.97 -13.23
CA TYR A 103 -6.06 -11.85 -14.16
C TYR A 103 -6.21 -12.85 -15.31
N ILE A 104 -5.71 -12.48 -16.48
CA ILE A 104 -5.72 -13.35 -17.65
C ILE A 104 -4.31 -13.57 -18.19
N LYS A 105 -3.97 -14.84 -18.42
CA LYS A 105 -2.69 -15.23 -19.01
C LYS A 105 -2.81 -15.34 -20.53
ZN ZN B . -6.61 -1.32 3.39
N LYS A 15 9.66 16.09 -2.85
CA LYS A 15 10.49 14.99 -3.43
C LYS A 15 11.33 14.36 -2.33
N GLU A 16 12.20 15.17 -1.73
CA GLU A 16 13.00 14.73 -0.61
C GLU A 16 12.09 14.44 0.58
N ARG A 17 11.05 15.27 0.74
CA ARG A 17 10.13 15.11 1.87
C ARG A 17 9.40 13.78 1.80
N ILE A 18 8.96 13.42 0.60
CA ILE A 18 8.27 12.15 0.39
C ILE A 18 9.22 10.99 0.68
N ASP A 19 10.45 11.12 0.20
CA ASP A 19 11.44 10.06 0.27
C ASP A 19 11.79 9.76 1.72
N ILE A 20 11.89 10.81 2.54
CA ILE A 20 12.12 10.64 3.98
C ILE A 20 10.94 9.92 4.65
N LEU A 21 9.73 10.36 4.30
CA LEU A 21 8.51 9.70 4.78
C LEU A 21 8.43 8.26 4.29
N PHE A 22 8.80 8.06 3.02
CA PHE A 22 8.72 6.75 2.40
C PHE A 22 9.60 5.76 3.16
N SER A 23 10.82 6.18 3.47
CA SER A 23 11.73 5.34 4.24
C SER A 23 11.16 5.02 5.63
N LEU A 24 10.59 6.03 6.27
CA LEU A 24 10.00 5.85 7.59
C LEU A 24 8.82 4.89 7.54
N ALA A 25 8.00 5.07 6.50
CA ALA A 25 6.82 4.24 6.32
C ALA A 25 7.22 2.79 6.09
N GLU A 26 8.29 2.60 5.32
CA GLU A 26 8.70 1.25 4.94
C GLU A 26 9.20 0.43 6.12
N ARG A 27 10.00 1.05 7.00
CA ARG A 27 10.50 0.34 8.18
C ARG A 27 9.39 -0.03 9.18
N VAL A 28 8.49 0.91 9.41
CA VAL A 28 7.37 0.69 10.32
C VAL A 28 6.45 -0.39 9.74
N PHE A 29 6.37 -0.39 8.41
CA PHE A 29 5.36 -1.15 7.70
C PHE A 29 5.37 -2.63 8.11
N PRO A 30 6.48 -3.36 7.91
CA PRO A 30 6.59 -4.76 8.41
C PRO A 30 6.47 -4.87 9.92
N TYR A 31 6.93 -3.84 10.63
CA TYR A 31 6.86 -3.82 12.08
C TYR A 31 5.41 -3.86 12.57
N SER A 32 4.59 -3.02 11.96
CA SER A 32 3.18 -2.92 12.30
C SER A 32 2.42 -2.16 11.21
N PRO A 33 1.46 -2.82 10.54
CA PRO A 33 0.61 -2.14 9.53
C PRO A 33 -0.09 -0.90 10.09
N GLU A 34 -0.54 -1.00 11.34
CA GLU A 34 -1.33 0.06 11.95
C GLU A 34 -0.52 1.34 12.19
N LEU A 35 0.72 1.16 12.64
CA LEU A 35 1.65 2.28 12.75
C LEU A 35 1.96 2.87 11.38
N ALA A 36 2.14 1.98 10.41
CA ALA A 36 2.39 2.36 9.03
C ALA A 36 1.20 3.12 8.46
N LYS A 37 0.00 2.72 8.88
CA LYS A 37 -1.22 3.38 8.44
C LYS A 37 -1.25 4.86 8.82
N ARG A 38 -0.92 5.17 10.06
CA ARG A 38 -0.92 6.57 10.48
C ARG A 38 0.14 7.38 9.74
N TYR A 39 1.33 6.81 9.61
CA TYR A 39 2.46 7.51 8.98
C TYR A 39 2.24 7.85 7.51
N VAL A 40 1.75 6.87 6.74
CA VAL A 40 1.49 7.08 5.32
C VAL A 40 0.36 8.09 5.13
N GLU A 41 -0.69 7.93 5.92
CA GLU A 41 -1.91 8.73 5.77
C GLU A 41 -1.58 10.20 6.07
N LEU A 42 -0.63 10.37 6.98
CA LEU A 42 0.12 11.62 7.06
C LEU A 42 0.93 11.93 5.80
N ALA A 43 1.61 10.93 5.23
CA ALA A 43 2.41 11.17 4.02
C ALA A 43 1.53 11.58 2.85
N LEU A 44 0.37 10.95 2.73
CA LEU A 44 -0.54 11.22 1.63
C LEU A 44 -1.04 12.66 1.66
N LEU A 45 -1.36 13.14 2.86
CA LEU A 45 -1.75 14.53 3.08
C LEU A 45 -0.60 15.47 2.72
N VAL A 46 0.61 15.07 3.12
CA VAL A 46 1.80 15.83 2.81
C VAL A 46 2.00 15.89 1.29
N GLN A 47 1.81 14.76 0.62
CA GLN A 47 2.14 14.64 -0.80
C GLN A 47 1.29 15.59 -1.64
N GLN A 48 -0.02 15.63 -1.37
CA GLN A 48 -0.89 16.59 -2.07
C GLN A 48 -0.59 18.04 -1.69
N LYS A 49 -0.36 18.30 -0.40
CA LYS A 49 -0.06 19.64 0.07
C LYS A 49 1.26 20.16 -0.50
N ALA A 50 2.26 19.28 -0.55
CA ALA A 50 3.54 19.64 -1.14
C ALA A 50 3.43 19.72 -2.65
N LYS A 51 2.32 19.21 -3.18
CA LYS A 51 2.07 19.24 -4.62
C LYS A 51 3.23 18.58 -5.36
N VAL A 52 3.47 17.33 -5.02
CA VAL A 52 4.49 16.52 -5.69
C VAL A 52 3.84 15.31 -6.38
N LYS A 53 4.22 15.12 -7.65
CA LYS A 53 3.75 13.97 -8.40
C LYS A 53 4.73 12.82 -8.23
N ILE A 54 4.17 11.62 -8.07
CA ILE A 54 4.99 10.42 -7.94
C ILE A 54 4.46 9.36 -8.89
N PRO A 55 5.18 9.12 -10.01
CA PRO A 55 4.71 8.17 -11.05
C PRO A 55 4.45 6.77 -10.50
N ARG A 56 5.32 6.30 -9.60
CA ARG A 56 5.24 4.91 -9.15
C ARG A 56 5.44 4.75 -7.63
N LYS A 57 6.26 5.58 -6.98
CA LYS A 57 6.79 5.20 -5.66
C LYS A 57 5.67 5.03 -4.62
N TRP A 58 4.72 5.97 -4.61
CA TRP A 58 3.57 5.84 -3.72
C TRP A 58 2.34 5.29 -4.45
N LYS A 59 2.25 5.63 -5.73
CA LYS A 59 1.07 5.30 -6.53
C LYS A 59 0.87 3.79 -6.63
N ARG A 60 1.96 3.10 -6.91
CA ARG A 60 1.93 1.66 -7.18
C ARG A 60 2.22 0.84 -5.93
N ARG A 61 2.49 1.53 -4.82
CA ARG A 61 2.98 0.86 -3.61
C ARG A 61 2.05 1.08 -2.42
N TYR A 62 0.76 1.28 -2.68
CA TYR A 62 -0.17 1.51 -1.57
C TYR A 62 -1.56 0.93 -1.84
N CYS A 63 -2.35 0.73 -0.78
CA CYS A 63 -3.73 0.28 -0.92
C CYS A 63 -4.65 1.50 -0.91
N LYS A 64 -5.76 1.39 -1.64
CA LYS A 64 -6.66 2.53 -1.80
C LYS A 64 -7.29 2.96 -0.48
N LYS A 65 -7.69 1.98 0.34
CA LYS A 65 -8.18 2.28 1.69
C LYS A 65 -7.07 2.42 2.74
N CYS A 66 -5.99 1.65 2.65
CA CYS A 66 -5.02 1.65 3.75
C CYS A 66 -4.32 2.99 3.82
N HIS A 67 -3.99 3.49 2.63
CA HIS A 67 -3.08 4.63 2.56
C HIS A 67 -1.73 4.22 3.13
N ALA A 68 -1.45 2.93 2.93
CA ALA A 68 -0.30 2.26 3.52
C ALA A 68 0.46 1.50 2.43
N PHE A 69 1.72 1.20 2.71
CA PHE A 69 2.58 0.54 1.72
C PHE A 69 1.96 -0.79 1.33
N LEU A 70 1.86 -1.06 0.03
CA LEU A 70 1.24 -2.30 -0.41
C LEU A 70 2.33 -3.25 -0.86
N VAL A 71 2.61 -4.22 0.00
CA VAL A 71 3.37 -5.42 -0.34
C VAL A 71 2.65 -6.62 0.28
N PRO A 72 2.46 -7.73 -0.45
CA PRO A 72 1.85 -8.95 0.15
C PRO A 72 2.67 -9.54 1.29
N GLY A 73 1.96 -10.08 2.27
CA GLY A 73 2.59 -10.76 3.39
C GLY A 73 2.74 -9.85 4.60
N ILE A 74 2.75 -8.53 4.37
CA ILE A 74 3.13 -7.61 5.44
C ILE A 74 1.93 -6.92 6.09
N ASN A 75 1.34 -5.94 5.40
CA ASN A 75 0.12 -5.30 5.90
C ASN A 75 -1.10 -5.93 5.26
N ALA A 76 -0.82 -6.82 4.33
CA ALA A 76 -1.85 -7.35 3.46
C ALA A 76 -1.37 -8.70 2.96
N ARG A 77 -2.32 -9.58 2.67
CA ARG A 77 -1.96 -10.93 2.23
C ARG A 77 -2.70 -11.29 0.95
N VAL A 78 -1.97 -11.95 0.04
CA VAL A 78 -2.54 -12.23 -1.26
C VAL A 78 -2.50 -13.73 -1.52
N ARG A 79 -3.63 -14.25 -1.95
CA ARG A 79 -3.72 -15.63 -2.42
C ARG A 79 -4.00 -15.63 -3.91
N LEU A 80 -3.23 -16.42 -4.65
CA LEU A 80 -3.36 -16.44 -6.10
C LEU A 80 -4.05 -17.73 -6.51
N ARG A 81 -5.15 -17.59 -7.23
CA ARG A 81 -5.94 -18.74 -7.64
C ARG A 81 -5.70 -19.06 -9.11
N GLN A 82 -5.52 -20.35 -9.40
CA GLN A 82 -5.33 -20.77 -10.77
C GLN A 82 -6.58 -21.51 -11.24
N LYS A 83 -7.33 -20.76 -12.05
CA LYS A 83 -8.43 -21.25 -12.86
C LYS A 83 -8.20 -20.65 -14.23
N ARG A 84 -8.92 -21.06 -15.28
CA ARG A 84 -8.78 -20.25 -16.49
C ARG A 84 -9.72 -19.06 -16.28
N MET A 85 -9.42 -18.33 -15.22
CA MET A 85 -9.42 -16.88 -15.12
C MET A 85 -8.31 -16.52 -14.13
N PRO A 86 -7.22 -15.80 -14.46
CA PRO A 86 -6.27 -15.43 -13.40
C PRO A 86 -6.95 -14.54 -12.35
N HIS A 87 -6.67 -14.81 -11.08
CA HIS A 87 -7.22 -14.00 -9.99
C HIS A 87 -6.26 -13.98 -8.81
N ILE A 88 -6.22 -12.84 -8.13
CA ILE A 88 -5.61 -12.77 -6.80
C ILE A 88 -6.55 -12.09 -5.82
N VAL A 89 -6.53 -12.52 -4.57
CA VAL A 89 -7.35 -11.90 -3.53
C VAL A 89 -6.47 -11.26 -2.47
N VAL A 90 -6.77 -10.00 -2.17
CA VAL A 90 -5.92 -9.19 -1.31
C VAL A 90 -6.73 -8.69 -0.12
N LYS A 91 -6.17 -8.86 1.07
CA LYS A 91 -6.80 -8.36 2.29
C LYS A 91 -5.79 -7.51 3.06
N CYS A 92 -6.23 -6.36 3.57
CA CYS A 92 -5.36 -5.55 4.42
C CYS A 92 -5.71 -5.79 5.88
N LEU A 93 -4.68 -5.86 6.72
CA LEU A 93 -4.87 -5.78 8.16
C LEU A 93 -5.43 -4.41 8.60
N GLU A 94 -4.91 -3.32 8.03
CA GLU A 94 -5.31 -1.98 8.43
C GLU A 94 -6.75 -1.68 8.01
N CYS A 95 -7.10 -2.08 6.79
CA CYS A 95 -8.45 -1.90 6.29
C CYS A 95 -9.37 -2.93 6.92
N GLY A 96 -8.81 -4.12 7.15
CA GLY A 96 -9.60 -5.24 7.68
C GLY A 96 -10.40 -5.92 6.58
N HIS A 97 -10.15 -5.50 5.34
CA HIS A 97 -11.04 -5.79 4.22
C HIS A 97 -10.34 -6.55 3.10
N ILE A 98 -11.13 -7.36 2.42
CA ILE A 98 -10.68 -8.13 1.27
C ILE A 98 -11.12 -7.47 -0.03
N MET A 99 -10.14 -7.29 -0.91
CA MET A 99 -10.39 -6.87 -2.27
C MET A 99 -9.83 -7.90 -3.25
N ARG A 100 -10.51 -8.06 -4.38
CA ARG A 100 -10.06 -8.96 -5.44
C ARG A 100 -9.44 -8.16 -6.58
N TYR A 101 -8.29 -8.61 -7.06
CA TYR A 101 -7.72 -8.05 -8.29
C TYR A 101 -7.75 -9.12 -9.39
N PRO A 102 -8.76 -9.07 -10.28
CA PRO A 102 -8.76 -9.92 -11.50
C PRO A 102 -7.60 -9.60 -12.44
N TYR A 103 -7.04 -10.63 -13.06
CA TYR A 103 -6.24 -10.49 -14.27
C TYR A 103 -6.74 -11.42 -15.38
N ILE A 104 -6.71 -10.92 -16.62
CA ILE A 104 -7.09 -11.71 -17.78
C ILE A 104 -5.91 -11.87 -18.75
N LYS A 105 -5.67 -13.12 -19.14
CA LYS A 105 -4.52 -13.47 -19.97
C LYS A 105 -4.95 -13.69 -21.43
ZN ZN B . -6.11 -1.44 2.69
N LYS A 15 9.39 15.58 -3.00
CA LYS A 15 10.56 15.00 -3.71
C LYS A 15 11.41 14.21 -2.71
N GLU A 16 12.52 14.80 -2.27
CA GLU A 16 13.40 14.13 -1.32
C GLU A 16 12.68 13.96 0.02
N ARG A 17 11.90 14.97 0.40
CA ARG A 17 11.24 14.98 1.71
C ARG A 17 10.24 13.84 1.85
N ILE A 18 9.46 13.62 0.79
CA ILE A 18 8.52 12.49 0.75
C ILE A 18 9.27 11.16 0.67
N ASP A 19 10.33 11.14 -0.14
CA ASP A 19 11.09 9.92 -0.39
C ASP A 19 11.78 9.41 0.88
N ILE A 20 12.27 10.34 1.71
CA ILE A 20 12.78 9.97 3.04
C ILE A 20 11.65 9.42 3.92
N LEU A 21 10.51 10.09 3.88
CA LEU A 21 9.32 9.68 4.62
C LEU A 21 8.86 8.30 4.13
N PHE A 22 8.93 8.11 2.81
CA PHE A 22 8.54 6.86 2.17
C PHE A 22 9.38 5.71 2.73
N SER A 23 10.69 5.91 2.86
CA SER A 23 11.56 4.90 3.43
C SER A 23 11.14 4.54 4.86
N LEU A 24 10.79 5.56 5.65
CA LEU A 24 10.36 5.34 7.02
C LEU A 24 9.08 4.53 7.08
N ALA A 25 8.15 4.83 6.16
CA ALA A 25 6.90 4.09 6.05
C ALA A 25 7.18 2.64 5.69
N GLU A 26 8.20 2.46 4.84
CA GLU A 26 8.60 1.11 4.44
C GLU A 26 9.17 0.30 5.61
N ARG A 27 10.00 0.91 6.45
CA ARG A 27 10.55 0.19 7.60
C ARG A 27 9.48 -0.25 8.61
N VAL A 28 8.57 0.68 8.92
CA VAL A 28 7.49 0.41 9.85
C VAL A 28 6.54 -0.64 9.27
N PHE A 29 6.35 -0.54 7.96
CA PHE A 29 5.37 -1.35 7.23
C PHE A 29 5.45 -2.83 7.61
N PRO A 30 6.61 -3.51 7.42
CA PRO A 30 6.79 -4.90 7.95
C PRO A 30 6.69 -4.99 9.47
N TYR A 31 7.12 -3.95 10.16
CA TYR A 31 7.17 -3.98 11.61
C TYR A 31 5.76 -4.15 12.21
N SER A 32 4.84 -3.33 11.70
CA SER A 32 3.48 -3.26 12.24
C SER A 32 2.57 -2.54 11.24
N PRO A 33 1.57 -3.22 10.68
CA PRO A 33 0.64 -2.59 9.70
C PRO A 33 0.01 -1.31 10.24
N GLU A 34 -0.38 -1.33 11.52
CA GLU A 34 -1.05 -0.18 12.15
C GLU A 34 -0.12 1.02 12.27
N LEU A 35 1.13 0.78 12.68
CA LEU A 35 2.10 1.86 12.82
C LEU A 35 2.37 2.51 11.46
N ALA A 36 2.50 1.65 10.45
CA ALA A 36 2.71 2.08 9.08
C ALA A 36 1.53 2.90 8.57
N LYS A 37 0.34 2.51 9.01
CA LYS A 37 -0.88 3.22 8.68
C LYS A 37 -0.83 4.67 9.18
N ARG A 38 -0.36 4.86 10.41
CA ARG A 38 -0.22 6.22 10.94
C ARG A 38 0.79 7.04 10.13
N TYR A 39 1.92 6.43 9.78
CA TYR A 39 2.91 7.06 8.92
C TYR A 39 2.35 7.36 7.53
N VAL A 40 1.58 6.41 7.00
CA VAL A 40 1.00 6.54 5.67
C VAL A 40 0.05 7.74 5.56
N GLU A 41 -0.83 7.90 6.54
CA GLU A 41 -1.81 8.98 6.52
C GLU A 41 -1.07 10.31 6.62
N LEU A 42 0.01 10.25 7.41
CA LEU A 42 0.99 11.32 7.47
C LEU A 42 1.68 11.55 6.13
N ALA A 43 2.07 10.48 5.43
CA ALA A 43 2.75 10.64 4.15
C ALA A 43 1.84 11.31 3.12
N LEU A 44 0.56 10.90 3.09
CA LEU A 44 -0.41 11.52 2.21
C LEU A 44 -0.64 13.00 2.53
N LEU A 45 -0.73 13.32 3.82
CA LEU A 45 -0.90 14.73 4.23
C LEU A 45 0.31 15.55 3.80
N VAL A 46 1.48 14.98 3.97
CA VAL A 46 2.72 15.62 3.55
C VAL A 46 2.73 15.81 2.04
N GLN A 47 2.33 14.78 1.31
CA GLN A 47 2.43 14.80 -0.15
C GLN A 47 1.54 15.89 -0.76
N GLN A 48 0.31 16.00 -0.26
CA GLN A 48 -0.61 17.03 -0.77
C GLN A 48 -0.12 18.43 -0.44
N LYS A 49 0.37 18.61 0.79
CA LYS A 49 0.89 19.90 1.25
C LYS A 49 2.12 20.33 0.46
N ALA A 50 3.01 19.38 0.20
CA ALA A 50 4.17 19.63 -0.64
C ALA A 50 3.77 19.70 -2.11
N LYS A 51 2.55 19.26 -2.40
CA LYS A 51 1.99 19.37 -3.76
C LYS A 51 2.91 18.72 -4.79
N VAL A 52 3.25 17.46 -4.54
CA VAL A 52 4.06 16.70 -5.48
C VAL A 52 3.27 15.50 -6.02
N LYS A 53 3.28 15.37 -7.34
CA LYS A 53 2.64 14.23 -8.00
C LYS A 53 3.58 13.03 -7.98
N ILE A 54 2.99 11.86 -7.79
CA ILE A 54 3.74 10.61 -7.88
C ILE A 54 3.04 9.65 -8.83
N PRO A 55 3.60 9.48 -10.05
CA PRO A 55 3.03 8.54 -11.07
C PRO A 55 2.87 7.12 -10.54
N ARG A 56 3.85 6.62 -9.79
CA ARG A 56 3.84 5.22 -9.40
C ARG A 56 4.22 4.98 -7.93
N LYS A 57 5.09 5.80 -7.32
CA LYS A 57 5.73 5.38 -6.07
C LYS A 57 4.70 5.17 -4.95
N TRP A 58 3.76 6.11 -4.82
CA TRP A 58 2.68 5.91 -3.85
C TRP A 58 1.40 5.42 -4.52
N LYS A 59 1.23 5.87 -5.77
CA LYS A 59 -0.02 5.72 -6.48
C LYS A 59 -0.32 4.23 -6.71
N ARG A 60 0.74 3.51 -7.06
CA ARG A 60 0.65 2.09 -7.37
C ARG A 60 1.02 1.17 -6.20
N ARG A 61 1.40 1.76 -5.06
CA ARG A 61 1.94 0.96 -3.95
C ARG A 61 1.05 1.00 -2.70
N TYR A 62 -0.22 1.38 -2.82
CA TYR A 62 -1.03 1.60 -1.62
C TYR A 62 -2.48 1.15 -1.76
N CYS A 63 -3.11 1.01 -0.59
CA CYS A 63 -4.56 0.82 -0.49
C CYS A 63 -5.34 2.05 -0.91
N LYS A 64 -6.46 1.80 -1.57
CA LYS A 64 -7.37 2.88 -1.95
C LYS A 64 -7.98 3.58 -0.74
N LYS A 65 -8.41 2.83 0.28
CA LYS A 65 -8.83 3.46 1.52
C LYS A 65 -7.65 3.90 2.41
N CYS A 66 -6.74 2.95 2.62
CA CYS A 66 -5.75 3.08 3.67
C CYS A 66 -4.61 4.00 3.25
N HIS A 67 -4.32 3.93 1.96
CA HIS A 67 -3.12 4.53 1.40
C HIS A 67 -1.88 3.82 1.94
N ALA A 68 -2.12 2.74 2.68
CA ALA A 68 -1.06 1.94 3.28
C ALA A 68 -0.28 1.19 2.21
N PHE A 69 1.00 0.95 2.49
CA PHE A 69 1.89 0.38 1.49
C PHE A 69 1.40 -1.02 1.14
N LEU A 70 1.24 -1.30 -0.15
CA LEU A 70 0.77 -2.63 -0.58
C LEU A 70 1.97 -3.48 -0.99
N VAL A 71 2.33 -4.37 -0.08
CA VAL A 71 3.11 -5.56 -0.38
C VAL A 71 2.47 -6.75 0.33
N PRO A 72 2.20 -7.87 -0.36
CA PRO A 72 1.55 -9.04 0.29
C PRO A 72 2.42 -9.61 1.42
N GLY A 73 1.75 -10.09 2.46
CA GLY A 73 2.40 -10.74 3.58
C GLY A 73 2.58 -9.79 4.77
N ILE A 74 2.54 -8.48 4.53
CA ILE A 74 2.93 -7.54 5.58
C ILE A 74 1.73 -6.84 6.24
N ASN A 75 1.12 -5.87 5.55
CA ASN A 75 -0.09 -5.22 6.05
C ASN A 75 -1.29 -5.72 5.25
N ALA A 76 -0.99 -6.67 4.39
CA ALA A 76 -1.99 -7.25 3.50
C ALA A 76 -1.52 -8.62 3.08
N ARG A 77 -2.47 -9.51 2.80
CA ARG A 77 -2.12 -10.87 2.40
C ARG A 77 -2.85 -11.25 1.11
N VAL A 78 -2.15 -11.98 0.26
CA VAL A 78 -2.72 -12.33 -1.04
C VAL A 78 -2.75 -13.86 -1.19
N ARG A 79 -3.92 -14.36 -1.60
CA ARG A 79 -4.03 -15.71 -2.11
C ARG A 79 -4.09 -15.68 -3.63
N LEU A 80 -3.36 -16.58 -4.27
CA LEU A 80 -3.38 -16.68 -5.72
C LEU A 80 -4.08 -17.98 -6.10
N ARG A 81 -5.14 -17.88 -6.91
CA ARG A 81 -5.89 -19.05 -7.32
C ARG A 81 -5.66 -19.37 -8.80
N GLN A 82 -5.48 -20.66 -9.09
CA GLN A 82 -5.17 -21.10 -10.46
C GLN A 82 -6.35 -21.87 -11.03
N LYS A 83 -7.44 -21.16 -11.28
CA LYS A 83 -8.51 -21.58 -12.17
C LYS A 83 -8.12 -21.15 -13.59
N ARG A 84 -8.84 -21.56 -14.64
CA ARG A 84 -8.54 -20.96 -15.94
C ARG A 84 -9.31 -19.64 -15.97
N MET A 85 -8.99 -18.82 -14.98
CA MET A 85 -8.84 -17.38 -15.04
C MET A 85 -7.77 -17.05 -14.01
N PRO A 86 -6.59 -16.47 -14.31
CA PRO A 86 -5.69 -16.08 -13.19
C PRO A 86 -6.38 -15.03 -12.31
N HIS A 87 -6.22 -15.16 -11.00
CA HIS A 87 -6.75 -14.17 -10.07
C HIS A 87 -5.99 -14.19 -8.75
N ILE A 88 -5.90 -13.02 -8.12
CA ILE A 88 -5.38 -12.93 -6.76
C ILE A 88 -6.33 -12.09 -5.89
N VAL A 89 -6.47 -12.45 -4.61
CA VAL A 89 -7.29 -11.65 -3.70
C VAL A 89 -6.43 -11.08 -2.57
N VAL A 90 -6.56 -9.78 -2.36
CA VAL A 90 -5.70 -9.06 -1.42
C VAL A 90 -6.57 -8.41 -0.35
N LYS A 91 -6.17 -8.63 0.90
CA LYS A 91 -6.86 -8.03 2.03
C LYS A 91 -5.82 -7.28 2.83
N CYS A 92 -6.14 -6.05 3.22
CA CYS A 92 -5.20 -5.28 4.04
C CYS A 92 -5.88 -4.89 5.34
N LEU A 93 -5.11 -5.03 6.41
CA LEU A 93 -5.63 -4.94 7.76
C LEU A 93 -6.19 -3.54 8.00
N GLU A 94 -5.49 -2.52 7.49
CA GLU A 94 -5.81 -1.15 7.88
C GLU A 94 -7.22 -0.79 7.37
N CYS A 95 -7.58 -1.25 6.18
CA CYS A 95 -8.99 -1.15 5.77
C CYS A 95 -9.83 -2.23 6.45
N GLY A 96 -9.23 -3.41 6.65
CA GLY A 96 -9.98 -4.59 7.09
C GLY A 96 -10.74 -5.26 5.93
N HIS A 97 -10.45 -4.84 4.71
CA HIS A 97 -11.33 -5.11 3.57
C HIS A 97 -10.60 -5.82 2.44
N ILE A 98 -11.35 -6.64 1.71
CA ILE A 98 -10.80 -7.51 0.69
C ILE A 98 -10.84 -6.83 -0.68
N MET A 99 -9.68 -6.83 -1.33
CA MET A 99 -9.55 -6.29 -2.68
C MET A 99 -9.20 -7.41 -3.66
N ARG A 100 -9.86 -7.42 -4.82
CA ARG A 100 -9.60 -8.44 -5.84
C ARG A 100 -8.81 -7.85 -7.00
N TYR A 101 -7.81 -8.60 -7.47
CA TYR A 101 -7.02 -8.18 -8.63
C TYR A 101 -6.93 -9.33 -9.65
N PRO A 102 -7.77 -9.29 -10.70
CA PRO A 102 -7.68 -10.26 -11.82
C PRO A 102 -6.35 -10.17 -12.58
N TYR A 103 -5.85 -11.33 -13.01
CA TYR A 103 -4.74 -11.40 -13.96
C TYR A 103 -5.07 -12.24 -15.19
N ILE A 104 -4.43 -11.89 -16.30
CA ILE A 104 -4.55 -12.66 -17.53
C ILE A 104 -3.26 -13.41 -17.83
N LYS A 105 -3.39 -14.71 -18.04
CA LYS A 105 -2.26 -15.60 -18.32
C LYS A 105 -0.98 -15.10 -17.65
ZN ZN B . -6.17 -1.36 3.29
N LYS A 15 10.03 15.05 -3.66
CA LYS A 15 10.89 16.02 -2.92
C LYS A 15 11.73 15.23 -1.91
N GLU A 16 12.73 15.89 -1.33
CA GLU A 16 13.61 15.21 -0.38
C GLU A 16 12.82 14.81 0.88
N ARG A 17 11.93 15.70 1.31
CA ARG A 17 11.14 15.51 2.52
C ARG A 17 10.22 14.29 2.45
N ILE A 18 9.53 14.13 1.32
CA ILE A 18 8.57 13.04 1.16
C ILE A 18 9.31 11.69 1.14
N ASP A 19 10.48 11.71 0.51
CA ASP A 19 11.30 10.51 0.32
C ASP A 19 11.73 9.94 1.68
N ILE A 20 12.00 10.84 2.62
CA ILE A 20 12.36 10.44 3.98
C ILE A 20 11.22 9.68 4.64
N LEU A 21 10.01 10.20 4.46
CA LEU A 21 8.81 9.52 4.96
C LEU A 21 8.64 8.16 4.30
N PHE A 22 8.90 8.08 3.00
CA PHE A 22 8.74 6.84 2.27
C PHE A 22 9.64 5.74 2.84
N SER A 23 10.92 6.06 3.09
CA SER A 23 11.83 5.06 3.65
C SER A 23 11.38 4.62 5.03
N LEU A 24 10.92 5.58 5.83
CA LEU A 24 10.39 5.32 7.16
C LEU A 24 9.14 4.46 7.09
N ALA A 25 8.27 4.77 6.12
CA ALA A 25 7.03 4.04 5.95
C ALA A 25 7.30 2.58 5.59
N GLU A 26 8.32 2.35 4.78
CA GLU A 26 8.68 0.99 4.40
C GLU A 26 9.20 0.20 5.60
N ARG A 27 10.03 0.82 6.43
CA ARG A 27 10.55 0.13 7.61
C ARG A 27 9.46 -0.22 8.63
N VAL A 28 8.57 0.73 8.91
CA VAL A 28 7.49 0.49 9.87
C VAL A 28 6.56 -0.58 9.34
N PHE A 29 6.33 -0.50 8.04
CA PHE A 29 5.30 -1.28 7.36
C PHE A 29 5.37 -2.76 7.74
N PRO A 30 6.50 -3.45 7.52
CA PRO A 30 6.68 -4.86 8.00
C PRO A 30 6.61 -5.03 9.52
N TYR A 31 7.03 -4.03 10.30
CA TYR A 31 6.85 -4.09 11.75
C TYR A 31 5.38 -4.15 12.16
N SER A 32 4.56 -3.30 11.55
CA SER A 32 3.17 -3.14 11.97
C SER A 32 2.40 -2.42 10.87
N PRO A 33 1.35 -3.06 10.32
CA PRO A 33 0.41 -2.37 9.41
C PRO A 33 -0.20 -1.12 10.04
N GLU A 34 -0.50 -1.20 11.34
CA GLU A 34 -1.16 -0.10 12.05
C GLU A 34 -0.28 1.14 12.16
N LEU A 35 0.98 0.94 12.51
CA LEU A 35 1.94 2.04 12.57
C LEU A 35 2.16 2.66 11.19
N ALA A 36 2.26 1.78 10.18
CA ALA A 36 2.47 2.20 8.81
C ALA A 36 1.29 3.05 8.33
N LYS A 37 0.11 2.68 8.81
CA LYS A 37 -1.12 3.35 8.44
C LYS A 37 -1.02 4.82 8.85
N ARG A 38 -0.56 5.05 10.07
CA ARG A 38 -0.34 6.41 10.56
C ARG A 38 0.75 7.16 9.77
N TYR A 39 1.88 6.50 9.53
CA TYR A 39 3.00 7.14 8.84
C TYR A 39 2.71 7.55 7.40
N VAL A 40 2.10 6.62 6.65
CA VAL A 40 1.76 6.88 5.25
C VAL A 40 0.73 7.99 5.13
N GLU A 41 -0.27 7.91 6.00
CA GLU A 41 -1.44 8.80 5.93
C GLU A 41 -0.97 10.23 6.19
N LEU A 42 0.05 10.29 7.02
CA LEU A 42 0.91 11.47 7.15
C LEU A 42 1.64 11.82 5.85
N ALA A 43 2.20 10.83 5.16
CA ALA A 43 2.93 11.13 3.93
C ALA A 43 2.01 11.70 2.86
N LEU A 44 0.79 11.16 2.74
CA LEU A 44 -0.19 11.66 1.77
C LEU A 44 -0.60 13.10 2.06
N LEU A 45 -0.82 13.42 3.34
CA LEU A 45 -1.16 14.79 3.74
C LEU A 45 -0.01 15.73 3.41
N VAL A 46 1.21 15.27 3.65
CA VAL A 46 2.41 15.99 3.27
C VAL A 46 2.46 16.14 1.75
N GLN A 47 2.16 15.05 1.05
CA GLN A 47 2.38 14.98 -0.39
C GLN A 47 1.53 16.02 -1.14
N GLN A 48 0.28 16.18 -0.74
CA GLN A 48 -0.57 17.22 -1.31
C GLN A 48 -0.08 18.62 -0.95
N LYS A 49 0.35 18.80 0.29
CA LYS A 49 0.91 20.08 0.73
C LYS A 49 2.19 20.42 -0.04
N ALA A 50 3.03 19.40 -0.23
CA ALA A 50 4.27 19.55 -1.00
C ALA A 50 3.98 19.66 -2.49
N LYS A 51 2.74 19.35 -2.88
CA LYS A 51 2.33 19.48 -4.27
C LYS A 51 3.25 18.71 -5.21
N VAL A 52 3.39 17.42 -4.96
CA VAL A 52 4.15 16.55 -5.85
C VAL A 52 3.26 15.47 -6.43
N LYS A 53 3.33 15.31 -7.75
CA LYS A 53 2.58 14.26 -8.44
C LYS A 53 3.50 13.08 -8.70
N ILE A 54 3.11 11.92 -8.20
CA ILE A 54 3.81 10.67 -8.51
C ILE A 54 2.80 9.51 -8.60
N PRO A 55 2.48 9.06 -9.82
CA PRO A 55 1.56 7.90 -10.01
C PRO A 55 2.12 6.57 -9.50
N ARG A 56 3.45 6.51 -9.41
CA ARG A 56 4.10 5.23 -9.11
C ARG A 56 4.60 5.15 -7.66
N LYS A 57 5.40 6.13 -7.23
CA LYS A 57 6.20 5.92 -6.02
C LYS A 57 5.36 5.74 -4.76
N TRP A 58 4.33 6.59 -4.57
CA TRP A 58 3.38 6.33 -3.50
C TRP A 58 2.08 5.68 -3.96
N LYS A 59 1.64 6.00 -5.17
CA LYS A 59 0.31 5.61 -5.61
C LYS A 59 0.19 4.08 -5.70
N ARG A 60 1.21 3.48 -6.30
CA ARG A 60 1.22 2.03 -6.54
C ARG A 60 1.61 1.24 -5.28
N ARG A 61 2.28 1.93 -4.36
CA ARG A 61 2.94 1.27 -3.22
C ARG A 61 2.07 1.30 -1.97
N TYR A 62 0.80 1.70 -2.11
CA TYR A 62 -0.05 1.85 -0.94
C TYR A 62 -1.49 1.49 -1.27
N CYS A 63 -2.27 1.23 -0.23
CA CYS A 63 -3.68 0.86 -0.41
C CYS A 63 -4.53 2.10 -0.63
N LYS A 64 -5.65 1.88 -1.33
CA LYS A 64 -6.62 2.93 -1.55
C LYS A 64 -7.22 3.40 -0.22
N LYS A 65 -7.49 2.46 0.67
CA LYS A 65 -8.03 2.79 1.99
C LYS A 65 -7.00 2.76 3.12
N CYS A 66 -5.95 1.93 3.08
CA CYS A 66 -5.16 1.80 4.31
C CYS A 66 -4.45 3.13 4.54
N HIS A 67 -4.01 3.76 3.46
CA HIS A 67 -3.12 4.92 3.60
C HIS A 67 -1.82 4.42 4.23
N ALA A 68 -1.55 3.17 3.89
CA ALA A 68 -0.40 2.42 4.41
C ALA A 68 0.35 1.80 3.24
N PHE A 69 1.65 1.57 3.42
CA PHE A 69 2.48 1.08 2.32
C PHE A 69 2.06 -0.36 2.02
N LEU A 70 1.79 -0.68 0.76
CA LEU A 70 1.14 -1.94 0.44
C LEU A 70 2.09 -2.85 -0.35
N VAL A 71 2.39 -3.97 0.30
CA VAL A 71 3.00 -5.16 -0.31
C VAL A 71 2.26 -6.38 0.23
N PRO A 72 2.06 -7.44 -0.55
CA PRO A 72 1.42 -8.67 -0.01
C PRO A 72 2.25 -9.31 1.10
N GLY A 73 1.55 -9.86 2.07
CA GLY A 73 2.15 -10.60 3.17
C GLY A 73 2.29 -9.74 4.43
N ILE A 74 2.31 -8.42 4.26
CA ILE A 74 2.67 -7.54 5.38
C ILE A 74 1.46 -6.82 6.00
N ASN A 75 0.92 -5.81 5.31
CA ASN A 75 -0.28 -5.13 5.80
C ASN A 75 -1.49 -5.60 5.01
N ALA A 76 -1.22 -6.58 4.18
CA ALA A 76 -2.21 -7.12 3.27
C ALA A 76 -1.73 -8.49 2.84
N ARG A 77 -2.65 -9.37 2.48
CA ARG A 77 -2.27 -10.71 2.05
C ARG A 77 -2.99 -11.06 0.75
N VAL A 78 -2.29 -11.80 -0.11
CA VAL A 78 -2.84 -12.16 -1.41
C VAL A 78 -2.87 -13.68 -1.54
N ARG A 79 -4.04 -14.18 -1.93
CA ARG A 79 -4.19 -15.59 -2.28
C ARG A 79 -4.21 -15.73 -3.80
N LEU A 80 -3.46 -16.70 -4.31
CA LEU A 80 -3.37 -16.89 -5.74
C LEU A 80 -4.03 -18.22 -6.09
N ARG A 81 -5.02 -18.18 -6.97
CA ARG A 81 -5.74 -19.39 -7.38
C ARG A 81 -5.45 -19.74 -8.84
N GLN A 82 -5.24 -21.03 -9.09
CA GLN A 82 -4.95 -21.51 -10.44
C GLN A 82 -6.11 -22.37 -10.92
N LYS A 83 -7.22 -21.69 -11.14
CA LYS A 83 -8.37 -22.24 -11.86
C LYS A 83 -8.19 -21.80 -13.30
N ARG A 84 -8.89 -22.36 -14.29
CA ARG A 84 -8.67 -21.79 -15.63
C ARG A 84 -9.54 -20.55 -15.70
N MET A 85 -9.26 -19.64 -14.76
CA MET A 85 -9.29 -18.20 -14.92
C MET A 85 -8.23 -17.65 -13.97
N PRO A 86 -7.08 -17.09 -14.40
CA PRO A 86 -6.11 -16.65 -13.37
C PRO A 86 -6.74 -15.56 -12.51
N HIS A 87 -6.48 -15.60 -11.20
CA HIS A 87 -6.99 -14.58 -10.29
C HIS A 87 -6.16 -14.53 -9.02
N ILE A 88 -6.05 -13.34 -8.45
CA ILE A 88 -5.52 -13.17 -7.09
C ILE A 88 -6.44 -12.29 -6.26
N VAL A 89 -6.56 -12.57 -4.96
CA VAL A 89 -7.38 -11.75 -4.08
C VAL A 89 -6.57 -11.13 -2.96
N VAL A 90 -6.75 -9.82 -2.77
CA VAL A 90 -5.90 -9.05 -1.88
C VAL A 90 -6.78 -8.38 -0.82
N LYS A 91 -6.37 -8.52 0.43
CA LYS A 91 -7.07 -7.89 1.54
C LYS A 91 -6.06 -7.22 2.46
N CYS A 92 -6.40 -6.04 2.96
CA CYS A 92 -5.48 -5.34 3.84
C CYS A 92 -5.96 -5.46 5.28
N LEU A 93 -4.99 -5.64 6.16
CA LEU A 93 -5.26 -5.68 7.59
C LEU A 93 -5.83 -4.34 8.10
N GLU A 94 -5.28 -3.22 7.64
CA GLU A 94 -5.69 -1.91 8.15
C GLU A 94 -7.12 -1.52 7.77
N CYS A 95 -7.49 -1.77 6.51
CA CYS A 95 -8.88 -1.61 6.09
C CYS A 95 -9.77 -2.77 6.56
N GLY A 96 -9.20 -3.98 6.59
CA GLY A 96 -9.99 -5.19 6.84
C GLY A 96 -10.80 -5.57 5.60
N HIS A 97 -10.38 -5.05 4.45
CA HIS A 97 -11.22 -5.04 3.25
C HIS A 97 -10.58 -5.86 2.14
N ILE A 98 -11.43 -6.45 1.31
CA ILE A 98 -10.99 -7.43 0.32
C ILE A 98 -11.08 -6.84 -1.09
N MET A 99 -9.97 -7.00 -1.80
CA MET A 99 -9.85 -6.51 -3.17
C MET A 99 -9.44 -7.67 -4.08
N ARG A 100 -9.88 -7.62 -5.33
CA ARG A 100 -9.65 -8.72 -6.27
C ARG A 100 -8.95 -8.19 -7.50
N TYR A 101 -7.85 -8.83 -7.90
CA TYR A 101 -7.20 -8.52 -9.16
C TYR A 101 -7.26 -9.74 -10.08
N PRO A 102 -8.22 -9.76 -11.02
CA PRO A 102 -8.26 -10.79 -12.09
C PRO A 102 -7.14 -10.63 -13.11
N TYR A 103 -6.66 -11.76 -13.65
CA TYR A 103 -5.77 -11.73 -14.81
C TYR A 103 -6.25 -12.75 -15.84
N ILE A 104 -6.23 -12.38 -17.13
CA ILE A 104 -6.67 -13.31 -18.17
C ILE A 104 -5.49 -14.06 -18.79
N LYS A 105 -5.59 -15.39 -18.73
CA LYS A 105 -4.55 -16.31 -19.20
C LYS A 105 -3.14 -15.82 -18.84
ZN ZN B . -6.31 -1.05 2.80
N LYS A 15 10.01 15.48 -3.71
CA LYS A 15 10.79 14.27 -4.09
C LYS A 15 11.52 13.73 -2.87
N GLU A 16 12.44 14.54 -2.32
CA GLU A 16 13.29 14.06 -1.24
C GLU A 16 12.43 13.79 -0.01
N ARG A 17 11.47 14.68 0.21
CA ARG A 17 10.58 14.57 1.37
C ARG A 17 9.74 13.30 1.28
N ILE A 18 9.23 13.05 0.09
CA ILE A 18 8.50 11.82 -0.19
C ILE A 18 9.42 10.61 -0.06
N ASP A 19 10.62 10.73 -0.63
CA ASP A 19 11.56 9.62 -0.71
C ASP A 19 12.03 9.18 0.66
N ILE A 20 12.37 10.16 1.52
CA ILE A 20 12.72 9.89 2.90
C ILE A 20 11.54 9.31 3.68
N LEU A 21 10.36 9.90 3.47
CA LEU A 21 9.16 9.49 4.20
C LEU A 21 8.83 8.04 3.86
N PHE A 22 9.00 7.73 2.58
CA PHE A 22 8.70 6.40 2.05
C PHE A 22 9.53 5.35 2.78
N SER A 23 10.82 5.65 2.97
CA SER A 23 11.72 4.73 3.67
C SER A 23 11.24 4.48 5.11
N LEU A 24 10.83 5.54 5.80
CA LEU A 24 10.28 5.40 7.15
C LEU A 24 9.00 4.57 7.16
N ALA A 25 8.12 4.83 6.19
CA ALA A 25 6.89 4.04 6.06
C ALA A 25 7.23 2.59 5.75
N GLU A 26 8.24 2.40 4.90
CA GLU A 26 8.62 1.07 4.46
C GLU A 26 9.20 0.24 5.61
N ARG A 27 10.03 0.86 6.43
CA ARG A 27 10.59 0.17 7.59
C ARG A 27 9.52 -0.22 8.62
N VAL A 28 8.61 0.71 8.90
CA VAL A 28 7.47 0.43 9.77
C VAL A 28 6.55 -0.63 9.15
N PHE A 29 6.30 -0.46 7.87
CA PHE A 29 5.26 -1.20 7.17
C PHE A 29 5.29 -2.70 7.55
N PRO A 30 6.40 -3.42 7.34
CA PRO A 30 6.55 -4.81 7.87
C PRO A 30 6.48 -4.91 9.40
N TYR A 31 6.97 -3.89 10.09
CA TYR A 31 7.10 -3.94 11.53
C TYR A 31 5.71 -4.08 12.15
N SER A 32 4.81 -3.23 11.66
CA SER A 32 3.40 -3.21 12.07
C SER A 32 2.60 -2.42 11.04
N PRO A 33 1.50 -2.99 10.50
CA PRO A 33 0.56 -2.24 9.62
C PRO A 33 0.00 -0.98 10.28
N GLU A 34 -0.28 -1.06 11.58
CA GLU A 34 -0.92 0.05 12.28
C GLU A 34 -0.02 1.28 12.35
N LEU A 35 1.27 1.07 12.59
CA LEU A 35 2.22 2.17 12.57
C LEU A 35 2.29 2.78 11.17
N ALA A 36 2.29 1.90 10.18
CA ALA A 36 2.36 2.28 8.77
C ALA A 36 1.14 3.09 8.37
N LYS A 37 0.01 2.73 8.96
CA LYS A 37 -1.24 3.45 8.74
C LYS A 37 -1.16 4.91 9.15
N ARG A 38 -0.60 5.21 10.31
CA ARG A 38 -0.42 6.62 10.68
C ARG A 38 0.57 7.34 9.77
N TYR A 39 1.71 6.71 9.48
CA TYR A 39 2.73 7.36 8.65
C TYR A 39 2.32 7.65 7.20
N VAL A 40 1.72 6.67 6.53
CA VAL A 40 1.30 6.83 5.14
C VAL A 40 0.20 7.89 5.02
N GLU A 41 -0.78 7.83 5.92
CA GLU A 41 -1.92 8.73 5.84
C GLU A 41 -1.44 10.16 6.08
N LEU A 42 -0.40 10.26 6.91
CA LEU A 42 0.45 11.46 6.94
C LEU A 42 1.15 11.70 5.60
N ALA A 43 1.67 10.66 4.97
CA ALA A 43 2.39 10.85 3.72
C ALA A 43 1.49 11.39 2.61
N LEU A 44 0.26 10.91 2.53
CA LEU A 44 -0.70 11.42 1.53
C LEU A 44 -1.04 12.90 1.74
N LEU A 45 -1.22 13.32 2.98
CA LEU A 45 -1.41 14.75 3.27
C LEU A 45 -0.17 15.54 2.89
N VAL A 46 1.00 14.99 3.20
CA VAL A 46 2.25 15.63 2.83
C VAL A 46 2.38 15.73 1.32
N GLN A 47 2.05 14.65 0.61
CA GLN A 47 2.27 14.61 -0.83
C GLN A 47 1.44 15.65 -1.57
N GLN A 48 0.17 15.80 -1.20
CA GLN A 48 -0.68 16.83 -1.80
C GLN A 48 -0.24 18.25 -1.45
N LYS A 49 0.14 18.47 -0.19
CA LYS A 49 0.67 19.76 0.24
C LYS A 49 1.99 20.08 -0.46
N ALA A 50 2.85 19.08 -0.59
CA ALA A 50 4.11 19.25 -1.31
C ALA A 50 3.88 19.33 -2.81
N LYS A 51 2.66 18.97 -3.25
CA LYS A 51 2.30 19.06 -4.68
C LYS A 51 3.31 18.32 -5.55
N VAL A 52 3.61 17.08 -5.16
CA VAL A 52 4.54 16.25 -5.89
C VAL A 52 3.84 14.99 -6.39
N LYS A 53 4.02 14.69 -7.67
CA LYS A 53 3.42 13.50 -8.27
C LYS A 53 4.45 12.41 -8.46
N ILE A 54 4.01 11.17 -8.27
CA ILE A 54 4.84 10.00 -8.43
C ILE A 54 4.00 8.85 -8.99
N PRO A 55 4.19 8.48 -10.26
CA PRO A 55 3.28 7.51 -10.95
C PRO A 55 3.17 6.18 -10.21
N ARG A 56 4.30 5.74 -9.66
CA ARG A 56 4.39 4.41 -9.07
C ARG A 56 4.75 4.44 -7.58
N LYS A 57 5.60 5.37 -7.14
CA LYS A 57 6.22 5.23 -5.82
C LYS A 57 5.24 5.22 -4.65
N TRP A 58 4.26 6.12 -4.63
CA TRP A 58 3.22 6.04 -3.61
C TRP A 58 1.88 5.59 -4.19
N LYS A 59 1.62 5.98 -5.44
CA LYS A 59 0.29 5.81 -6.03
C LYS A 59 -0.03 4.32 -6.14
N ARG A 60 0.99 3.56 -6.52
CA ARG A 60 0.87 2.11 -6.71
C ARG A 60 1.29 1.31 -5.48
N ARG A 61 1.71 1.99 -4.41
CA ARG A 61 2.30 1.32 -3.25
C ARG A 61 1.49 1.53 -1.97
N TYR A 62 0.21 1.87 -2.08
CA TYR A 62 -0.65 1.95 -0.90
C TYR A 62 -2.05 1.41 -1.19
N CYS A 63 -2.75 1.08 -0.12
CA CYS A 63 -4.15 0.68 -0.22
C CYS A 63 -5.05 1.92 -0.32
N LYS A 64 -6.15 1.77 -1.07
CA LYS A 64 -7.13 2.85 -1.17
C LYS A 64 -7.79 3.16 0.18
N LYS A 65 -8.13 2.12 0.95
CA LYS A 65 -8.61 2.30 2.32
C LYS A 65 -7.51 2.39 3.37
N CYS A 66 -6.42 1.62 3.29
CA CYS A 66 -5.54 1.61 4.46
C CYS A 66 -4.88 2.97 4.60
N HIS A 67 -4.56 3.55 3.45
CA HIS A 67 -3.75 4.76 3.46
C HIS A 67 -2.37 4.41 4.02
N ALA A 68 -2.09 3.11 3.84
CA ALA A 68 -0.92 2.45 4.39
C ALA A 68 -0.18 1.73 3.27
N PHE A 69 1.12 1.54 3.43
CA PHE A 69 1.93 1.08 2.31
C PHE A 69 1.46 -0.33 1.98
N LEU A 70 1.14 -0.60 0.72
CA LEU A 70 0.55 -1.90 0.39
C LEU A 70 1.50 -2.73 -0.47
N VAL A 71 1.89 -3.84 0.15
CA VAL A 71 2.52 -4.99 -0.49
C VAL A 71 1.87 -6.24 0.08
N PRO A 72 1.66 -7.30 -0.72
CA PRO A 72 1.15 -8.57 -0.15
C PRO A 72 2.11 -9.17 0.88
N GLY A 73 1.50 -9.78 1.89
CA GLY A 73 2.22 -10.51 2.92
C GLY A 73 2.41 -9.67 4.19
N ILE A 74 2.34 -8.33 4.06
CA ILE A 74 2.74 -7.45 5.16
C ILE A 74 1.56 -6.82 5.90
N ASN A 75 0.89 -5.82 5.29
CA ASN A 75 -0.29 -5.21 5.93
C ASN A 75 -1.54 -5.74 5.25
N ALA A 76 -1.28 -6.65 4.33
CA ALA A 76 -2.28 -7.20 3.44
C ALA A 76 -1.76 -8.52 2.91
N ARG A 77 -2.66 -9.44 2.61
CA ARG A 77 -2.23 -10.78 2.22
C ARG A 77 -3.01 -11.23 0.98
N VAL A 78 -2.34 -11.89 0.04
CA VAL A 78 -2.99 -12.23 -1.23
C VAL A 78 -2.88 -13.73 -1.51
N ARG A 79 -4.04 -14.31 -1.86
CA ARG A 79 -4.09 -15.60 -2.53
C ARG A 79 -4.09 -15.45 -4.05
N LEU A 80 -3.27 -16.29 -4.68
CA LEU A 80 -3.26 -16.43 -6.13
C LEU A 80 -3.74 -17.84 -6.50
N ARG A 81 -4.74 -17.90 -7.37
CA ARG A 81 -5.39 -19.17 -7.69
C ARG A 81 -5.09 -19.61 -9.12
N GLN A 82 -4.85 -20.91 -9.29
CA GLN A 82 -4.34 -21.43 -10.57
C GLN A 82 -5.48 -21.66 -11.55
N LYS A 83 -5.59 -20.64 -12.39
CA LYS A 83 -6.78 -20.34 -13.20
C LYS A 83 -6.43 -19.98 -14.64
N ARG A 84 -7.52 -19.76 -15.36
CA ARG A 84 -7.47 -18.82 -16.48
C ARG A 84 -7.46 -17.48 -15.76
N MET A 85 -7.67 -16.32 -16.38
CA MET A 85 -6.59 -15.34 -16.40
C MET A 85 -6.51 -14.66 -15.02
N PRO A 86 -5.42 -14.95 -14.27
CA PRO A 86 -5.53 -15.45 -12.87
C PRO A 86 -6.23 -14.48 -11.91
N HIS A 87 -6.97 -15.08 -10.98
CA HIS A 87 -7.64 -14.36 -9.90
C HIS A 87 -6.76 -14.27 -8.66
N ILE A 88 -6.60 -13.06 -8.14
CA ILE A 88 -5.99 -12.88 -6.81
C ILE A 88 -6.88 -12.04 -5.90
N VAL A 89 -6.89 -12.37 -4.60
CA VAL A 89 -7.64 -11.58 -3.61
C VAL A 89 -6.73 -10.97 -2.55
N VAL A 90 -6.97 -9.68 -2.31
CA VAL A 90 -6.13 -8.89 -1.41
C VAL A 90 -7.00 -8.40 -0.25
N LYS A 91 -6.50 -8.59 0.95
CA LYS A 91 -7.18 -8.09 2.13
C LYS A 91 -6.17 -7.43 3.06
N CYS A 92 -6.58 -6.30 3.64
CA CYS A 92 -5.66 -5.53 4.48
C CYS A 92 -5.97 -5.84 5.93
N LEU A 93 -4.93 -5.91 6.77
CA LEU A 93 -5.12 -5.84 8.22
C LEU A 93 -5.70 -4.49 8.67
N GLU A 94 -5.20 -3.38 8.12
CA GLU A 94 -5.65 -2.04 8.55
C GLU A 94 -7.10 -1.72 8.20
N CYS A 95 -7.50 -2.07 7.00
CA CYS A 95 -8.90 -2.01 6.60
C CYS A 95 -9.73 -3.16 7.21
N GLY A 96 -9.11 -4.33 7.37
CA GLY A 96 -9.81 -5.51 7.85
C GLY A 96 -10.63 -6.15 6.73
N HIS A 97 -10.42 -5.62 5.52
CA HIS A 97 -11.36 -5.75 4.42
C HIS A 97 -10.69 -6.38 3.21
N ILE A 98 -11.46 -7.13 2.43
CA ILE A 98 -10.95 -7.86 1.28
C ILE A 98 -11.43 -7.23 -0.03
N MET A 99 -10.45 -7.03 -0.92
CA MET A 99 -10.72 -6.57 -2.28
C MET A 99 -10.29 -7.66 -3.27
N ARG A 100 -11.04 -7.77 -4.35
CA ARG A 100 -10.75 -8.75 -5.40
C ARG A 100 -10.01 -8.07 -6.54
N TYR A 101 -8.91 -8.69 -6.98
CA TYR A 101 -8.06 -8.10 -8.01
C TYR A 101 -7.80 -9.14 -9.10
N PRO A 102 -8.47 -9.01 -10.25
CA PRO A 102 -8.14 -9.87 -11.43
C PRO A 102 -6.71 -9.64 -11.92
N TYR A 103 -6.08 -10.72 -12.38
CA TYR A 103 -4.72 -10.62 -12.92
C TYR A 103 -4.73 -11.16 -14.35
N ILE A 104 -4.16 -10.39 -15.26
CA ILE A 104 -4.13 -10.80 -16.67
C ILE A 104 -2.71 -11.19 -17.07
N LYS A 105 -2.57 -12.37 -17.65
CA LYS A 105 -1.28 -12.85 -18.13
C LYS A 105 -1.20 -12.77 -19.66
ZN ZN B . -6.53 -1.37 3.06
N LYS A 15 10.18 16.75 -2.44
CA LYS A 15 11.15 15.90 -3.17
C LYS A 15 11.95 15.05 -2.19
N GLU A 16 12.96 15.64 -1.55
CA GLU A 16 13.79 14.89 -0.62
C GLU A 16 12.99 14.45 0.61
N ARG A 17 12.09 15.33 1.04
CA ARG A 17 11.22 15.07 2.19
C ARG A 17 10.30 13.86 1.95
N ILE A 18 9.69 13.75 0.76
CA ILE A 18 8.71 12.68 0.51
C ILE A 18 9.43 11.32 0.47
N ASP A 19 10.62 11.34 -0.13
CA ASP A 19 11.45 10.13 -0.27
C ASP A 19 11.84 9.56 1.08
N ILE A 20 12.14 10.45 2.01
CA ILE A 20 12.48 10.05 3.39
C ILE A 20 11.30 9.39 4.08
N LEU A 21 10.12 9.99 3.90
CA LEU A 21 8.88 9.47 4.49
C LEU A 21 8.59 8.08 3.92
N PHE A 22 8.82 7.92 2.63
CA PHE A 22 8.63 6.62 1.99
C PHE A 22 9.53 5.56 2.64
N SER A 23 10.81 5.89 2.85
CA SER A 23 11.74 4.97 3.50
C SER A 23 11.29 4.61 4.91
N LEU A 24 10.84 5.63 5.62
CA LEU A 24 10.31 5.44 6.98
C LEU A 24 9.05 4.59 6.96
N ALA A 25 8.18 4.83 5.99
CA ALA A 25 6.93 4.08 5.91
C ALA A 25 7.23 2.61 5.63
N GLU A 26 8.25 2.41 4.79
CA GLU A 26 8.63 1.06 4.37
C GLU A 26 9.18 0.24 5.53
N ARG A 27 10.01 0.85 6.37
CA ARG A 27 10.53 0.15 7.55
C ARG A 27 9.43 -0.19 8.55
N VAL A 28 8.54 0.75 8.82
CA VAL A 28 7.44 0.53 9.77
C VAL A 28 6.51 -0.55 9.23
N PHE A 29 6.33 -0.50 7.91
CA PHE A 29 5.34 -1.31 7.21
C PHE A 29 5.38 -2.78 7.62
N PRO A 30 6.52 -3.49 7.47
CA PRO A 30 6.69 -4.85 8.07
C PRO A 30 6.60 -4.90 9.59
N TYR A 31 7.03 -3.83 10.27
CA TYR A 31 7.08 -3.82 11.73
C TYR A 31 5.68 -3.98 12.33
N SER A 32 4.76 -3.19 11.77
CA SER A 32 3.36 -3.16 12.16
C SER A 32 2.57 -2.45 11.06
N PRO A 33 1.48 -3.05 10.56
CA PRO A 33 0.52 -2.36 9.64
C PRO A 33 -0.02 -1.05 10.22
N GLU A 34 -0.34 -1.04 11.50
CA GLU A 34 -0.98 0.11 12.15
C GLU A 34 -0.05 1.32 12.25
N LEU A 35 1.21 1.06 12.60
CA LEU A 35 2.20 2.12 12.63
C LEU A 35 2.43 2.70 11.23
N ALA A 36 2.49 1.79 10.26
CA ALA A 36 2.67 2.12 8.84
C ALA A 36 1.48 2.92 8.31
N LYS A 37 0.32 2.57 8.83
CA LYS A 37 -0.93 3.27 8.55
C LYS A 37 -0.89 4.74 8.94
N ARG A 38 -0.40 5.04 10.14
CA ARG A 38 -0.24 6.44 10.54
C ARG A 38 0.81 7.16 9.69
N TYR A 39 1.91 6.47 9.44
CA TYR A 39 3.01 6.98 8.62
C TYR A 39 2.64 7.26 7.17
N VAL A 40 1.92 6.32 6.54
CA VAL A 40 1.59 6.47 5.12
C VAL A 40 0.67 7.68 4.90
N GLU A 41 -0.33 7.81 5.77
CA GLU A 41 -1.29 8.91 5.66
C GLU A 41 -0.57 10.24 5.84
N LEU A 42 0.43 10.20 6.72
CA LEU A 42 1.31 11.34 6.91
C LEU A 42 2.03 11.65 5.60
N ALA A 43 2.51 10.61 4.92
CA ALA A 43 3.18 10.84 3.64
C ALA A 43 2.24 11.40 2.58
N LEU A 44 1.01 10.89 2.52
CA LEU A 44 -0.03 11.46 1.68
C LEU A 44 -0.41 12.88 2.08
N LEU A 45 -0.54 13.10 3.39
CA LEU A 45 -0.88 14.41 3.94
C LEU A 45 0.23 15.41 3.62
N VAL A 46 1.47 14.93 3.77
CA VAL A 46 2.65 15.69 3.36
C VAL A 46 2.64 15.91 1.85
N GLN A 47 2.34 14.85 1.11
CA GLN A 47 2.48 14.83 -0.34
C GLN A 47 1.56 15.85 -1.00
N GLN A 48 0.33 15.95 -0.50
CA GLN A 48 -0.61 16.94 -1.00
C GLN A 48 -0.14 18.36 -0.68
N LYS A 49 0.34 18.55 0.55
CA LYS A 49 0.83 19.85 1.02
C LYS A 49 2.07 20.33 0.27
N ALA A 50 3.00 19.41 0.03
CA ALA A 50 4.20 19.69 -0.77
C ALA A 50 3.87 19.81 -2.25
N LYS A 51 2.66 19.38 -2.60
CA LYS A 51 2.16 19.46 -3.96
C LYS A 51 3.13 18.79 -4.95
N VAL A 52 3.39 17.51 -4.67
CA VAL A 52 4.29 16.72 -5.50
C VAL A 52 3.51 15.54 -6.11
N LYS A 53 3.66 15.40 -7.43
CA LYS A 53 3.05 14.31 -8.16
C LYS A 53 3.92 13.06 -8.06
N ILE A 54 3.29 11.94 -7.74
CA ILE A 54 3.95 10.64 -7.75
C ILE A 54 3.13 9.67 -8.59
N PRO A 55 3.56 9.36 -9.83
CA PRO A 55 2.86 8.38 -10.71
C PRO A 55 2.84 6.95 -10.17
N ARG A 56 3.86 6.55 -9.43
CA ARG A 56 4.02 5.13 -9.06
C ARG A 56 4.42 4.90 -7.60
N LYS A 57 5.34 5.70 -7.06
CA LYS A 57 6.02 5.33 -5.82
C LYS A 57 5.08 5.22 -4.62
N TRP A 58 4.16 6.17 -4.46
CA TRP A 58 3.07 5.99 -3.49
C TRP A 58 1.79 5.47 -4.14
N LYS A 59 1.58 5.86 -5.41
CA LYS A 59 0.29 5.63 -6.05
C LYS A 59 0.00 4.13 -6.19
N ARG A 60 1.03 3.41 -6.61
CA ARG A 60 0.90 1.99 -6.92
C ARG A 60 1.31 1.13 -5.73
N ARG A 61 1.73 1.78 -4.65
CA ARG A 61 2.09 1.08 -3.42
C ARG A 61 1.23 1.51 -2.22
N TYR A 62 -0.09 1.66 -2.39
CA TYR A 62 -0.93 2.07 -1.27
C TYR A 62 -2.34 1.50 -1.34
N CYS A 63 -3.05 1.48 -0.20
CA CYS A 63 -4.44 1.04 -0.17
C CYS A 63 -5.39 2.21 -0.41
N LYS A 64 -6.41 1.94 -1.23
CA LYS A 64 -7.29 3.01 -1.69
C LYS A 64 -8.03 3.66 -0.54
N LYS A 65 -8.51 2.85 0.41
CA LYS A 65 -9.03 3.40 1.66
C LYS A 65 -7.93 3.80 2.66
N CYS A 66 -7.00 2.88 2.91
CA CYS A 66 -6.17 2.92 4.10
C CYS A 66 -5.01 3.88 3.98
N HIS A 67 -4.55 4.03 2.74
CA HIS A 67 -3.46 4.96 2.47
C HIS A 67 -2.24 4.39 3.20
N ALA A 68 -2.07 3.09 2.96
CA ALA A 68 -1.08 2.27 3.65
C ALA A 68 -0.27 1.49 2.61
N PHE A 69 0.97 1.19 2.94
CA PHE A 69 1.86 0.65 1.93
C PHE A 69 1.36 -0.72 1.51
N LEU A 70 1.21 -0.95 0.20
CA LEU A 70 0.46 -2.13 -0.19
C LEU A 70 1.47 -3.12 -0.75
N VAL A 71 1.82 -4.10 0.08
CA VAL A 71 2.56 -5.29 -0.34
C VAL A 71 1.92 -6.50 0.33
N PRO A 72 1.69 -7.61 -0.39
CA PRO A 72 1.24 -8.87 0.27
C PRO A 72 2.26 -9.39 1.27
N GLY A 73 1.67 -9.95 2.33
CA GLY A 73 2.39 -10.63 3.40
C GLY A 73 2.58 -9.75 4.63
N ILE A 74 2.55 -8.42 4.44
CA ILE A 74 2.90 -7.50 5.51
C ILE A 74 1.68 -6.88 6.21
N ASN A 75 1.01 -5.92 5.54
CA ASN A 75 -0.20 -5.28 6.08
C ASN A 75 -1.46 -5.79 5.40
N ALA A 76 -1.22 -6.74 4.51
CA ALA A 76 -2.21 -7.27 3.59
C ALA A 76 -1.65 -8.60 3.13
N ARG A 77 -2.51 -9.53 2.76
CA ARG A 77 -2.07 -10.83 2.25
C ARG A 77 -2.85 -11.15 0.99
N VAL A 78 -2.17 -11.85 0.08
CA VAL A 78 -2.71 -12.15 -1.24
C VAL A 78 -2.66 -13.66 -1.44
N ARG A 79 -3.77 -14.20 -1.92
CA ARG A 79 -3.82 -15.61 -2.28
C ARG A 79 -4.08 -15.74 -3.78
N LEU A 80 -3.21 -16.54 -4.41
CA LEU A 80 -3.21 -16.66 -5.87
C LEU A 80 -3.92 -17.95 -6.23
N ARG A 81 -5.07 -17.78 -6.89
CA ARG A 81 -5.91 -18.90 -7.31
C ARG A 81 -5.47 -19.40 -8.68
N GLN A 82 -5.45 -20.73 -8.80
CA GLN A 82 -5.01 -21.38 -10.03
C GLN A 82 -6.15 -22.15 -10.70
N LYS A 83 -6.92 -21.40 -11.48
CA LYS A 83 -7.97 -21.93 -12.33
C LYS A 83 -7.64 -21.44 -13.75
N ARG A 84 -8.35 -21.89 -14.79
CA ARG A 84 -8.08 -21.21 -16.05
C ARG A 84 -8.91 -19.92 -16.02
N MET A 85 -8.62 -19.13 -14.99
CA MET A 85 -8.51 -17.68 -14.99
C MET A 85 -7.43 -17.34 -13.97
N PRO A 86 -6.29 -16.66 -14.27
CA PRO A 86 -5.44 -16.19 -13.13
C PRO A 86 -6.25 -15.20 -12.28
N HIS A 87 -6.11 -15.29 -10.96
CA HIS A 87 -6.88 -14.46 -10.04
C HIS A 87 -6.14 -14.40 -8.70
N ILE A 88 -6.09 -13.20 -8.10
CA ILE A 88 -5.53 -13.05 -6.76
C ILE A 88 -6.52 -12.34 -5.86
N VAL A 89 -6.56 -12.72 -4.59
CA VAL A 89 -7.40 -12.05 -3.60
C VAL A 89 -6.54 -11.42 -2.53
N VAL A 90 -6.80 -10.14 -2.24
CA VAL A 90 -5.96 -9.37 -1.34
C VAL A 90 -6.81 -8.85 -0.19
N LYS A 91 -6.31 -9.06 1.01
CA LYS A 91 -6.94 -8.51 2.20
C LYS A 91 -5.92 -7.58 2.85
N CYS A 92 -6.28 -6.32 3.10
CA CYS A 92 -5.36 -5.43 3.81
C CYS A 92 -5.97 -5.08 5.15
N LEU A 93 -5.17 -5.25 6.19
CA LEU A 93 -5.66 -5.26 7.56
C LEU A 93 -6.24 -3.89 7.88
N GLU A 94 -5.55 -2.88 7.38
CA GLU A 94 -5.90 -1.49 7.67
C GLU A 94 -7.30 -1.15 7.16
N CYS A 95 -7.73 -1.70 6.02
CA CYS A 95 -9.16 -1.67 5.71
C CYS A 95 -9.89 -2.80 6.44
N GLY A 96 -9.20 -3.92 6.58
CA GLY A 96 -9.83 -5.15 7.08
C GLY A 96 -10.71 -5.79 6.00
N HIS A 97 -10.53 -5.35 4.76
CA HIS A 97 -11.39 -5.71 3.63
C HIS A 97 -10.62 -6.48 2.57
N ILE A 98 -11.33 -7.38 1.91
CA ILE A 98 -10.80 -8.19 0.82
C ILE A 98 -11.11 -7.53 -0.52
N MET A 99 -10.07 -7.31 -1.31
CA MET A 99 -10.22 -6.87 -2.70
C MET A 99 -9.77 -7.99 -3.63
N ARG A 100 -10.48 -8.14 -4.74
CA ARG A 100 -10.13 -9.13 -5.75
C ARG A 100 -9.41 -8.42 -6.90
N TYR A 101 -8.31 -9.03 -7.35
CA TYR A 101 -7.57 -8.51 -8.51
C TYR A 101 -7.50 -9.59 -9.57
N PRO A 102 -8.37 -9.53 -10.58
CA PRO A 102 -8.29 -10.42 -11.77
C PRO A 102 -6.99 -10.19 -12.55
N TYR A 103 -6.42 -11.26 -13.10
CA TYR A 103 -5.29 -11.14 -14.01
C TYR A 103 -5.46 -12.07 -15.20
N ILE A 104 -5.30 -11.54 -16.41
CA ILE A 104 -5.39 -12.37 -17.61
C ILE A 104 -4.07 -12.32 -18.38
N LYS A 105 -3.57 -13.52 -18.69
CA LYS A 105 -2.35 -13.70 -19.48
C LYS A 105 -1.20 -12.81 -18.99
ZN ZN B . -6.49 -1.41 3.21
N LYS A 15 8.81 15.88 -2.46
CA LYS A 15 9.84 15.10 -3.20
C LYS A 15 10.70 14.33 -2.20
N GLU A 16 11.79 14.96 -1.76
CA GLU A 16 12.73 14.32 -0.85
C GLU A 16 12.10 14.07 0.53
N ARG A 17 11.25 14.99 0.97
CA ARG A 17 10.54 14.83 2.25
C ARG A 17 9.63 13.59 2.23
N ILE A 18 8.94 13.43 1.12
CA ILE A 18 8.11 12.26 0.87
C ILE A 18 8.98 11.01 0.84
N ASP A 19 10.11 11.14 0.13
CA ASP A 19 11.04 10.04 -0.07
C ASP A 19 11.59 9.55 1.27
N ILE A 20 11.88 10.48 2.18
CA ILE A 20 12.31 10.13 3.54
C ILE A 20 11.20 9.39 4.28
N LEU A 21 9.97 9.88 4.17
CA LEU A 21 8.81 9.20 4.76
C LEU A 21 8.62 7.81 4.14
N PHE A 22 8.81 7.72 2.83
CA PHE A 22 8.65 6.46 2.11
C PHE A 22 9.59 5.40 2.68
N SER A 23 10.86 5.77 2.89
CA SER A 23 11.82 4.87 3.52
C SER A 23 11.39 4.49 4.94
N LEU A 24 10.94 5.47 5.71
CA LEU A 24 10.44 5.22 7.06
C LEU A 24 9.22 4.33 7.03
N ALA A 25 8.33 4.59 6.07
CA ALA A 25 7.08 3.85 5.97
C ALA A 25 7.36 2.38 5.69
N GLU A 26 8.39 2.12 4.90
CA GLU A 26 8.74 0.76 4.56
C GLU A 26 9.23 -0.01 5.79
N ARG A 27 10.06 0.60 6.64
CA ARG A 27 10.54 -0.10 7.83
C ARG A 27 9.43 -0.40 8.83
N VAL A 28 8.56 0.59 9.05
CA VAL A 28 7.43 0.42 9.96
C VAL A 28 6.46 -0.62 9.40
N PHE A 29 6.29 -0.56 8.08
CA PHE A 29 5.31 -1.37 7.37
C PHE A 29 5.30 -2.83 7.85
N PRO A 30 6.42 -3.57 7.77
CA PRO A 30 6.52 -4.94 8.38
C PRO A 30 6.35 -4.97 9.91
N TYR A 31 6.80 -3.91 10.58
CA TYR A 31 6.72 -3.84 12.03
C TYR A 31 5.26 -3.84 12.52
N SER A 32 4.46 -3.02 11.86
CA SER A 32 3.07 -2.83 12.22
C SER A 32 2.35 -2.15 11.07
N PRO A 33 1.37 -2.80 10.45
CA PRO A 33 0.50 -2.14 9.45
C PRO A 33 -0.19 -0.90 10.01
N GLU A 34 -0.63 -0.99 11.26
CA GLU A 34 -1.32 0.13 11.88
C GLU A 34 -0.41 1.33 12.09
N LEU A 35 0.83 1.09 12.53
CA LEU A 35 1.82 2.17 12.61
C LEU A 35 2.13 2.74 11.23
N ALA A 36 2.26 1.84 10.25
CA ALA A 36 2.58 2.22 8.88
C ALA A 36 1.46 3.07 8.30
N LYS A 37 0.25 2.72 8.71
CA LYS A 37 -0.96 3.39 8.22
C LYS A 37 -0.89 4.87 8.59
N ARG A 38 -0.51 5.15 9.84
CA ARG A 38 -0.36 6.53 10.28
C ARG A 38 0.80 7.25 9.57
N TYR A 39 1.94 6.58 9.39
CA TYR A 39 3.08 7.23 8.74
C TYR A 39 2.83 7.62 7.29
N VAL A 40 2.27 6.69 6.53
CA VAL A 40 1.96 6.92 5.12
C VAL A 40 0.90 8.01 4.97
N GLU A 41 -0.13 7.93 5.81
CA GLU A 41 -1.32 8.77 5.67
C GLU A 41 -0.90 10.22 5.87
N LEU A 42 0.10 10.36 6.74
CA LEU A 42 0.93 11.55 6.81
C LEU A 42 1.70 11.83 5.53
N ALA A 43 2.30 10.82 4.89
CA ALA A 43 3.01 11.06 3.64
C ALA A 43 2.08 11.52 2.52
N LEU A 44 0.88 10.92 2.42
CA LEU A 44 -0.15 11.37 1.51
C LEU A 44 -0.65 12.78 1.84
N LEU A 45 -0.81 13.06 3.14
CA LEU A 45 -1.17 14.39 3.60
C LEU A 45 -0.07 15.39 3.24
N VAL A 46 1.18 14.96 3.42
CA VAL A 46 2.33 15.75 2.98
C VAL A 46 2.27 15.95 1.47
N GLN A 47 1.97 14.88 0.73
CA GLN A 47 2.02 14.94 -0.73
C GLN A 47 1.04 15.97 -1.29
N GLN A 48 -0.19 16.00 -0.76
CA GLN A 48 -1.15 17.02 -1.17
C GLN A 48 -0.72 18.42 -0.74
N LYS A 49 -0.20 18.55 0.49
CA LYS A 49 0.30 19.83 0.97
C LYS A 49 1.49 20.30 0.14
N ALA A 50 2.39 19.37 -0.16
CA ALA A 50 3.52 19.65 -1.04
C ALA A 50 3.08 19.78 -2.49
N LYS A 51 1.89 19.28 -2.79
CA LYS A 51 1.32 19.38 -4.14
C LYS A 51 2.28 18.84 -5.20
N VAL A 52 2.58 17.54 -5.12
CA VAL A 52 3.46 16.92 -6.12
C VAL A 52 2.81 15.68 -6.68
N LYS A 53 3.26 15.30 -7.88
CA LYS A 53 2.73 14.13 -8.56
C LYS A 53 3.84 13.10 -8.71
N ILE A 54 3.57 11.90 -8.20
CA ILE A 54 4.47 10.77 -8.38
C ILE A 54 3.66 9.57 -8.87
N PRO A 55 3.77 9.23 -10.16
CA PRO A 55 2.95 8.14 -10.75
C PRO A 55 3.11 6.80 -10.02
N ARG A 56 4.35 6.51 -9.62
CA ARG A 56 4.67 5.18 -9.07
C ARG A 56 4.91 5.20 -7.57
N LYS A 57 5.61 6.20 -7.05
CA LYS A 57 6.30 6.03 -5.76
C LYS A 57 5.35 5.78 -4.59
N TRP A 58 4.26 6.54 -4.50
CA TRP A 58 3.25 6.25 -3.48
C TRP A 58 1.96 5.68 -4.06
N LYS A 59 1.63 6.11 -5.27
CA LYS A 59 0.37 5.72 -5.90
C LYS A 59 0.30 4.21 -6.15
N ARG A 60 1.42 3.65 -6.61
CA ARG A 60 1.46 2.26 -7.03
C ARG A 60 1.97 1.34 -5.91
N ARG A 61 2.26 1.94 -4.76
CA ARG A 61 2.83 1.19 -3.64
C ARG A 61 1.91 1.15 -2.42
N TYR A 62 0.62 1.43 -2.59
CA TYR A 62 -0.25 1.58 -1.41
C TYR A 62 -1.65 1.06 -1.70
N CYS A 63 -2.39 0.80 -0.63
CA CYS A 63 -3.80 0.41 -0.72
C CYS A 63 -4.67 1.65 -0.85
N LYS A 64 -5.83 1.44 -1.46
CA LYS A 64 -6.79 2.51 -1.68
C LYS A 64 -7.26 3.05 -0.33
N LYS A 65 -7.48 2.15 0.63
CA LYS A 65 -7.88 2.52 1.98
C LYS A 65 -6.78 2.36 3.03
N CYS A 66 -5.71 1.58 2.84
CA CYS A 66 -4.76 1.53 3.94
C CYS A 66 -4.10 2.90 4.06
N HIS A 67 -3.85 3.55 2.93
CA HIS A 67 -3.04 4.77 2.93
C HIS A 67 -1.62 4.37 3.34
N ALA A 68 -1.37 3.09 3.13
CA ALA A 68 -0.18 2.40 3.64
C ALA A 68 0.50 1.60 2.54
N PHE A 69 1.78 1.28 2.76
CA PHE A 69 2.60 0.60 1.75
C PHE A 69 2.00 -0.76 1.39
N LEU A 70 1.87 -1.05 0.09
CA LEU A 70 1.19 -2.27 -0.33
C LEU A 70 2.26 -3.27 -0.78
N VAL A 71 2.46 -4.28 0.07
CA VAL A 71 3.12 -5.52 -0.31
C VAL A 71 2.31 -6.67 0.29
N PRO A 72 2.07 -7.77 -0.44
CA PRO A 72 1.41 -8.97 0.16
C PRO A 72 2.25 -9.56 1.30
N GLY A 73 1.54 -10.05 2.31
CA GLY A 73 2.15 -10.75 3.43
C GLY A 73 2.32 -9.86 4.66
N ILE A 74 2.32 -8.53 4.48
CA ILE A 74 2.71 -7.65 5.57
C ILE A 74 1.53 -6.89 6.18
N ASN A 75 1.03 -5.88 5.47
CA ASN A 75 -0.17 -5.15 5.91
C ASN A 75 -1.40 -5.67 5.19
N ALA A 76 -1.13 -6.61 4.28
CA ALA A 76 -2.15 -7.12 3.38
C ALA A 76 -1.68 -8.47 2.90
N ARG A 77 -2.63 -9.35 2.59
CA ARG A 77 -2.27 -10.71 2.25
C ARG A 77 -3.03 -11.13 1.00
N VAL A 78 -2.37 -11.90 0.14
CA VAL A 78 -2.92 -12.23 -1.16
C VAL A 78 -2.98 -13.75 -1.31
N ARG A 79 -4.15 -14.19 -1.76
CA ARG A 79 -4.37 -15.55 -2.20
C ARG A 79 -4.46 -15.60 -3.71
N LEU A 80 -3.80 -16.60 -4.29
CA LEU A 80 -3.77 -16.75 -5.74
C LEU A 80 -4.58 -18.00 -6.09
N ARG A 81 -5.58 -17.84 -6.95
CA ARG A 81 -6.46 -18.95 -7.27
C ARG A 81 -6.22 -19.40 -8.72
N GLN A 82 -6.20 -20.71 -8.93
CA GLN A 82 -5.93 -21.23 -10.26
C GLN A 82 -7.22 -21.77 -10.89
N LYS A 83 -7.64 -20.97 -11.86
CA LYS A 83 -8.75 -21.24 -12.76
C LYS A 83 -8.23 -20.89 -14.15
N ARG A 84 -8.90 -21.24 -15.26
CA ARG A 84 -8.39 -20.61 -16.49
C ARG A 84 -9.01 -19.22 -16.54
N MET A 85 -8.74 -18.48 -15.46
CA MET A 85 -8.54 -17.03 -15.42
C MET A 85 -7.55 -16.79 -14.28
N PRO A 86 -6.37 -16.18 -14.44
CA PRO A 86 -5.60 -15.84 -13.20
C PRO A 86 -6.41 -14.86 -12.35
N HIS A 87 -6.41 -15.10 -11.04
CA HIS A 87 -7.08 -14.19 -10.11
C HIS A 87 -6.35 -14.21 -8.77
N ILE A 88 -6.23 -13.02 -8.16
CA ILE A 88 -5.73 -12.90 -6.79
C ILE A 88 -6.68 -12.06 -5.94
N VAL A 89 -6.83 -12.41 -4.67
CA VAL A 89 -7.67 -11.62 -3.76
C VAL A 89 -6.82 -11.04 -2.64
N VAL A 90 -6.96 -9.74 -2.40
CA VAL A 90 -6.06 -9.03 -1.51
C VAL A 90 -6.88 -8.40 -0.38
N LYS A 91 -6.40 -8.62 0.83
CA LYS A 91 -7.06 -8.07 2.02
C LYS A 91 -6.01 -7.40 2.88
N CYS A 92 -6.35 -6.24 3.42
CA CYS A 92 -5.43 -5.51 4.27
C CYS A 92 -5.91 -5.56 5.72
N LEU A 93 -4.95 -5.79 6.61
CA LEU A 93 -5.21 -5.81 8.04
C LEU A 93 -5.68 -4.42 8.51
N GLU A 94 -5.02 -3.41 7.97
CA GLU A 94 -5.23 -2.03 8.42
C GLU A 94 -6.65 -1.56 8.11
N CYS A 95 -7.09 -1.84 6.87
CA CYS A 95 -8.47 -1.60 6.47
C CYS A 95 -9.42 -2.66 7.01
N GLY A 96 -8.95 -3.90 7.11
CA GLY A 96 -9.78 -5.03 7.50
C GLY A 96 -10.65 -5.51 6.33
N HIS A 97 -10.33 -5.05 5.13
CA HIS A 97 -11.20 -5.20 3.96
C HIS A 97 -10.48 -5.92 2.82
N ILE A 98 -11.27 -6.65 2.03
CA ILE A 98 -10.77 -7.54 1.00
C ILE A 98 -11.13 -7.03 -0.39
N MET A 99 -10.12 -6.98 -1.24
CA MET A 99 -10.25 -6.47 -2.61
C MET A 99 -9.82 -7.54 -3.61
N ARG A 100 -10.44 -7.53 -4.79
CA ARG A 100 -10.12 -8.51 -5.83
C ARG A 100 -9.24 -7.88 -6.90
N TYR A 101 -8.21 -8.62 -7.33
CA TYR A 101 -7.32 -8.15 -8.39
C TYR A 101 -7.25 -9.21 -9.50
N PRO A 102 -8.00 -9.02 -10.59
CA PRO A 102 -7.92 -9.93 -11.77
C PRO A 102 -6.61 -9.80 -12.54
N TYR A 103 -6.15 -10.90 -13.14
CA TYR A 103 -4.94 -10.89 -13.95
C TYR A 103 -5.05 -11.90 -15.09
N ILE A 104 -4.32 -11.66 -16.17
CA ILE A 104 -4.36 -12.54 -17.34
C ILE A 104 -2.95 -12.95 -17.75
N LYS A 105 -2.78 -14.26 -17.99
CA LYS A 105 -1.48 -14.83 -18.33
C LYS A 105 -0.72 -13.96 -19.33
ZN ZN B . -6.10 -1.31 2.83
N LYS A 15 11.70 16.59 -3.77
CA LYS A 15 11.16 15.26 -3.39
C LYS A 15 12.02 14.62 -2.29
N GLU A 16 12.96 15.40 -1.76
CA GLU A 16 13.83 14.90 -0.73
C GLU A 16 13.06 14.62 0.56
N ARG A 17 12.10 15.50 0.88
CA ARG A 17 11.30 15.41 2.09
C ARG A 17 10.45 14.13 2.13
N ILE A 18 9.84 13.83 0.98
CA ILE A 18 8.96 12.68 0.88
C ILE A 18 9.77 11.39 1.04
N ASP A 19 11.00 11.40 0.54
CA ASP A 19 11.84 10.21 0.54
C ASP A 19 12.13 9.76 1.98
N ILE A 20 12.33 10.72 2.87
CA ILE A 20 12.57 10.41 4.27
C ILE A 20 11.35 9.72 4.88
N LEU A 21 10.19 10.27 4.54
CA LEU A 21 8.91 9.73 4.99
C LEU A 21 8.69 8.32 4.43
N PHE A 22 9.07 8.12 3.17
CA PHE A 22 8.98 6.82 2.52
C PHE A 22 9.83 5.79 3.28
N SER A 23 11.06 6.16 3.62
CA SER A 23 11.93 5.27 4.37
C SER A 23 11.33 4.90 5.73
N LEU A 24 10.78 5.91 6.43
CA LEU A 24 10.15 5.69 7.73
C LEU A 24 8.95 4.77 7.62
N ALA A 25 8.14 4.98 6.59
CA ALA A 25 6.96 4.15 6.39
C ALA A 25 7.37 2.70 6.13
N GLU A 26 8.44 2.51 5.38
CA GLU A 26 8.86 1.16 4.99
C GLU A 26 9.35 0.35 6.20
N ARG A 27 10.12 0.94 7.10
CA ARG A 27 10.56 0.23 8.29
C ARG A 27 9.41 -0.15 9.23
N VAL A 28 8.49 0.79 9.45
CA VAL A 28 7.36 0.58 10.33
C VAL A 28 6.44 -0.50 9.76
N PHE A 29 6.40 -0.52 8.43
CA PHE A 29 5.40 -1.29 7.70
C PHE A 29 5.44 -2.78 8.07
N PRO A 30 6.57 -3.48 7.89
CA PRO A 30 6.71 -4.88 8.39
C PRO A 30 6.57 -5.00 9.90
N TYR A 31 7.00 -3.95 10.61
CA TYR A 31 6.99 -3.98 12.06
C TYR A 31 5.57 -4.10 12.62
N SER A 32 4.68 -3.28 12.08
CA SER A 32 3.29 -3.29 12.49
C SER A 32 2.46 -2.55 11.45
N PRO A 33 1.47 -3.20 10.83
CA PRO A 33 0.63 -2.57 9.77
C PRO A 33 -0.03 -1.29 10.27
N GLU A 34 -0.47 -1.30 11.53
CA GLU A 34 -1.26 -0.19 12.07
C GLU A 34 -0.45 1.09 12.19
N LEU A 35 0.79 0.99 12.68
CA LEU A 35 1.66 2.15 12.79
C LEU A 35 1.95 2.73 11.41
N ALA A 36 2.20 1.82 10.46
CA ALA A 36 2.56 2.18 9.10
C ALA A 36 1.41 2.92 8.41
N LYS A 37 0.19 2.52 8.75
CA LYS A 37 -1.00 3.15 8.21
C LYS A 37 -1.01 4.62 8.60
N ARG A 38 -0.70 4.94 9.86
CA ARG A 38 -0.64 6.32 10.29
C ARG A 38 0.50 7.10 9.62
N TYR A 39 1.65 6.47 9.49
CA TYR A 39 2.79 7.10 8.81
C TYR A 39 2.53 7.39 7.34
N VAL A 40 1.92 6.46 6.62
CA VAL A 40 1.59 6.68 5.22
C VAL A 40 0.59 7.82 5.06
N GLU A 41 -0.44 7.82 5.92
CA GLU A 41 -1.49 8.83 5.83
C GLU A 41 -0.87 10.22 6.05
N LEU A 42 0.14 10.24 6.91
CA LEU A 42 1.06 11.36 7.00
C LEU A 42 1.86 11.61 5.71
N ALA A 43 2.37 10.57 5.07
CA ALA A 43 3.14 10.77 3.84
C ALA A 43 2.28 11.33 2.71
N LEU A 44 1.05 10.82 2.58
CA LEU A 44 0.11 11.32 1.58
C LEU A 44 -0.28 12.78 1.81
N LEU A 45 -0.52 13.15 3.07
CA LEU A 45 -0.84 14.54 3.41
C LEU A 45 0.34 15.44 3.07
N VAL A 46 1.55 14.98 3.37
CA VAL A 46 2.75 15.71 2.99
C VAL A 46 2.83 15.80 1.46
N GLN A 47 2.58 14.69 0.78
CA GLN A 47 2.79 14.62 -0.66
C GLN A 47 1.88 15.58 -1.42
N GLN A 48 0.59 15.63 -1.05
CA GLN A 48 -0.35 16.56 -1.68
C GLN A 48 -0.01 18.02 -1.35
N LYS A 49 0.36 18.27 -0.10
CA LYS A 49 0.72 19.61 0.36
C LYS A 49 1.98 20.11 -0.36
N ALA A 50 2.95 19.23 -0.52
CA ALA A 50 4.16 19.54 -1.28
C ALA A 50 3.86 19.66 -2.77
N LYS A 51 2.67 19.19 -3.17
CA LYS A 51 2.24 19.28 -4.56
C LYS A 51 3.24 18.59 -5.48
N VAL A 52 3.49 17.31 -5.19
CA VAL A 52 4.33 16.49 -6.04
C VAL A 52 3.55 15.30 -6.58
N LYS A 53 3.65 15.09 -7.89
CA LYS A 53 2.95 13.96 -8.52
C LYS A 53 3.94 12.90 -8.97
N ILE A 54 3.57 11.65 -8.68
CA ILE A 54 4.36 10.49 -9.04
C ILE A 54 3.42 9.31 -9.36
N PRO A 55 3.28 8.91 -10.63
CA PRO A 55 2.25 7.90 -10.99
C PRO A 55 2.36 6.59 -10.19
N ARG A 56 3.60 6.15 -9.97
CA ARG A 56 3.83 4.83 -9.37
C ARG A 56 4.29 4.88 -7.91
N LYS A 57 5.04 5.91 -7.49
CA LYS A 57 5.86 5.79 -6.28
C LYS A 57 5.05 5.54 -5.02
N TRP A 58 4.00 6.34 -4.80
CA TRP A 58 3.09 6.12 -3.68
C TRP A 58 1.70 5.70 -4.16
N LYS A 59 1.36 6.17 -5.35
CA LYS A 59 0.02 6.02 -5.89
C LYS A 59 -0.30 4.54 -6.08
N ARG A 60 0.71 3.81 -6.54
CA ARG A 60 0.60 2.39 -6.82
C ARG A 60 1.01 1.53 -5.62
N ARG A 61 1.41 2.19 -4.53
CA ARG A 61 1.96 1.47 -3.37
C ARG A 61 1.10 1.67 -2.11
N TYR A 62 -0.17 2.07 -2.24
CA TYR A 62 -1.01 2.26 -1.05
C TYR A 62 -2.44 1.78 -1.22
N CYS A 63 -3.08 1.56 -0.05
CA CYS A 63 -4.48 1.15 0.00
C CYS A 63 -5.41 2.33 -0.24
N LYS A 64 -6.50 2.09 -0.96
CA LYS A 64 -7.44 3.17 -1.28
C LYS A 64 -8.10 3.75 -0.03
N LYS A 65 -8.51 2.92 0.93
CA LYS A 65 -8.99 3.44 2.20
C LYS A 65 -7.86 3.77 3.17
N CYS A 66 -6.95 2.82 3.33
CA CYS A 66 -6.05 2.85 4.47
C CYS A 66 -4.97 3.89 4.29
N HIS A 67 -4.51 4.02 3.05
CA HIS A 67 -3.39 4.89 2.74
C HIS A 67 -2.16 4.35 3.46
N ALA A 68 -1.98 3.06 3.22
CA ALA A 68 -0.92 2.27 3.84
C ALA A 68 -0.19 1.49 2.76
N PHE A 69 1.09 1.19 3.01
CA PHE A 69 1.96 0.71 1.94
C PHE A 69 1.42 -0.64 1.47
N LEU A 70 1.24 -0.82 0.16
CA LEU A 70 0.49 -1.99 -0.28
C LEU A 70 1.50 -2.99 -0.83
N VAL A 71 1.89 -3.93 0.03
CA VAL A 71 2.71 -5.07 -0.37
C VAL A 71 2.13 -6.32 0.28
N PRO A 72 1.96 -7.42 -0.48
CA PRO A 72 1.51 -8.70 0.12
C PRO A 72 2.49 -9.23 1.14
N GLY A 73 1.93 -9.85 2.17
CA GLY A 73 2.70 -10.56 3.18
C GLY A 73 2.90 -9.72 4.44
N ILE A 74 2.72 -8.41 4.32
CA ILE A 74 3.14 -7.48 5.38
C ILE A 74 1.94 -6.82 6.07
N ASN A 75 1.27 -5.86 5.42
CA ASN A 75 0.07 -5.27 6.02
C ASN A 75 -1.16 -5.86 5.34
N ALA A 76 -0.87 -6.73 4.39
CA ALA A 76 -1.85 -7.23 3.46
C ALA A 76 -1.39 -8.60 2.98
N ARG A 77 -2.32 -9.47 2.60
CA ARG A 77 -1.92 -10.79 2.12
C ARG A 77 -2.60 -11.09 0.80
N VAL A 78 -1.89 -11.77 -0.09
CA VAL A 78 -2.44 -12.10 -1.40
C VAL A 78 -2.39 -13.60 -1.61
N ARG A 79 -3.52 -14.13 -2.07
CA ARG A 79 -3.59 -15.52 -2.49
C ARG A 79 -3.77 -15.54 -4.00
N LEU A 80 -2.92 -16.31 -4.68
CA LEU A 80 -2.98 -16.39 -6.13
C LEU A 80 -3.57 -17.74 -6.48
N ARG A 81 -4.67 -17.72 -7.23
CA ARG A 81 -5.36 -18.95 -7.59
C ARG A 81 -5.19 -19.25 -9.07
N GLN A 82 -4.93 -20.52 -9.37
CA GLN A 82 -4.76 -20.95 -10.75
C GLN A 82 -5.85 -21.94 -11.14
N LYS A 83 -6.79 -21.37 -11.87
CA LYS A 83 -7.84 -22.08 -12.61
C LYS A 83 -7.75 -21.51 -14.02
N ARG A 84 -8.47 -22.01 -15.03
CA ARG A 84 -8.38 -21.25 -16.27
C ARG A 84 -9.36 -20.08 -16.14
N MET A 85 -9.09 -19.29 -15.10
CA MET A 85 -9.29 -17.86 -15.02
C MET A 85 -8.20 -17.32 -14.08
N PRO A 86 -7.21 -16.51 -14.48
CA PRO A 86 -6.27 -15.98 -13.46
C PRO A 86 -7.01 -15.11 -12.45
N HIS A 87 -6.65 -15.22 -11.17
CA HIS A 87 -7.29 -14.41 -10.14
C HIS A 87 -6.39 -14.32 -8.92
N ILE A 88 -6.28 -13.13 -8.34
CA ILE A 88 -5.62 -12.97 -7.04
C ILE A 88 -6.54 -12.24 -6.07
N VAL A 89 -6.48 -12.61 -4.79
CA VAL A 89 -7.25 -11.92 -3.76
C VAL A 89 -6.32 -11.30 -2.71
N VAL A 90 -6.56 -10.03 -2.41
CA VAL A 90 -5.70 -9.26 -1.51
C VAL A 90 -6.52 -8.78 -0.32
N LYS A 91 -6.00 -9.01 0.88
CA LYS A 91 -6.63 -8.50 2.08
C LYS A 91 -5.63 -7.58 2.76
N CYS A 92 -6.03 -6.34 3.05
CA CYS A 92 -5.14 -5.43 3.77
C CYS A 92 -5.72 -5.16 5.15
N LEU A 93 -4.87 -5.36 6.16
CA LEU A 93 -5.32 -5.47 7.54
C LEU A 93 -5.98 -4.16 7.99
N GLU A 94 -5.39 -3.03 7.59
CA GLU A 94 -5.84 -1.75 8.12
C GLU A 94 -7.27 -1.45 7.68
N CYS A 95 -7.62 -1.80 6.43
CA CYS A 95 -9.02 -1.75 6.05
C CYS A 95 -9.75 -2.94 6.66
N GLY A 96 -9.06 -4.08 6.78
CA GLY A 96 -9.70 -5.32 7.23
C GLY A 96 -10.45 -5.99 6.08
N HIS A 97 -10.21 -5.54 4.86
CA HIS A 97 -11.09 -5.86 3.75
C HIS A 97 -10.33 -6.59 2.65
N ILE A 98 -11.06 -7.47 1.95
CA ILE A 98 -10.54 -8.22 0.81
C ILE A 98 -10.84 -7.53 -0.52
N MET A 99 -9.77 -7.40 -1.29
CA MET A 99 -9.84 -6.86 -2.64
C MET A 99 -9.54 -7.95 -3.65
N ARG A 100 -10.31 -7.98 -4.73
CA ARG A 100 -10.08 -8.95 -5.79
C ARG A 100 -9.38 -8.28 -6.97
N TYR A 101 -8.39 -8.97 -7.53
CA TYR A 101 -7.76 -8.54 -8.78
C TYR A 101 -7.81 -9.66 -9.82
N PRO A 102 -8.77 -9.59 -10.75
CA PRO A 102 -8.79 -10.47 -11.94
C PRO A 102 -7.67 -10.16 -12.93
N TYR A 103 -7.20 -11.19 -13.63
CA TYR A 103 -6.25 -11.00 -14.71
C TYR A 103 -6.52 -12.03 -15.81
N ILE A 104 -6.16 -11.72 -17.05
CA ILE A 104 -6.34 -12.65 -18.17
C ILE A 104 -5.00 -13.14 -18.69
N LYS A 105 -4.88 -14.47 -18.81
CA LYS A 105 -3.67 -15.19 -19.21
C LYS A 105 -2.49 -14.28 -19.56
ZN ZN B . -6.33 -1.42 3.41
N LYS A 15 9.32 16.19 -2.45
CA LYS A 15 9.97 15.04 -3.12
C LYS A 15 10.89 14.33 -2.12
N GLU A 16 11.85 15.09 -1.58
CA GLU A 16 12.78 14.54 -0.61
C GLU A 16 12.06 14.15 0.67
N ARG A 17 11.09 14.95 1.10
CA ARG A 17 10.38 14.65 2.35
C ARG A 17 9.63 13.33 2.23
N ILE A 18 8.96 13.17 1.09
CA ILE A 18 8.24 11.92 0.78
C ILE A 18 9.22 10.78 0.66
N ASP A 19 10.34 11.04 -0.03
CA ASP A 19 11.34 10.02 -0.30
C ASP A 19 11.95 9.49 0.99
N ILE A 20 12.31 10.41 1.88
CA ILE A 20 12.78 10.05 3.21
C ILE A 20 11.68 9.38 4.03
N LEU A 21 10.48 9.93 3.95
CA LEU A 21 9.33 9.39 4.65
C LEU A 21 9.02 7.98 4.16
N PHE A 22 9.12 7.79 2.84
CA PHE A 22 8.77 6.53 2.20
C PHE A 22 9.63 5.39 2.75
N SER A 23 10.95 5.62 2.86
CA SER A 23 11.84 4.59 3.40
C SER A 23 11.47 4.26 4.85
N LEU A 24 11.16 5.30 5.62
CA LEU A 24 10.71 5.16 7.00
C LEU A 24 9.39 4.41 7.09
N ALA A 25 8.48 4.74 6.18
CA ALA A 25 7.20 4.04 6.07
C ALA A 25 7.43 2.58 5.71
N GLU A 26 8.43 2.34 4.86
CA GLU A 26 8.77 0.99 4.46
C GLU A 26 9.29 0.16 5.63
N ARG A 27 10.17 0.74 6.46
CA ARG A 27 10.71 -0.03 7.58
C ARG A 27 9.64 -0.38 8.61
N VAL A 28 8.79 0.58 8.93
CA VAL A 28 7.71 0.36 9.89
C VAL A 28 6.72 -0.66 9.33
N PHE A 29 6.52 -0.58 8.03
CA PHE A 29 5.50 -1.36 7.33
C PHE A 29 5.52 -2.85 7.72
N PRO A 30 6.65 -3.56 7.51
CA PRO A 30 6.82 -4.96 8.02
C PRO A 30 6.74 -5.10 9.55
N TYR A 31 7.18 -4.06 10.25
CA TYR A 31 7.13 -4.06 11.72
C TYR A 31 5.70 -4.12 12.25
N SER A 32 4.82 -3.33 11.63
CA SER A 32 3.45 -3.20 12.10
C SER A 32 2.60 -2.55 11.02
N PRO A 33 1.51 -3.20 10.59
CA PRO A 33 0.49 -2.57 9.70
C PRO A 33 -0.05 -1.27 10.29
N GLU A 34 -0.32 -1.27 11.60
CA GLU A 34 -0.96 -0.13 12.24
C GLU A 34 -0.05 1.10 12.31
N LEU A 35 1.21 0.88 12.67
CA LEU A 35 2.18 1.97 12.76
C LEU A 35 2.40 2.58 11.37
N ALA A 36 2.49 1.68 10.40
CA ALA A 36 2.69 2.03 9.00
C ALA A 36 1.52 2.86 8.46
N LYS A 37 0.33 2.55 8.97
CA LYS A 37 -0.88 3.29 8.62
C LYS A 37 -0.76 4.76 8.95
N ARG A 38 -0.27 5.08 10.14
CA ARG A 38 -0.07 6.47 10.52
C ARG A 38 0.99 7.15 9.64
N TYR A 39 2.10 6.45 9.39
CA TYR A 39 3.17 6.99 8.56
C TYR A 39 2.78 7.29 7.11
N VAL A 40 2.09 6.35 6.47
CA VAL A 40 1.66 6.54 5.08
C VAL A 40 0.66 7.70 5.02
N GLU A 41 -0.26 7.71 5.97
CA GLU A 41 -1.38 8.65 5.97
C GLU A 41 -0.83 10.07 6.15
N LEU A 42 0.26 10.09 6.91
CA LEU A 42 1.15 11.26 6.99
C LEU A 42 1.78 11.60 5.64
N ALA A 43 2.24 10.62 4.88
CA ALA A 43 2.88 10.94 3.60
C ALA A 43 1.89 11.59 2.63
N LEU A 44 0.66 11.08 2.61
CA LEU A 44 -0.37 11.62 1.72
C LEU A 44 -0.75 13.07 2.01
N LEU A 45 -0.87 13.41 3.29
CA LEU A 45 -1.07 14.81 3.70
C LEU A 45 0.12 15.68 3.29
N VAL A 46 1.33 15.15 3.47
CA VAL A 46 2.52 15.84 2.98
C VAL A 46 2.48 15.98 1.47
N GLN A 47 2.13 14.90 0.78
CA GLN A 47 2.17 14.87 -0.67
C GLN A 47 1.23 15.90 -1.29
N GLN A 48 0.01 15.99 -0.77
CA GLN A 48 -0.95 16.99 -1.26
C GLN A 48 -0.50 18.42 -0.95
N LYS A 49 0.02 18.62 0.26
CA LYS A 49 0.54 19.94 0.63
C LYS A 49 1.73 20.31 -0.24
N ALA A 50 2.60 19.33 -0.47
CA ALA A 50 3.76 19.53 -1.35
C ALA A 50 3.36 19.52 -2.84
N LYS A 51 2.14 19.08 -3.13
CA LYS A 51 1.63 19.06 -4.51
C LYS A 51 2.61 18.39 -5.47
N VAL A 52 3.10 17.20 -5.10
CA VAL A 52 4.00 16.44 -5.96
C VAL A 52 3.37 15.11 -6.35
N LYS A 53 3.40 14.81 -7.64
CA LYS A 53 2.78 13.60 -8.17
C LYS A 53 3.85 12.55 -8.43
N ILE A 54 3.46 11.30 -8.18
CA ILE A 54 4.35 10.15 -8.35
C ILE A 54 3.56 9.00 -8.93
N PRO A 55 3.78 8.66 -10.22
CA PRO A 55 2.91 7.68 -10.91
C PRO A 55 2.87 6.34 -10.20
N ARG A 56 4.01 5.95 -9.63
CA ARG A 56 4.13 4.64 -9.01
C ARG A 56 4.46 4.72 -7.52
N LYS A 57 5.29 5.67 -7.09
CA LYS A 57 5.97 5.51 -5.80
C LYS A 57 5.02 5.43 -4.59
N TRP A 58 4.01 6.30 -4.52
CA TRP A 58 2.97 6.13 -3.50
C TRP A 58 1.63 5.69 -4.06
N LYS A 59 1.32 6.11 -5.29
CA LYS A 59 0.00 5.85 -5.85
C LYS A 59 -0.23 4.35 -6.04
N ARG A 60 0.82 3.67 -6.50
CA ARG A 60 0.72 2.26 -6.87
C ARG A 60 1.12 1.35 -5.71
N ARG A 61 1.54 1.93 -4.58
CA ARG A 61 2.09 1.13 -3.49
C ARG A 61 1.29 1.30 -2.20
N TYR A 62 -0.01 1.58 -2.29
CA TYR A 62 -0.76 1.96 -1.09
C TYR A 62 -2.20 1.44 -1.17
N CYS A 63 -2.86 1.35 -0.01
CA CYS A 63 -4.26 0.97 0.02
C CYS A 63 -5.15 2.11 -0.44
N LYS A 64 -6.23 1.74 -1.13
CA LYS A 64 -7.17 2.72 -1.66
C LYS A 64 -7.81 3.50 -0.52
N LYS A 65 -8.15 2.80 0.57
CA LYS A 65 -8.87 3.46 1.65
C LYS A 65 -7.88 3.91 2.71
N CYS A 66 -7.01 2.98 3.08
CA CYS A 66 -6.19 3.08 4.28
C CYS A 66 -5.08 4.10 4.12
N HIS A 67 -4.55 4.19 2.90
CA HIS A 67 -3.42 5.06 2.65
C HIS A 67 -2.23 4.51 3.43
N ALA A 68 -2.06 3.21 3.20
CA ALA A 68 -1.02 2.41 3.85
C ALA A 68 -0.24 1.62 2.80
N PHE A 69 1.00 1.28 3.11
CA PHE A 69 1.90 0.70 2.13
C PHE A 69 1.34 -0.67 1.71
N LEU A 70 1.21 -0.91 0.41
CA LEU A 70 0.53 -2.13 -0.02
C LEU A 70 1.58 -3.09 -0.57
N VAL A 71 1.91 -4.09 0.25
CA VAL A 71 2.61 -5.30 -0.18
C VAL A 71 1.92 -6.49 0.48
N PRO A 72 1.79 -7.63 -0.21
CA PRO A 72 1.33 -8.89 0.45
C PRO A 72 2.30 -9.37 1.52
N GLY A 73 1.71 -9.94 2.57
CA GLY A 73 2.44 -10.62 3.63
C GLY A 73 2.63 -9.72 4.85
N ILE A 74 2.52 -8.40 4.66
CA ILE A 74 2.87 -7.46 5.73
C ILE A 74 1.65 -6.82 6.38
N ASN A 75 1.02 -5.86 5.70
CA ASN A 75 -0.19 -5.21 6.23
C ASN A 75 -1.39 -5.70 5.46
N ALA A 76 -1.11 -6.64 4.57
CA ALA A 76 -2.09 -7.17 3.64
C ALA A 76 -1.58 -8.53 3.18
N ARG A 77 -2.49 -9.42 2.83
CA ARG A 77 -2.10 -10.77 2.43
C ARG A 77 -2.81 -11.17 1.14
N VAL A 78 -2.11 -11.91 0.29
CA VAL A 78 -2.63 -12.25 -1.03
C VAL A 78 -2.67 -13.76 -1.19
N ARG A 79 -3.81 -14.26 -1.64
CA ARG A 79 -3.93 -15.64 -2.08
C ARG A 79 -3.96 -15.68 -3.59
N LEU A 80 -3.22 -16.62 -4.16
CA LEU A 80 -3.18 -16.77 -5.61
C LEU A 80 -3.94 -18.03 -6.00
N ARG A 81 -5.06 -17.82 -6.71
CA ARG A 81 -5.94 -18.91 -7.10
C ARG A 81 -5.80 -19.20 -8.58
N GLN A 82 -5.75 -20.50 -8.92
CA GLN A 82 -5.56 -20.90 -10.30
C GLN A 82 -6.83 -21.56 -10.83
N LYS A 83 -7.37 -20.84 -11.81
CA LYS A 83 -8.41 -21.28 -12.73
C LYS A 83 -7.91 -20.86 -14.11
N ARG A 84 -8.57 -21.28 -15.21
CA ARG A 84 -8.16 -20.61 -16.44
C ARG A 84 -8.93 -19.29 -16.48
N MET A 85 -8.69 -18.51 -15.44
CA MET A 85 -8.59 -17.06 -15.43
C MET A 85 -7.58 -16.74 -14.33
N PRO A 86 -6.40 -16.15 -14.56
CA PRO A 86 -5.55 -15.83 -13.38
C PRO A 86 -6.23 -14.83 -12.46
N HIS A 87 -6.09 -15.00 -11.15
CA HIS A 87 -6.64 -14.08 -10.17
C HIS A 87 -5.91 -14.15 -8.82
N ILE A 88 -5.83 -13.01 -8.15
CA ILE A 88 -5.32 -12.94 -6.78
C ILE A 88 -6.26 -12.13 -5.88
N VAL A 89 -6.39 -12.52 -4.61
CA VAL A 89 -7.19 -11.75 -3.66
C VAL A 89 -6.34 -11.20 -2.51
N VAL A 90 -6.52 -9.90 -2.24
CA VAL A 90 -5.68 -9.19 -1.27
C VAL A 90 -6.57 -8.61 -0.17
N LYS A 91 -6.18 -8.84 1.07
CA LYS A 91 -6.86 -8.24 2.22
C LYS A 91 -5.84 -7.39 2.96
N CYS A 92 -6.17 -6.13 3.26
CA CYS A 92 -5.26 -5.28 4.03
C CYS A 92 -5.91 -4.94 5.37
N LEU A 93 -5.14 -5.12 6.42
CA LEU A 93 -5.66 -5.18 7.78
C LEU A 93 -6.31 -3.85 8.13
N GLU A 94 -5.68 -2.76 7.71
CA GLU A 94 -6.10 -1.44 8.17
C GLU A 94 -7.50 -1.14 7.63
N CYS A 95 -7.80 -1.56 6.39
CA CYS A 95 -9.20 -1.49 5.95
C CYS A 95 -10.01 -2.64 6.57
N GLY A 96 -9.37 -3.81 6.73
CA GLY A 96 -10.08 -5.01 7.16
C GLY A 96 -10.83 -5.66 6.01
N HIS A 97 -10.55 -5.22 4.78
CA HIS A 97 -11.37 -5.57 3.61
C HIS A 97 -10.55 -6.30 2.55
N ILE A 98 -11.24 -7.18 1.83
CA ILE A 98 -10.65 -7.95 0.75
C ILE A 98 -10.84 -7.27 -0.61
N MET A 99 -9.72 -7.16 -1.31
CA MET A 99 -9.68 -6.58 -2.65
C MET A 99 -9.35 -7.67 -3.67
N ARG A 100 -10.04 -7.64 -4.80
CA ARG A 100 -9.83 -8.61 -5.88
C ARG A 100 -9.02 -7.95 -7.00
N TYR A 101 -8.05 -8.70 -7.51
CA TYR A 101 -7.19 -8.21 -8.60
C TYR A 101 -7.15 -9.23 -9.73
N PRO A 102 -7.92 -9.01 -10.81
CA PRO A 102 -7.83 -9.88 -12.02
C PRO A 102 -6.45 -9.82 -12.66
N TYR A 103 -5.99 -10.97 -13.14
CA TYR A 103 -4.85 -11.07 -14.06
C TYR A 103 -5.16 -11.94 -15.28
N ILE A 104 -4.58 -11.56 -16.42
CA ILE A 104 -4.70 -12.33 -17.65
C ILE A 104 -3.32 -12.63 -18.25
N LYS A 105 -3.26 -13.64 -19.11
CA LYS A 105 -2.02 -13.99 -19.80
C LYS A 105 -1.75 -13.05 -20.97
ZN ZN B . -6.42 -1.29 3.45
N LYS A 15 8.87 15.82 -1.95
CA LYS A 15 9.84 15.23 -2.90
C LYS A 15 10.82 14.33 -2.13
N GLU A 16 11.89 14.93 -1.64
CA GLU A 16 12.91 14.20 -0.89
C GLU A 16 12.35 13.66 0.41
N ARG A 17 11.50 14.46 1.05
CA ARG A 17 10.83 14.05 2.27
C ARG A 17 9.95 12.82 2.07
N ILE A 18 9.21 12.81 0.96
CA ILE A 18 8.31 11.70 0.66
C ILE A 18 9.13 10.42 0.45
N ASP A 19 10.24 10.55 -0.28
CA ASP A 19 11.13 9.42 -0.54
C ASP A 19 11.75 8.91 0.77
N ILE A 20 12.05 9.83 1.69
CA ILE A 20 12.45 9.47 3.06
C ILE A 20 11.31 8.74 3.77
N LEU A 21 10.09 9.26 3.61
CA LEU A 21 8.90 8.66 4.21
C LEU A 21 8.69 7.24 3.67
N PHE A 22 8.93 7.05 2.37
CA PHE A 22 8.75 5.76 1.74
C PHE A 22 9.60 4.71 2.45
N SER A 23 10.87 5.06 2.71
CA SER A 23 11.77 4.19 3.47
C SER A 23 11.25 3.92 4.88
N LEU A 24 10.77 4.97 5.54
CA LEU A 24 10.22 4.84 6.89
C LEU A 24 8.98 3.95 6.89
N ALA A 25 8.14 4.14 5.88
CA ALA A 25 6.94 3.33 5.74
C ALA A 25 7.32 1.87 5.55
N GLU A 26 8.39 1.64 4.80
CA GLU A 26 8.81 0.28 4.51
C GLU A 26 9.30 -0.47 5.76
N ARG A 27 10.11 0.18 6.60
CA ARG A 27 10.56 -0.45 7.84
C ARG A 27 9.43 -0.70 8.84
N VAL A 28 8.56 0.29 9.01
CA VAL A 28 7.43 0.18 9.94
C VAL A 28 6.47 -0.90 9.46
N PHE A 29 6.36 -1.03 8.15
CA PHE A 29 5.34 -1.87 7.55
C PHE A 29 5.33 -3.29 8.12
N PRO A 30 6.43 -4.06 7.98
CA PRO A 30 6.52 -5.41 8.59
C PRO A 30 6.43 -5.38 10.10
N TYR A 31 6.96 -4.30 10.68
CA TYR A 31 6.98 -4.15 12.13
C TYR A 31 5.57 -4.11 12.70
N SER A 32 4.72 -3.29 12.07
CA SER A 32 3.32 -3.17 12.43
C SER A 32 2.56 -2.48 11.31
N PRO A 33 1.52 -3.11 10.77
CA PRO A 33 0.61 -2.45 9.80
C PRO A 33 0.00 -1.16 10.34
N GLU A 34 -0.37 -1.18 11.62
CA GLU A 34 -1.09 -0.07 12.23
C GLU A 34 -0.21 1.18 12.33
N LEU A 35 1.03 1.01 12.74
CA LEU A 35 1.98 2.11 12.81
C LEU A 35 2.24 2.70 11.43
N ALA A 36 2.37 1.80 10.46
CA ALA A 36 2.67 2.20 9.09
C ALA A 36 1.53 3.04 8.52
N LYS A 37 0.31 2.69 8.90
CA LYS A 37 -0.88 3.36 8.40
C LYS A 37 -0.82 4.84 8.82
N ARG A 38 -0.45 5.08 10.07
CA ARG A 38 -0.25 6.45 10.55
C ARG A 38 0.89 7.16 9.82
N TYR A 39 2.01 6.45 9.62
CA TYR A 39 3.17 7.01 8.92
C TYR A 39 2.91 7.37 7.46
N VAL A 40 2.20 6.50 6.74
CA VAL A 40 1.85 6.78 5.35
C VAL A 40 0.93 7.99 5.29
N GLU A 41 -0.05 8.01 6.20
CA GLU A 41 -1.15 8.97 6.13
C GLU A 41 -0.56 10.36 6.24
N LEU A 42 0.53 10.40 7.00
CA LEU A 42 1.42 11.55 7.04
C LEU A 42 2.07 11.84 5.69
N ALA A 43 2.53 10.82 4.98
CA ALA A 43 3.14 11.04 3.67
C ALA A 43 2.14 11.62 2.68
N LEU A 44 0.89 11.16 2.74
CA LEU A 44 -0.17 11.65 1.85
C LEU A 44 -0.46 13.12 2.09
N LEU A 45 -0.49 13.53 3.36
CA LEU A 45 -0.61 14.95 3.71
C LEU A 45 0.59 15.74 3.20
N VAL A 46 1.78 15.15 3.32
CA VAL A 46 3.00 15.79 2.81
C VAL A 46 2.90 15.96 1.30
N GLN A 47 2.43 14.93 0.60
CA GLN A 47 2.42 14.96 -0.86
C GLN A 47 1.51 16.06 -1.38
N GLN A 48 0.31 16.19 -0.81
CA GLN A 48 -0.60 17.26 -1.24
C GLN A 48 -0.08 18.64 -0.89
N LYS A 49 0.47 18.79 0.32
CA LYS A 49 1.03 20.08 0.74
C LYS A 49 2.23 20.47 -0.12
N ALA A 50 3.09 19.48 -0.42
CA ALA A 50 4.23 19.71 -1.30
C ALA A 50 3.80 19.75 -2.76
N LYS A 51 2.58 19.32 -3.04
CA LYS A 51 2.04 19.33 -4.39
C LYS A 51 2.99 18.67 -5.38
N VAL A 52 3.42 17.46 -5.08
CA VAL A 52 4.34 16.74 -5.96
C VAL A 52 3.69 15.45 -6.46
N LYS A 53 3.76 15.24 -7.77
CA LYS A 53 3.08 14.10 -8.38
C LYS A 53 4.06 12.96 -8.60
N ILE A 54 3.56 11.75 -8.36
CA ILE A 54 4.34 10.53 -8.53
C ILE A 54 3.42 9.42 -9.04
N PRO A 55 3.51 9.06 -10.33
CA PRO A 55 2.51 8.15 -10.96
C PRO A 55 2.40 6.82 -10.21
N ARG A 56 3.53 6.31 -9.72
CA ARG A 56 3.54 4.98 -9.13
C ARG A 56 3.98 5.01 -7.65
N LYS A 57 4.85 5.92 -7.23
CA LYS A 57 5.55 5.68 -5.96
C LYS A 57 4.62 5.62 -4.76
N TRP A 58 3.65 6.53 -4.63
CA TRP A 58 2.69 6.42 -3.54
C TRP A 58 1.28 6.06 -4.02
N LYS A 59 0.93 6.52 -5.21
CA LYS A 59 -0.42 6.34 -5.75
C LYS A 59 -0.76 4.86 -5.97
N ARG A 60 0.20 4.12 -6.50
CA ARG A 60 -0.01 2.71 -6.79
C ARG A 60 0.43 1.85 -5.60
N ARG A 61 1.03 2.54 -4.64
CA ARG A 61 1.72 1.91 -3.52
C ARG A 61 0.83 1.86 -2.26
N TYR A 62 -0.46 2.17 -2.36
CA TYR A 62 -1.23 2.50 -1.16
C TYR A 62 -2.65 1.93 -1.22
N CYS A 63 -3.26 1.84 -0.03
CA CYS A 63 -4.68 1.46 0.09
C CYS A 63 -5.58 2.67 -0.09
N LYS A 64 -6.72 2.46 -0.76
CA LYS A 64 -7.63 3.56 -1.04
C LYS A 64 -8.19 4.20 0.23
N LYS A 65 -8.59 3.39 1.22
CA LYS A 65 -8.96 3.93 2.51
C LYS A 65 -7.76 4.18 3.42
N CYS A 66 -6.89 3.17 3.51
CA CYS A 66 -5.92 3.12 4.61
C CYS A 66 -4.76 4.07 4.40
N HIS A 67 -4.39 4.20 3.14
CA HIS A 67 -3.22 4.99 2.79
C HIS A 67 -1.97 4.30 3.35
N ALA A 68 -1.84 3.03 2.99
CA ALA A 68 -0.77 2.18 3.52
C ALA A 68 -0.03 1.46 2.40
N PHE A 69 1.24 1.17 2.64
CA PHE A 69 2.12 0.68 1.57
C PHE A 69 1.65 -0.70 1.14
N LEU A 70 1.37 -0.87 -0.15
CA LEU A 70 0.47 -1.95 -0.52
C LEU A 70 1.35 -3.13 -0.94
N VAL A 71 1.64 -3.96 0.06
CA VAL A 71 2.56 -5.09 -0.10
C VAL A 71 1.92 -6.31 0.55
N PRO A 72 1.68 -7.38 -0.21
CA PRO A 72 1.14 -8.64 0.38
C PRO A 72 2.09 -9.22 1.41
N GLY A 73 1.49 -9.79 2.45
CA GLY A 73 2.23 -10.48 3.51
C GLY A 73 2.46 -9.58 4.73
N ILE A 74 2.31 -8.26 4.57
CA ILE A 74 2.74 -7.34 5.63
C ILE A 74 1.57 -6.62 6.30
N ASN A 75 0.99 -5.63 5.63
CA ASN A 75 -0.24 -5.00 6.12
C ASN A 75 -1.43 -5.51 5.35
N ALA A 76 -1.14 -6.42 4.42
CA ALA A 76 -2.15 -6.94 3.52
C ALA A 76 -1.69 -8.29 3.01
N ARG A 77 -2.63 -9.15 2.66
CA ARG A 77 -2.29 -10.49 2.26
C ARG A 77 -2.92 -10.83 0.92
N VAL A 78 -2.14 -11.51 0.08
CA VAL A 78 -2.61 -11.93 -1.22
C VAL A 78 -2.46 -13.43 -1.34
N ARG A 79 -3.54 -14.07 -1.79
CA ARG A 79 -3.46 -15.46 -2.21
C ARG A 79 -3.40 -15.51 -3.73
N LEU A 80 -2.53 -16.33 -4.27
CA LEU A 80 -2.45 -16.49 -5.72
C LEU A 80 -3.06 -17.84 -6.08
N ARG A 81 -4.12 -17.80 -6.88
CA ARG A 81 -4.87 -18.99 -7.25
C ARG A 81 -4.57 -19.37 -8.69
N GLN A 82 -4.39 -20.67 -8.93
CA GLN A 82 -4.04 -21.15 -10.26
C GLN A 82 -5.18 -21.96 -10.85
N LYS A 83 -5.86 -21.28 -11.75
CA LYS A 83 -6.90 -21.83 -12.63
C LYS A 83 -6.54 -21.29 -14.01
N ARG A 84 -7.09 -21.78 -15.12
CA ARG A 84 -6.78 -21.05 -16.34
C ARG A 84 -7.77 -19.87 -16.36
N MET A 85 -7.64 -19.09 -15.29
CA MET A 85 -7.72 -17.64 -15.24
C MET A 85 -6.74 -17.22 -14.13
N PRO A 86 -5.71 -16.39 -14.34
CA PRO A 86 -4.94 -15.90 -13.17
C PRO A 86 -5.83 -15.07 -12.25
N HIS A 87 -5.64 -15.22 -10.94
CA HIS A 87 -6.46 -14.49 -9.97
C HIS A 87 -5.70 -14.31 -8.66
N ILE A 88 -5.77 -13.11 -8.10
CA ILE A 88 -5.28 -12.89 -6.74
C ILE A 88 -6.35 -12.22 -5.89
N VAL A 89 -6.38 -12.57 -4.60
CA VAL A 89 -7.28 -11.91 -3.66
C VAL A 89 -6.49 -11.19 -2.56
N VAL A 90 -6.86 -9.94 -2.34
CA VAL A 90 -6.08 -9.04 -1.48
C VAL A 90 -6.96 -8.58 -0.33
N LYS A 91 -6.40 -8.71 0.88
CA LYS A 91 -7.01 -8.12 2.05
C LYS A 91 -5.95 -7.26 2.73
N CYS A 92 -6.29 -6.00 3.02
CA CYS A 92 -5.36 -5.14 3.73
C CYS A 92 -5.92 -4.87 5.12
N LEU A 93 -5.08 -5.11 6.11
CA LEU A 93 -5.50 -5.21 7.49
C LEU A 93 -6.11 -3.89 7.96
N GLU A 94 -5.51 -2.78 7.56
CA GLU A 94 -5.86 -1.50 8.16
C GLU A 94 -7.30 -1.16 7.79
N CYS A 95 -7.72 -1.48 6.55
CA CYS A 95 -9.14 -1.33 6.21
C CYS A 95 -9.92 -2.49 6.82
N GLY A 96 -9.29 -3.66 6.90
CA GLY A 96 -9.98 -4.89 7.30
C GLY A 96 -10.77 -5.51 6.15
N HIS A 97 -10.47 -5.06 4.93
CA HIS A 97 -11.33 -5.35 3.78
C HIS A 97 -10.59 -6.12 2.70
N ILE A 98 -11.35 -6.96 1.99
CA ILE A 98 -10.80 -7.82 0.94
C ILE A 98 -11.30 -7.36 -0.44
N MET A 99 -10.35 -7.26 -1.36
CA MET A 99 -10.68 -7.02 -2.76
C MET A 99 -10.09 -8.11 -3.65
N ARG A 100 -10.81 -8.42 -4.71
CA ARG A 100 -10.38 -9.42 -5.69
C ARG A 100 -9.80 -8.74 -6.92
N TYR A 101 -8.66 -9.25 -7.38
CA TYR A 101 -8.00 -8.70 -8.56
C TYR A 101 -7.75 -9.84 -9.57
N PRO A 102 -8.63 -9.98 -10.57
CA PRO A 102 -8.37 -10.89 -11.73
C PRO A 102 -7.23 -10.39 -12.63
N TYR A 103 -6.51 -11.34 -13.23
CA TYR A 103 -5.50 -11.01 -14.23
C TYR A 103 -5.58 -11.99 -15.40
N ILE A 104 -5.29 -11.48 -16.61
CA ILE A 104 -5.28 -12.31 -17.80
C ILE A 104 -3.98 -12.11 -18.58
N LYS A 105 -3.38 -13.22 -19.00
CA LYS A 105 -2.17 -13.16 -19.82
C LYS A 105 -2.52 -13.39 -21.29
ZN ZN B . -6.50 -1.11 3.50
N LYS A 15 8.99 16.41 -2.52
CA LYS A 15 10.41 16.41 -3.00
C LYS A 15 11.20 15.41 -2.17
N GLU A 16 12.28 15.89 -1.55
CA GLU A 16 13.14 15.01 -0.73
C GLU A 16 12.41 14.49 0.50
N ARG A 17 11.56 15.33 1.09
CA ARG A 17 10.88 15.00 2.35
C ARG A 17 10.00 13.76 2.26
N ILE A 18 9.23 13.64 1.18
CA ILE A 18 8.31 12.51 1.04
C ILE A 18 9.09 11.20 0.90
N ASP A 19 10.19 11.31 0.17
CA ASP A 19 11.03 10.14 -0.08
C ASP A 19 11.64 9.62 1.24
N ILE A 20 11.99 10.54 2.14
CA ILE A 20 12.36 10.14 3.49
C ILE A 20 11.19 9.48 4.24
N LEU A 21 10.01 10.06 4.11
CA LEU A 21 8.82 9.51 4.75
C LEU A 21 8.50 8.13 4.20
N PHE A 22 8.67 7.98 2.88
CA PHE A 22 8.44 6.71 2.21
C PHE A 22 9.32 5.60 2.80
N SER A 23 10.60 5.91 3.00
CA SER A 23 11.55 4.96 3.58
C SER A 23 11.13 4.59 5.00
N LEU A 24 10.71 5.60 5.76
CA LEU A 24 10.26 5.40 7.13
C LEU A 24 9.01 4.54 7.16
N ALA A 25 8.10 4.81 6.22
CA ALA A 25 6.86 4.05 6.11
C ALA A 25 7.18 2.59 5.78
N GLU A 26 8.21 2.38 4.96
CA GLU A 26 8.59 1.03 4.56
C GLU A 26 9.10 0.20 5.74
N ARG A 27 9.92 0.80 6.61
CA ARG A 27 10.42 0.08 7.78
C ARG A 27 9.32 -0.30 8.77
N VAL A 28 8.43 0.65 9.04
CA VAL A 28 7.31 0.41 9.94
C VAL A 28 6.33 -0.60 9.33
N PHE A 29 6.19 -0.50 8.01
CA PHE A 29 5.20 -1.25 7.25
C PHE A 29 5.18 -2.74 7.61
N PRO A 30 6.28 -3.49 7.46
CA PRO A 30 6.37 -4.88 7.99
C PRO A 30 6.28 -4.98 9.52
N TYR A 31 6.79 -3.97 10.21
CA TYR A 31 6.89 -4.01 11.67
C TYR A 31 5.51 -4.12 12.31
N SER A 32 4.60 -3.28 11.82
CA SER A 32 3.26 -3.19 12.36
C SER A 32 2.38 -2.43 11.37
N PRO A 33 1.42 -3.12 10.74
CA PRO A 33 0.58 -2.50 9.66
C PRO A 33 -0.10 -1.25 10.17
N GLU A 34 -0.51 -1.31 11.44
CA GLU A 34 -1.26 -0.21 12.06
C GLU A 34 -0.41 1.04 12.23
N LEU A 35 0.85 0.88 12.66
CA LEU A 35 1.76 2.02 12.77
C LEU A 35 2.03 2.64 11.41
N ALA A 36 2.22 1.76 10.43
CA ALA A 36 2.55 2.18 9.07
C ALA A 36 1.40 2.98 8.49
N LYS A 37 0.19 2.55 8.83
CA LYS A 37 -1.03 3.17 8.32
C LYS A 37 -1.02 4.64 8.74
N ARG A 38 -0.65 4.87 10.00
CA ARG A 38 -0.59 6.24 10.51
C ARG A 38 0.50 7.06 9.79
N TYR A 39 1.66 6.45 9.56
CA TYR A 39 2.75 7.11 8.85
C TYR A 39 2.37 7.48 7.41
N VAL A 40 1.72 6.54 6.72
CA VAL A 40 1.39 6.77 5.31
C VAL A 40 0.42 7.94 5.14
N GLU A 41 -0.60 7.99 5.99
CA GLU A 41 -1.66 8.99 5.86
C GLU A 41 -1.09 10.38 6.08
N LEU A 42 -0.08 10.37 6.95
CA LEU A 42 0.83 11.50 7.12
C LEU A 42 1.62 11.85 5.86
N ALA A 43 2.14 10.85 5.16
CA ALA A 43 2.88 11.13 3.93
C ALA A 43 1.99 11.76 2.87
N LEU A 44 0.76 11.27 2.75
CA LEU A 44 -0.22 11.80 1.79
C LEU A 44 -0.59 13.26 2.09
N LEU A 45 -0.80 13.58 3.36
CA LEU A 45 -1.02 14.97 3.76
C LEU A 45 0.18 15.85 3.46
N VAL A 46 1.38 15.31 3.70
CA VAL A 46 2.62 15.99 3.34
C VAL A 46 2.70 16.16 1.82
N GLN A 47 2.34 15.10 1.10
CA GLN A 47 2.54 15.03 -0.35
C GLN A 47 1.74 16.11 -1.09
N GLN A 48 0.49 16.31 -0.68
CA GLN A 48 -0.35 17.36 -1.25
C GLN A 48 0.19 18.76 -0.95
N LYS A 49 0.65 18.93 0.29
CA LYS A 49 1.21 20.20 0.75
C LYS A 49 2.46 20.58 -0.04
N ALA A 50 3.32 19.59 -0.27
CA ALA A 50 4.47 19.73 -1.16
C ALA A 50 4.08 19.72 -2.64
N LYS A 51 2.83 19.34 -2.94
CA LYS A 51 2.33 19.30 -4.33
C LYS A 51 3.29 18.54 -5.27
N VAL A 52 3.54 17.28 -4.93
CA VAL A 52 4.38 16.43 -5.77
C VAL A 52 3.56 15.24 -6.27
N LYS A 53 3.63 15.02 -7.59
CA LYS A 53 2.91 13.93 -8.24
C LYS A 53 3.85 12.77 -8.51
N ILE A 54 3.42 11.60 -8.06
CA ILE A 54 4.12 10.35 -8.36
C ILE A 54 3.09 9.28 -8.70
N PRO A 55 2.94 8.95 -10.00
CA PRO A 55 2.01 7.88 -10.44
C PRO A 55 2.42 6.49 -9.98
N ARG A 56 3.72 6.32 -9.67
CA ARG A 56 4.24 5.00 -9.36
C ARG A 56 4.58 4.85 -7.86
N LYS A 57 5.33 5.78 -7.27
CA LYS A 57 5.90 5.50 -5.95
C LYS A 57 4.86 5.28 -4.86
N TRP A 58 3.85 6.14 -4.80
CA TRP A 58 2.81 5.97 -3.78
C TRP A 58 1.51 5.45 -4.38
N LYS A 59 1.28 5.84 -5.63
CA LYS A 59 0.03 5.54 -6.29
C LYS A 59 -0.18 4.03 -6.45
N ARG A 60 0.92 3.38 -6.84
CA ARG A 60 0.91 1.95 -7.17
C ARG A 60 1.31 1.07 -5.97
N ARG A 61 1.65 1.69 -4.85
CA ARG A 61 2.19 0.96 -3.71
C ARG A 61 1.30 1.07 -2.47
N TYR A 62 0.03 1.42 -2.63
CA TYR A 62 -0.84 1.61 -1.46
C TYR A 62 -2.27 1.09 -1.60
N CYS A 63 -2.86 0.89 -0.42
CA CYS A 63 -4.30 0.65 -0.28
C CYS A 63 -5.12 1.89 -0.63
N LYS A 64 -6.25 1.64 -1.28
CA LYS A 64 -7.13 2.72 -1.70
C LYS A 64 -7.68 3.50 -0.50
N LYS A 65 -8.11 2.77 0.53
CA LYS A 65 -8.55 3.43 1.77
C LYS A 65 -7.39 3.78 2.70
N CYS A 66 -6.57 2.76 3.00
CA CYS A 66 -5.61 2.83 4.08
C CYS A 66 -4.44 3.73 3.70
N HIS A 67 -4.19 3.71 2.40
CA HIS A 67 -3.03 4.37 1.81
C HIS A 67 -1.76 3.64 2.26
N ALA A 68 -1.95 2.56 3.00
CA ALA A 68 -0.83 1.80 3.55
C ALA A 68 -0.09 1.03 2.46
N PHE A 69 1.20 0.79 2.67
CA PHE A 69 2.06 0.27 1.61
C PHE A 69 1.59 -1.14 1.20
N LEU A 70 1.41 -1.37 -0.10
CA LEU A 70 0.93 -2.67 -0.55
C LEU A 70 2.09 -3.54 -0.98
N VAL A 71 2.43 -4.46 -0.08
CA VAL A 71 3.20 -5.66 -0.39
C VAL A 71 2.54 -6.84 0.32
N PRO A 72 2.38 -8.00 -0.35
CA PRO A 72 1.79 -9.19 0.32
C PRO A 72 2.64 -9.67 1.49
N GLY A 73 1.95 -10.12 2.53
CA GLY A 73 2.57 -10.70 3.72
C GLY A 73 2.78 -9.66 4.82
N ILE A 74 2.62 -8.39 4.47
CA ILE A 74 3.26 -7.32 5.23
C ILE A 74 2.24 -6.55 6.07
N ASN A 75 1.43 -5.72 5.40
CA ASN A 75 0.19 -5.18 5.98
C ASN A 75 -1.04 -5.83 5.37
N ALA A 76 -0.80 -6.80 4.49
CA ALA A 76 -1.83 -7.35 3.62
C ALA A 76 -1.37 -8.72 3.17
N ARG A 77 -2.32 -9.59 2.87
CA ARG A 77 -2.03 -10.98 2.48
C ARG A 77 -2.75 -11.29 1.18
N VAL A 78 -2.10 -12.08 0.35
CA VAL A 78 -2.63 -12.42 -0.96
C VAL A 78 -2.71 -13.94 -1.11
N ARG A 79 -3.87 -14.36 -1.62
CA ARG A 79 -4.09 -15.76 -1.99
C ARG A 79 -4.15 -15.84 -3.50
N LEU A 80 -3.39 -16.78 -4.06
CA LEU A 80 -3.37 -16.93 -5.50
C LEU A 80 -4.18 -18.18 -5.87
N ARG A 81 -5.16 -17.99 -6.73
CA ARG A 81 -6.07 -19.07 -7.11
C ARG A 81 -5.90 -19.42 -8.59
N GLN A 82 -5.90 -20.72 -8.87
CA GLN A 82 -5.71 -21.18 -10.24
C GLN A 82 -6.98 -21.84 -10.76
N LYS A 83 -7.59 -21.06 -11.65
CA LYS A 83 -8.72 -21.45 -12.50
C LYS A 83 -8.33 -20.93 -13.87
N ARG A 84 -9.00 -21.31 -14.97
CA ARG A 84 -8.52 -20.68 -16.21
C ARG A 84 -9.17 -19.31 -16.27
N MET A 85 -8.90 -18.54 -15.20
CA MET A 85 -8.91 -17.08 -15.15
C MET A 85 -7.90 -16.67 -14.07
N PRO A 86 -6.66 -16.21 -14.32
CA PRO A 86 -5.76 -15.97 -13.16
C PRO A 86 -6.37 -14.92 -12.23
N HIS A 87 -6.32 -15.20 -10.93
CA HIS A 87 -6.88 -14.29 -9.93
C HIS A 87 -6.05 -14.33 -8.64
N ILE A 88 -5.90 -13.18 -8.01
CA ILE A 88 -5.39 -13.09 -6.65
C ILE A 88 -6.34 -12.25 -5.80
N VAL A 89 -6.49 -12.62 -4.52
CA VAL A 89 -7.26 -11.81 -3.59
C VAL A 89 -6.37 -11.29 -2.47
N VAL A 90 -6.47 -10.00 -2.21
CA VAL A 90 -5.58 -9.32 -1.28
C VAL A 90 -6.44 -8.72 -0.16
N LYS A 91 -6.02 -8.99 1.07
CA LYS A 91 -6.70 -8.44 2.24
C LYS A 91 -5.67 -7.55 2.94
N CYS A 92 -5.98 -6.27 3.10
CA CYS A 92 -5.05 -5.37 3.78
C CYS A 92 -5.65 -4.97 5.11
N LEU A 93 -4.87 -5.20 6.17
CA LEU A 93 -5.39 -5.29 7.51
C LEU A 93 -6.02 -3.96 7.91
N GLU A 94 -5.37 -2.86 7.50
CA GLU A 94 -5.73 -1.53 8.00
C GLU A 94 -7.16 -1.19 7.55
N CYS A 95 -7.55 -1.59 6.34
CA CYS A 95 -8.96 -1.48 5.96
C CYS A 95 -9.76 -2.61 6.64
N GLY A 96 -9.09 -3.74 6.78
CA GLY A 96 -9.74 -4.97 7.23
C GLY A 96 -10.47 -5.66 6.07
N HIS A 97 -10.23 -5.20 4.84
CA HIS A 97 -11.10 -5.54 3.72
C HIS A 97 -10.35 -6.27 2.61
N ILE A 98 -11.08 -7.15 1.92
CA ILE A 98 -10.54 -7.97 0.84
C ILE A 98 -10.74 -7.30 -0.52
N MET A 99 -9.62 -7.22 -1.25
CA MET A 99 -9.58 -6.68 -2.60
C MET A 99 -9.25 -7.79 -3.59
N ARG A 100 -9.96 -7.77 -4.72
CA ARG A 100 -9.72 -8.73 -5.79
C ARG A 100 -8.84 -8.09 -6.86
N TYR A 101 -7.82 -8.82 -7.30
CA TYR A 101 -7.03 -8.40 -8.44
C TYR A 101 -7.11 -9.47 -9.53
N PRO A 102 -7.98 -9.27 -10.52
CA PRO A 102 -7.97 -10.10 -11.76
C PRO A 102 -6.66 -9.97 -12.51
N TYR A 103 -6.20 -11.06 -13.10
CA TYR A 103 -5.07 -11.01 -14.03
C TYR A 103 -5.32 -11.92 -15.23
N ILE A 104 -5.16 -11.35 -16.43
CA ILE A 104 -5.38 -12.11 -17.67
C ILE A 104 -4.11 -12.14 -18.52
N LYS A 105 -3.77 -13.36 -18.94
CA LYS A 105 -2.60 -13.64 -19.76
C LYS A 105 -2.08 -12.41 -20.51
ZN ZN B . -6.26 -1.41 3.36
N LYS A 15 8.32 15.52 -2.02
CA LYS A 15 9.42 14.96 -2.84
C LYS A 15 10.48 14.41 -1.89
N GLU A 16 11.43 15.25 -1.48
CA GLU A 16 12.51 14.81 -0.60
C GLU A 16 11.99 14.41 0.78
N ARG A 17 11.02 15.18 1.28
CA ARG A 17 10.34 14.82 2.52
C ARG A 17 9.61 13.48 2.42
N ILE A 18 8.91 13.28 1.30
CA ILE A 18 8.20 12.04 1.04
C ILE A 18 9.19 10.87 0.95
N ASP A 19 10.28 11.11 0.23
CA ASP A 19 11.30 10.09 0.03
C ASP A 19 11.96 9.68 1.36
N ILE A 20 12.19 10.66 2.22
CA ILE A 20 12.59 10.38 3.60
C ILE A 20 11.49 9.64 4.38
N LEU A 21 10.25 10.09 4.19
CA LEU A 21 9.10 9.51 4.85
C LEU A 21 8.93 8.06 4.40
N PHE A 22 9.18 7.83 3.11
CA PHE A 22 9.01 6.52 2.49
C PHE A 22 9.88 5.47 3.19
N SER A 23 11.13 5.80 3.46
CA SER A 23 12.03 4.93 4.20
C SER A 23 11.49 4.64 5.60
N LEU A 24 10.99 5.70 6.26
CA LEU A 24 10.37 5.52 7.58
C LEU A 24 9.12 4.64 7.50
N ALA A 25 8.32 4.86 6.46
CA ALA A 25 7.11 4.08 6.25
C ALA A 25 7.46 2.62 6.02
N GLU A 26 8.55 2.41 5.30
CA GLU A 26 8.98 1.06 4.96
C GLU A 26 9.41 0.27 6.20
N ARG A 27 10.13 0.92 7.11
CA ARG A 27 10.54 0.27 8.36
C ARG A 27 9.34 -0.09 9.26
N VAL A 28 8.41 0.85 9.41
CA VAL A 28 7.23 0.63 10.24
C VAL A 28 6.37 -0.48 9.65
N PHE A 29 6.30 -0.46 8.32
CA PHE A 29 5.38 -1.28 7.56
C PHE A 29 5.38 -2.75 8.01
N PRO A 30 6.53 -3.46 7.96
CA PRO A 30 6.67 -4.83 8.54
C PRO A 30 6.43 -4.93 10.05
N TYR A 31 6.81 -3.90 10.81
CA TYR A 31 6.56 -3.90 12.25
C TYR A 31 5.09 -3.87 12.62
N SER A 32 4.31 -3.04 11.93
CA SER A 32 2.93 -2.79 12.30
C SER A 32 2.18 -2.12 11.15
N PRO A 33 1.18 -2.82 10.56
CA PRO A 33 0.26 -2.23 9.53
C PRO A 33 -0.45 -0.98 10.04
N GLU A 34 -0.84 -1.00 11.31
CA GLU A 34 -1.51 0.15 11.92
C GLU A 34 -0.61 1.38 12.02
N LEU A 35 0.62 1.16 12.47
CA LEU A 35 1.59 2.26 12.58
C LEU A 35 1.93 2.84 11.21
N ALA A 36 2.10 1.93 10.25
CA ALA A 36 2.38 2.27 8.87
C ALA A 36 1.22 3.07 8.26
N LYS A 37 0.01 2.72 8.71
CA LYS A 37 -1.21 3.35 8.23
C LYS A 37 -1.14 4.85 8.51
N ARG A 38 -0.72 5.20 9.72
CA ARG A 38 -0.56 6.61 10.08
C ARG A 38 0.54 7.30 9.27
N TYR A 39 1.68 6.64 9.10
CA TYR A 39 2.81 7.23 8.37
C TYR A 39 2.50 7.50 6.90
N VAL A 40 1.89 6.52 6.24
CA VAL A 40 1.50 6.67 4.83
C VAL A 40 0.43 7.74 4.69
N GLU A 41 -0.54 7.69 5.60
CA GLU A 41 -1.73 8.52 5.48
C GLU A 41 -1.33 9.98 5.57
N LEU A 42 -0.35 10.16 6.46
CA LEU A 42 0.41 11.39 6.59
C LEU A 42 1.18 11.70 5.29
N ALA A 43 1.77 10.68 4.69
CA ALA A 43 2.51 10.87 3.44
C ALA A 43 1.57 11.34 2.32
N LEU A 44 0.36 10.79 2.29
CA LEU A 44 -0.64 11.20 1.31
C LEU A 44 -1.06 12.66 1.49
N LEU A 45 -1.23 13.08 2.74
CA LEU A 45 -1.48 14.49 3.05
C LEU A 45 -0.30 15.36 2.64
N VAL A 46 0.89 14.86 2.90
CA VAL A 46 2.11 15.56 2.49
C VAL A 46 2.16 15.69 0.98
N GLN A 47 1.86 14.60 0.27
CA GLN A 47 2.03 14.57 -1.18
C GLN A 47 1.12 15.57 -1.88
N GLN A 48 -0.16 15.61 -1.48
CA GLN A 48 -1.11 16.54 -2.07
C GLN A 48 -0.72 17.99 -1.77
N LYS A 49 -0.39 18.20 -0.50
CA LYS A 49 -0.02 19.50 0.06
C LYS A 49 1.30 20.04 -0.50
N ALA A 50 2.28 19.14 -0.62
CA ALA A 50 3.54 19.45 -1.31
C ALA A 50 3.33 19.53 -2.81
N LYS A 51 2.19 19.02 -3.27
CA LYS A 51 1.82 19.09 -4.68
C LYS A 51 2.92 18.52 -5.58
N VAL A 52 3.37 17.32 -5.21
CA VAL A 52 4.42 16.63 -5.95
C VAL A 52 3.89 15.31 -6.51
N LYS A 53 4.13 15.08 -7.80
CA LYS A 53 3.63 13.88 -8.47
C LYS A 53 4.77 12.87 -8.62
N ILE A 54 4.40 11.61 -8.45
CA ILE A 54 5.35 10.50 -8.49
C ILE A 54 4.67 9.29 -9.13
N PRO A 55 5.01 8.95 -10.38
CA PRO A 55 4.20 7.99 -11.18
C PRO A 55 4.01 6.65 -10.48
N ARG A 56 5.06 6.20 -9.79
CA ARG A 56 5.00 4.88 -9.15
C ARG A 56 5.33 4.88 -7.65
N LYS A 57 6.07 5.87 -7.14
CA LYS A 57 6.72 5.67 -5.83
C LYS A 57 5.75 5.46 -4.68
N TRP A 58 4.70 6.28 -4.59
CA TRP A 58 3.71 6.09 -3.53
C TRP A 58 2.38 5.58 -4.05
N LYS A 59 2.06 5.99 -5.27
CA LYS A 59 0.78 5.64 -5.88
C LYS A 59 0.61 4.14 -6.10
N ARG A 60 1.69 3.50 -6.53
CA ARG A 60 1.66 2.08 -6.86
C ARG A 60 2.07 1.20 -5.68
N ARG A 61 2.42 1.84 -4.55
CA ARG A 61 2.97 1.11 -3.40
C ARG A 61 2.06 1.16 -2.16
N TYR A 62 0.79 1.54 -2.32
CA TYR A 62 -0.07 1.72 -1.15
C TYR A 62 -1.49 1.19 -1.40
N CYS A 63 -2.20 0.89 -0.31
CA CYS A 63 -3.60 0.50 -0.36
C CYS A 63 -4.48 1.73 -0.55
N LYS A 64 -5.49 1.58 -1.40
CA LYS A 64 -6.44 2.67 -1.62
C LYS A 64 -7.20 3.03 -0.37
N LYS A 65 -7.64 2.00 0.37
CA LYS A 65 -8.29 2.23 1.66
C LYS A 65 -7.34 2.41 2.85
N CYS A 66 -6.25 1.63 2.97
CA CYS A 66 -5.50 1.66 4.23
C CYS A 66 -4.80 3.01 4.35
N HIS A 67 -4.39 3.47 3.17
CA HIS A 67 -3.48 4.61 3.13
C HIS A 67 -2.15 4.14 3.72
N ALA A 68 -1.83 2.89 3.36
CA ALA A 68 -0.69 2.16 3.93
C ALA A 68 0.13 1.56 2.80
N PHE A 69 1.40 1.26 3.09
CA PHE A 69 2.29 0.70 2.07
C PHE A 69 1.78 -0.69 1.66
N LEU A 70 1.67 -0.92 0.36
CA LEU A 70 1.08 -2.14 -0.16
C LEU A 70 2.20 -3.04 -0.68
N VAL A 71 2.49 -4.06 0.12
CA VAL A 71 3.25 -5.24 -0.29
C VAL A 71 2.53 -6.46 0.29
N PRO A 72 2.35 -7.56 -0.48
CA PRO A 72 1.80 -8.81 0.12
C PRO A 72 2.70 -9.37 1.23
N GLY A 73 2.03 -9.92 2.24
CA GLY A 73 2.70 -10.59 3.35
C GLY A 73 2.84 -9.71 4.59
N ILE A 74 2.72 -8.39 4.43
CA ILE A 74 3.05 -7.51 5.57
C ILE A 74 1.79 -6.87 6.18
N ASN A 75 1.24 -5.87 5.48
CA ASN A 75 0.02 -5.21 5.93
C ASN A 75 -1.22 -5.81 5.28
N ALA A 76 -0.91 -6.72 4.38
CA ALA A 76 -1.89 -7.26 3.47
C ALA A 76 -1.33 -8.58 2.95
N ARG A 77 -2.23 -9.50 2.61
CA ARG A 77 -1.81 -10.80 2.11
C ARG A 77 -2.60 -11.13 0.85
N VAL A 78 -1.91 -11.75 -0.11
CA VAL A 78 -2.49 -12.05 -1.40
C VAL A 78 -2.37 -13.54 -1.67
N ARG A 79 -3.49 -14.12 -2.09
CA ARG A 79 -3.47 -15.51 -2.52
C ARG A 79 -3.75 -15.53 -4.01
N LEU A 80 -2.93 -16.30 -4.71
CA LEU A 80 -2.98 -16.29 -6.16
C LEU A 80 -3.73 -17.54 -6.58
N ARG A 81 -4.79 -17.33 -7.36
CA ARG A 81 -5.73 -18.40 -7.68
C ARG A 81 -5.50 -18.85 -9.13
N GLN A 82 -5.46 -20.17 -9.30
CA GLN A 82 -5.06 -20.76 -10.57
C GLN A 82 -6.21 -21.58 -11.15
N LYS A 83 -7.21 -20.81 -11.55
CA LYS A 83 -8.30 -21.24 -12.44
C LYS A 83 -7.96 -20.66 -13.81
N ARG A 84 -8.61 -21.12 -14.89
CA ARG A 84 -8.35 -20.41 -16.14
C ARG A 84 -9.25 -19.17 -16.09
N MET A 85 -8.97 -18.38 -15.06
CA MET A 85 -9.13 -16.94 -14.99
C MET A 85 -8.01 -16.44 -14.08
N PRO A 86 -6.99 -15.69 -14.52
CA PRO A 86 -5.98 -15.27 -13.50
C PRO A 86 -6.68 -14.42 -12.44
N HIS A 87 -6.35 -14.65 -11.17
CA HIS A 87 -7.00 -13.91 -10.10
C HIS A 87 -6.19 -13.98 -8.81
N ILE A 88 -6.12 -12.84 -8.13
CA ILE A 88 -5.47 -12.74 -6.83
C ILE A 88 -6.43 -12.09 -5.84
N VAL A 89 -6.37 -12.53 -4.58
CA VAL A 89 -7.22 -11.94 -3.55
C VAL A 89 -6.36 -11.24 -2.51
N VAL A 90 -6.73 -9.99 -2.22
CA VAL A 90 -5.90 -9.12 -1.39
C VAL A 90 -6.75 -8.66 -0.21
N LYS A 91 -6.18 -8.77 0.97
CA LYS A 91 -6.81 -8.27 2.18
C LYS A 91 -5.77 -7.54 3.02
N CYS A 92 -6.15 -6.37 3.55
CA CYS A 92 -5.24 -5.58 4.38
C CYS A 92 -5.79 -5.45 5.79
N LEU A 93 -4.90 -5.63 6.77
CA LEU A 93 -5.23 -5.63 8.19
C LEU A 93 -5.77 -4.27 8.64
N GLU A 94 -5.11 -3.24 8.12
CA GLU A 94 -5.47 -1.85 8.43
C GLU A 94 -6.86 -1.51 7.89
N CYS A 95 -7.22 -2.06 6.73
CA CYS A 95 -8.61 -1.97 6.22
C CYS A 95 -9.51 -2.92 6.99
N GLY A 96 -8.92 -4.07 7.33
CA GLY A 96 -9.69 -5.20 7.87
C GLY A 96 -10.48 -5.89 6.77
N HIS A 97 -10.28 -5.47 5.52
CA HIS A 97 -11.18 -5.82 4.41
C HIS A 97 -10.44 -6.50 3.25
N ILE A 98 -11.16 -7.37 2.54
CA ILE A 98 -10.61 -8.13 1.41
C ILE A 98 -11.10 -7.59 0.08
N MET A 99 -10.15 -7.46 -0.85
CA MET A 99 -10.43 -7.07 -2.22
C MET A 99 -10.05 -8.18 -3.20
N ARG A 100 -10.86 -8.32 -4.24
CA ARG A 100 -10.61 -9.26 -5.32
C ARG A 100 -10.09 -8.49 -6.54
N TYR A 101 -9.05 -9.02 -7.18
CA TYR A 101 -8.47 -8.40 -8.37
C TYR A 101 -8.42 -9.39 -9.53
N PRO A 102 -9.36 -9.33 -10.46
CA PRO A 102 -9.28 -10.12 -11.73
C PRO A 102 -8.06 -9.71 -12.55
N TYR A 103 -7.44 -10.70 -13.17
CA TYR A 103 -6.50 -10.49 -14.27
C TYR A 103 -6.79 -11.37 -15.47
N ILE A 104 -6.62 -10.74 -16.63
CA ILE A 104 -6.76 -11.42 -17.92
C ILE A 104 -5.45 -11.34 -18.69
N LYS A 105 -5.02 -12.51 -19.19
CA LYS A 105 -3.79 -12.63 -19.95
C LYS A 105 -3.48 -11.38 -20.77
ZN ZN B . -6.34 -1.58 2.85
N LYS A 15 10.57 16.16 -3.55
CA LYS A 15 10.78 14.72 -3.86
C LYS A 15 11.64 14.07 -2.78
N GLU A 16 12.77 14.71 -2.46
CA GLU A 16 13.69 14.15 -1.49
C GLU A 16 13.05 14.11 -0.11
N ARG A 17 12.31 15.15 0.24
CA ARG A 17 11.69 15.25 1.55
C ARG A 17 10.68 14.12 1.78
N ILE A 18 9.87 13.88 0.77
CA ILE A 18 8.87 12.80 0.82
C ILE A 18 9.55 11.43 0.78
N ASP A 19 10.61 11.32 -0.02
CA ASP A 19 11.29 10.04 -0.24
C ASP A 19 11.90 9.53 1.07
N ILE A 20 12.38 10.46 1.90
CA ILE A 20 12.84 10.11 3.24
C ILE A 20 11.67 9.56 4.07
N LEU A 21 10.53 10.22 3.95
CA LEU A 21 9.30 9.84 4.62
C LEU A 21 8.84 8.45 4.16
N PHE A 22 8.97 8.21 2.86
CA PHE A 22 8.70 6.91 2.26
C PHE A 22 9.56 5.83 2.91
N SER A 23 10.85 6.12 3.11
CA SER A 23 11.74 5.20 3.79
C SER A 23 11.22 4.92 5.20
N LEU A 24 10.75 5.95 5.89
CA LEU A 24 10.21 5.78 7.24
C LEU A 24 8.99 4.86 7.22
N ALA A 25 8.13 5.04 6.23
CA ALA A 25 6.95 4.19 6.09
C ALA A 25 7.37 2.75 5.84
N GLU A 26 8.42 2.57 5.03
CA GLU A 26 8.81 1.23 4.63
C GLU A 26 9.30 0.39 5.82
N ARG A 27 10.11 0.96 6.71
CA ARG A 27 10.55 0.20 7.88
C ARG A 27 9.43 -0.18 8.83
N VAL A 28 8.53 0.78 9.10
CA VAL A 28 7.40 0.52 9.98
C VAL A 28 6.47 -0.50 9.34
N PHE A 29 6.37 -0.42 8.01
CA PHE A 29 5.40 -1.19 7.26
C PHE A 29 5.40 -2.68 7.61
N PRO A 30 6.52 -3.40 7.44
CA PRO A 30 6.63 -4.80 7.95
C PRO A 30 6.51 -4.94 9.47
N TYR A 31 6.97 -3.92 10.20
CA TYR A 31 6.99 -3.99 11.65
C TYR A 31 5.58 -4.11 12.22
N SER A 32 4.68 -3.27 11.72
CA SER A 32 3.31 -3.20 12.20
C SER A 32 2.44 -2.46 11.19
N PRO A 33 1.49 -3.17 10.58
CA PRO A 33 0.60 -2.55 9.54
C PRO A 33 -0.11 -1.29 10.06
N GLU A 34 -0.54 -1.35 11.31
CA GLU A 34 -1.27 -0.23 11.92
C GLU A 34 -0.39 1.01 12.08
N LEU A 35 0.86 0.82 12.51
CA LEU A 35 1.78 1.95 12.66
C LEU A 35 2.05 2.60 11.31
N ALA A 36 2.23 1.75 10.30
CA ALA A 36 2.48 2.19 8.93
C ALA A 36 1.29 2.97 8.41
N LYS A 37 0.11 2.53 8.82
CA LYS A 37 -1.15 3.14 8.40
C LYS A 37 -1.19 4.59 8.84
N ARG A 38 -0.83 4.86 10.09
CA ARG A 38 -0.73 6.23 10.57
C ARG A 38 0.38 7.02 9.88
N TYR A 39 1.54 6.39 9.67
CA TYR A 39 2.66 7.07 9.02
C TYR A 39 2.37 7.49 7.59
N VAL A 40 1.73 6.61 6.82
CA VAL A 40 1.48 6.91 5.41
C VAL A 40 0.54 8.10 5.28
N GLU A 41 -0.52 8.11 6.08
CA GLU A 41 -1.57 9.12 5.94
C GLU A 41 -1.01 10.50 6.27
N LEU A 42 0.02 10.49 7.09
CA LEU A 42 0.94 11.61 7.19
C LEU A 42 1.65 11.88 5.86
N ALA A 43 2.11 10.85 5.16
CA ALA A 43 2.80 11.07 3.90
C ALA A 43 1.89 11.69 2.83
N LEU A 44 0.65 11.23 2.75
CA LEU A 44 -0.31 11.78 1.79
C LEU A 44 -0.62 13.24 2.07
N LEU A 45 -0.79 13.58 3.34
CA LEU A 45 -0.96 14.98 3.75
C LEU A 45 0.28 15.78 3.40
N VAL A 46 1.46 15.21 3.64
CA VAL A 46 2.71 15.82 3.21
C VAL A 46 2.74 15.95 1.69
N GLN A 47 2.35 14.90 0.98
CA GLN A 47 2.51 14.85 -0.48
C GLN A 47 1.71 15.94 -1.19
N GLN A 48 0.46 16.12 -0.80
CA GLN A 48 -0.34 17.22 -1.31
C GLN A 48 0.22 18.58 -0.89
N LYS A 49 0.55 18.67 0.40
CA LYS A 49 1.00 19.89 1.04
C LYS A 49 2.36 20.38 0.51
N ALA A 50 3.28 19.43 0.34
CA ALA A 50 4.58 19.70 -0.29
C ALA A 50 4.42 19.84 -1.80
N LYS A 51 3.26 19.44 -2.31
CA LYS A 51 2.95 19.58 -3.73
C LYS A 51 3.99 18.88 -4.60
N VAL A 52 4.14 17.58 -4.37
CA VAL A 52 5.10 16.79 -5.14
C VAL A 52 4.36 15.72 -5.93
N LYS A 53 4.67 15.65 -7.21
CA LYS A 53 4.09 14.65 -8.09
C LYS A 53 4.79 13.32 -7.90
N ILE A 54 4.01 12.25 -7.94
CA ILE A 54 4.55 10.90 -7.89
C ILE A 54 3.82 10.01 -8.89
N PRO A 55 4.47 9.66 -10.01
CA PRO A 55 3.85 8.75 -11.03
C PRO A 55 3.39 7.41 -10.46
N ARG A 56 4.21 6.81 -9.59
CA ARG A 56 3.89 5.50 -9.06
C ARG A 56 4.18 5.34 -7.57
N LYS A 57 5.11 6.10 -6.99
CA LYS A 57 5.72 5.68 -5.72
C LYS A 57 4.70 5.58 -4.59
N TRP A 58 3.81 6.56 -4.48
CA TRP A 58 2.79 6.50 -3.43
C TRP A 58 1.41 6.15 -3.99
N LYS A 59 1.14 6.61 -5.21
CA LYS A 59 -0.16 6.39 -5.81
C LYS A 59 -0.45 4.91 -6.04
N ARG A 60 0.57 4.20 -6.53
CA ARG A 60 0.40 2.81 -6.94
C ARG A 60 0.87 1.83 -5.86
N ARG A 61 1.34 2.35 -4.73
CA ARG A 61 1.92 1.52 -3.69
C ARG A 61 1.08 1.51 -2.39
N TYR A 62 -0.17 1.94 -2.44
CA TYR A 62 -0.96 2.02 -1.21
C TYR A 62 -2.44 1.66 -1.35
N CYS A 63 -3.02 1.37 -0.19
CA CYS A 63 -4.45 1.06 -0.08
C CYS A 63 -5.31 2.30 -0.31
N LYS A 64 -6.44 2.09 -0.98
CA LYS A 64 -7.30 3.21 -1.31
C LYS A 64 -7.85 3.89 -0.06
N LYS A 65 -8.26 3.09 0.93
CA LYS A 65 -8.71 3.64 2.21
C LYS A 65 -7.57 3.92 3.18
N CYS A 66 -6.73 2.90 3.37
CA CYS A 66 -5.76 2.88 4.45
C CYS A 66 -4.63 3.85 4.16
N HIS A 67 -4.35 3.96 2.87
CA HIS A 67 -3.19 4.68 2.36
C HIS A 67 -1.92 3.94 2.76
N ALA A 68 -2.10 2.79 3.39
CA ALA A 68 -0.98 1.96 3.85
C ALA A 68 -0.27 1.27 2.69
N PHE A 69 1.04 1.05 2.87
CA PHE A 69 1.91 0.66 1.76
C PHE A 69 1.54 -0.75 1.31
N LEU A 70 1.33 -0.94 0.01
CA LEU A 70 0.58 -2.12 -0.42
C LEU A 70 1.57 -3.16 -0.95
N VAL A 71 1.97 -4.07 -0.07
CA VAL A 71 2.79 -5.22 -0.44
C VAL A 71 2.24 -6.48 0.23
N PRO A 72 2.08 -7.59 -0.51
CA PRO A 72 1.52 -8.83 0.08
C PRO A 72 2.38 -9.39 1.22
N GLY A 73 1.71 -9.95 2.20
CA GLY A 73 2.34 -10.62 3.34
C GLY A 73 2.47 -9.68 4.53
N ILE A 74 2.36 -8.37 4.25
CA ILE A 74 2.95 -7.37 5.14
C ILE A 74 1.87 -6.63 5.94
N ASN A 75 1.13 -5.72 5.29
CA ASN A 75 -0.05 -5.10 5.89
C ASN A 75 -1.30 -5.67 5.25
N ALA A 76 -1.05 -6.63 4.36
CA ALA A 76 -2.05 -7.16 3.43
C ALA A 76 -1.56 -8.50 2.93
N ARG A 77 -2.47 -9.39 2.57
CA ARG A 77 -2.07 -10.71 2.12
C ARG A 77 -2.75 -11.04 0.81
N VAL A 78 -2.04 -11.75 -0.07
CA VAL A 78 -2.62 -12.18 -1.32
C VAL A 78 -2.51 -13.70 -1.45
N ARG A 79 -3.62 -14.34 -1.79
CA ARG A 79 -3.59 -15.72 -2.25
C ARG A 79 -3.71 -15.74 -3.76
N LEU A 80 -2.91 -16.60 -4.39
CA LEU A 80 -3.00 -16.79 -5.83
C LEU A 80 -3.61 -18.17 -6.10
N ARG A 81 -4.72 -18.19 -6.83
CA ARG A 81 -5.42 -19.45 -7.12
C ARG A 81 -5.23 -19.83 -8.58
N GLN A 82 -5.02 -21.12 -8.82
CA GLN A 82 -4.80 -21.60 -10.18
C GLN A 82 -6.02 -22.37 -10.66
N LYS A 83 -6.63 -21.73 -11.64
CA LYS A 83 -7.72 -22.26 -12.47
C LYS A 83 -7.31 -21.89 -13.89
N ARG A 84 -7.93 -22.38 -14.97
CA ARG A 84 -7.57 -21.69 -16.21
C ARG A 84 -8.44 -20.44 -16.29
N MET A 85 -8.27 -19.64 -15.23
CA MET A 85 -8.28 -18.19 -15.21
C MET A 85 -7.30 -17.81 -14.10
N PRO A 86 -6.25 -16.99 -14.27
CA PRO A 86 -5.53 -16.51 -13.06
C PRO A 86 -6.44 -15.70 -12.16
N HIS A 87 -6.29 -15.90 -10.86
CA HIS A 87 -7.07 -15.15 -9.87
C HIS A 87 -6.21 -14.92 -8.62
N ILE A 88 -6.24 -13.70 -8.09
CA ILE A 88 -5.64 -13.42 -6.78
C ILE A 88 -6.62 -12.67 -5.89
N VAL A 89 -6.59 -12.93 -4.59
CA VAL A 89 -7.43 -12.20 -3.64
C VAL A 89 -6.56 -11.40 -2.67
N VAL A 90 -6.90 -10.12 -2.49
CA VAL A 90 -6.09 -9.20 -1.70
C VAL A 90 -6.92 -8.69 -0.54
N LYS A 91 -6.35 -8.76 0.65
CA LYS A 91 -7.01 -8.26 1.85
C LYS A 91 -6.01 -7.48 2.68
N CYS A 92 -6.30 -6.21 2.98
CA CYS A 92 -5.32 -5.37 3.65
C CYS A 92 -5.84 -5.04 5.04
N LEU A 93 -4.97 -5.26 6.02
CA LEU A 93 -5.40 -5.40 7.41
C LEU A 93 -6.02 -4.08 7.86
N GLU A 94 -5.43 -2.97 7.47
CA GLU A 94 -5.80 -1.68 8.06
C GLU A 94 -7.24 -1.36 7.69
N CYS A 95 -7.64 -1.65 6.46
CA CYS A 95 -9.04 -1.49 6.09
C CYS A 95 -9.82 -2.66 6.69
N GLY A 96 -9.17 -3.83 6.74
CA GLY A 96 -9.84 -5.06 7.16
C GLY A 96 -10.71 -5.65 6.04
N HIS A 97 -10.47 -5.22 4.81
CA HIS A 97 -11.34 -5.57 3.69
C HIS A 97 -10.59 -6.36 2.61
N ILE A 98 -11.33 -7.23 1.93
CA ILE A 98 -10.80 -8.11 0.88
C ILE A 98 -11.34 -7.73 -0.49
N MET A 99 -10.43 -7.63 -1.44
CA MET A 99 -10.76 -7.45 -2.85
C MET A 99 -10.21 -8.60 -3.68
N ARG A 100 -10.91 -8.93 -4.76
CA ARG A 100 -10.47 -9.96 -5.70
C ARG A 100 -10.03 -9.30 -7.00
N TYR A 101 -8.82 -9.63 -7.46
CA TYR A 101 -8.33 -9.13 -8.74
C TYR A 101 -8.04 -10.30 -9.67
N PRO A 102 -8.97 -10.60 -10.60
CA PRO A 102 -8.66 -11.53 -11.72
C PRO A 102 -7.59 -11.00 -12.68
N TYR A 103 -6.76 -11.92 -13.17
CA TYR A 103 -5.89 -11.65 -14.31
C TYR A 103 -6.07 -12.69 -15.41
N ILE A 104 -6.00 -12.22 -16.66
CA ILE A 104 -6.08 -13.12 -17.81
C ILE A 104 -4.90 -12.93 -18.76
N LYS A 105 -4.68 -13.95 -19.58
CA LYS A 105 -3.57 -13.93 -20.55
C LYS A 105 -4.03 -13.35 -21.88
ZN ZN B . -6.40 -1.35 3.41
N LYS A 15 9.14 15.71 -3.05
CA LYS A 15 10.61 15.69 -3.29
C LYS A 15 11.30 14.92 -2.16
N GLU A 16 12.30 15.53 -1.53
CA GLU A 16 13.08 14.86 -0.50
C GLU A 16 12.22 14.56 0.72
N ARG A 17 11.32 15.50 1.06
CA ARG A 17 10.50 15.38 2.26
C ARG A 17 9.58 14.16 2.24
N ILE A 18 8.94 13.93 1.08
CA ILE A 18 8.06 12.77 0.92
C ILE A 18 8.88 11.48 0.95
N ASP A 19 10.05 11.55 0.32
CA ASP A 19 10.93 10.40 0.14
C ASP A 19 11.36 9.85 1.50
N ILE A 20 11.61 10.76 2.45
CA ILE A 20 11.96 10.39 3.82
C ILE A 20 10.80 9.63 4.48
N LEU A 21 9.58 10.14 4.28
CA LEU A 21 8.39 9.47 4.80
C LEU A 21 8.22 8.09 4.18
N PHE A 22 8.49 7.98 2.88
CA PHE A 22 8.45 6.69 2.20
C PHE A 22 9.44 5.70 2.82
N SER A 23 10.67 6.15 3.06
CA SER A 23 11.68 5.30 3.70
C SER A 23 11.23 4.86 5.09
N LEU A 24 10.67 5.82 5.84
CA LEU A 24 10.13 5.52 7.16
C LEU A 24 8.96 4.54 7.07
N ALA A 25 8.09 4.75 6.07
CA ALA A 25 6.88 3.95 5.94
C ALA A 25 7.24 2.49 5.67
N GLU A 26 8.29 2.30 4.86
CA GLU A 26 8.69 0.95 4.48
C GLU A 26 9.22 0.16 5.68
N ARG A 27 10.03 0.80 6.53
CA ARG A 27 10.56 0.11 7.72
C ARG A 27 9.46 -0.29 8.70
N VAL A 28 8.52 0.64 8.95
CA VAL A 28 7.41 0.37 9.86
C VAL A 28 6.53 -0.72 9.26
N PHE A 29 6.39 -0.64 7.93
CA PHE A 29 5.43 -1.45 7.19
C PHE A 29 5.49 -2.92 7.61
N PRO A 30 6.64 -3.62 7.49
CA PRO A 30 6.80 -4.98 8.07
C PRO A 30 6.65 -5.04 9.59
N TYR A 31 7.08 -3.99 10.27
CA TYR A 31 7.06 -3.98 11.73
C TYR A 31 5.62 -4.09 12.25
N SER A 32 4.76 -3.26 11.69
CA SER A 32 3.37 -3.16 12.13
C SER A 32 2.56 -2.44 11.06
N PRO A 33 1.60 -3.11 10.42
CA PRO A 33 0.71 -2.44 9.41
C PRO A 33 -0.01 -1.22 9.99
N GLU A 34 -0.43 -1.33 11.25
CA GLU A 34 -1.19 -0.27 11.90
C GLU A 34 -0.36 0.99 12.09
N LEU A 35 0.90 0.81 12.51
CA LEU A 35 1.83 1.92 12.62
C LEU A 35 2.10 2.53 11.23
N ALA A 36 2.25 1.64 10.26
CA ALA A 36 2.49 2.03 8.87
C ALA A 36 1.32 2.83 8.33
N LYS A 37 0.11 2.48 8.76
CA LYS A 37 -1.10 3.15 8.28
C LYS A 37 -1.06 4.63 8.63
N ARG A 38 -0.75 4.91 9.90
CA ARG A 38 -0.76 6.27 10.40
C ARG A 38 0.32 7.14 9.76
N TYR A 39 1.51 6.56 9.60
CA TYR A 39 2.61 7.25 8.94
C TYR A 39 2.32 7.61 7.49
N VAL A 40 1.77 6.66 6.73
CA VAL A 40 1.46 6.91 5.33
C VAL A 40 0.38 7.98 5.19
N GLU A 41 -0.67 7.89 6.01
CA GLU A 41 -1.81 8.79 5.89
C GLU A 41 -1.36 10.22 6.14
N LEU A 42 -0.34 10.32 7.00
CA LEU A 42 0.46 11.52 7.12
C LEU A 42 1.20 11.86 5.82
N ALA A 43 1.79 10.86 5.16
CA ALA A 43 2.53 11.09 3.92
C ALA A 43 1.63 11.60 2.79
N LEU A 44 0.42 11.06 2.68
CA LEU A 44 -0.55 11.53 1.69
C LEU A 44 -0.95 12.97 1.96
N LEU A 45 -1.14 13.30 3.24
CA LEU A 45 -1.49 14.67 3.65
C LEU A 45 -0.35 15.61 3.28
N VAL A 46 0.87 15.14 3.52
CA VAL A 46 2.08 15.88 3.13
C VAL A 46 2.10 16.04 1.61
N GLN A 47 1.80 14.95 0.89
CA GLN A 47 2.05 14.90 -0.54
C GLN A 47 1.26 15.96 -1.30
N GLN A 48 -0.02 16.12 -0.95
CA GLN A 48 -0.83 17.18 -1.56
C GLN A 48 -0.32 18.56 -1.17
N LYS A 49 0.07 18.72 0.09
CA LYS A 49 0.61 19.98 0.60
C LYS A 49 1.93 20.32 -0.09
N ALA A 50 2.77 19.30 -0.25
CA ALA A 50 4.03 19.45 -0.97
C ALA A 50 3.80 19.57 -2.48
N LYS A 51 2.59 19.25 -2.94
CA LYS A 51 2.26 19.34 -4.36
C LYS A 51 3.28 18.63 -5.24
N VAL A 52 3.62 17.39 -4.88
CA VAL A 52 4.56 16.61 -5.67
C VAL A 52 3.86 15.37 -6.24
N LYS A 53 4.03 15.18 -7.55
CA LYS A 53 3.45 14.04 -8.25
C LYS A 53 4.47 12.91 -8.33
N ILE A 54 4.03 11.71 -7.98
CA ILE A 54 4.86 10.53 -8.14
C ILE A 54 4.07 9.43 -8.85
N PRO A 55 4.38 9.18 -10.13
CA PRO A 55 3.52 8.31 -11.01
C PRO A 55 3.28 6.93 -10.41
N ARG A 56 4.32 6.39 -9.75
CA ARG A 56 4.23 5.03 -9.23
C ARG A 56 4.61 4.92 -7.75
N LYS A 57 5.43 5.84 -7.23
CA LYS A 57 6.11 5.57 -5.96
C LYS A 57 5.14 5.40 -4.80
N TRP A 58 4.13 6.26 -4.68
CA TRP A 58 3.06 5.98 -3.73
C TRP A 58 1.85 5.38 -4.43
N LYS A 59 1.66 5.78 -5.68
CA LYS A 59 0.41 5.54 -6.40
C LYS A 59 0.16 4.05 -6.57
N ARG A 60 1.24 3.34 -6.93
CA ARG A 60 1.17 1.91 -7.20
C ARG A 60 1.57 1.05 -5.99
N ARG A 61 1.95 1.68 -4.88
CA ARG A 61 2.44 0.93 -3.72
C ARG A 61 1.60 1.16 -2.47
N TYR A 62 0.30 1.44 -2.62
CA TYR A 62 -0.57 1.55 -1.45
C TYR A 62 -2.01 1.07 -1.64
N CYS A 63 -2.65 0.85 -0.49
CA CYS A 63 -4.07 0.47 -0.38
C CYS A 63 -4.99 1.66 -0.61
N LYS A 64 -6.19 1.36 -1.10
CA LYS A 64 -7.19 2.39 -1.38
C LYS A 64 -7.63 3.10 -0.11
N LYS A 65 -7.84 2.34 0.97
CA LYS A 65 -8.19 2.93 2.25
C LYS A 65 -6.97 3.25 3.12
N CYS A 66 -6.07 2.27 3.27
CA CYS A 66 -5.00 2.38 4.26
C CYS A 66 -3.98 3.44 3.83
N HIS A 67 -3.80 3.53 2.52
CA HIS A 67 -2.77 4.39 1.92
C HIS A 67 -1.39 3.88 2.31
N ALA A 68 -1.38 2.81 3.10
CA ALA A 68 -0.15 2.23 3.64
C ALA A 68 0.60 1.52 2.53
N PHE A 69 1.90 1.35 2.73
CA PHE A 69 2.72 0.71 1.69
C PHE A 69 2.16 -0.69 1.48
N LEU A 70 1.84 -1.04 0.24
CA LEU A 70 1.16 -2.30 -0.02
C LEU A 70 2.08 -3.27 -0.75
N VAL A 71 2.42 -4.31 -0.01
CA VAL A 71 3.06 -5.52 -0.52
C VAL A 71 2.35 -6.71 0.13
N PRO A 72 2.09 -7.79 -0.61
CA PRO A 72 1.50 -9.01 -0.01
C PRO A 72 2.39 -9.64 1.05
N GLY A 73 1.75 -10.16 2.09
CA GLY A 73 2.44 -10.84 3.19
C GLY A 73 2.63 -9.94 4.40
N ILE A 74 2.61 -8.62 4.21
CA ILE A 74 3.01 -7.72 5.31
C ILE A 74 1.83 -7.01 5.97
N ASN A 75 1.30 -6.00 5.28
CA ASN A 75 0.11 -5.28 5.75
C ASN A 75 -1.15 -5.87 5.15
N ALA A 76 -0.89 -6.82 4.25
CA ALA A 76 -1.92 -7.36 3.40
C ALA A 76 -1.48 -8.73 2.94
N ARG A 77 -2.43 -9.60 2.67
CA ARG A 77 -2.11 -10.96 2.27
C ARG A 77 -2.88 -11.32 1.01
N VAL A 78 -2.22 -12.02 0.11
CA VAL A 78 -2.81 -12.33 -1.19
C VAL A 78 -2.85 -13.84 -1.37
N ARG A 79 -4.04 -14.32 -1.72
CA ARG A 79 -4.22 -15.71 -2.12
C ARG A 79 -4.33 -15.78 -3.63
N LEU A 80 -3.62 -16.74 -4.23
CA LEU A 80 -3.68 -16.89 -5.67
C LEU A 80 -4.48 -18.14 -6.00
N ARG A 81 -5.53 -17.97 -6.79
CA ARG A 81 -6.40 -19.07 -7.17
C ARG A 81 -6.19 -19.41 -8.64
N GLN A 82 -6.15 -20.70 -8.94
CA GLN A 82 -5.93 -21.14 -10.31
C GLN A 82 -7.19 -21.80 -10.86
N LYS A 83 -7.74 -21.06 -11.82
CA LYS A 83 -8.80 -21.48 -12.72
C LYS A 83 -8.30 -21.03 -14.10
N ARG A 84 -8.92 -21.43 -15.21
CA ARG A 84 -8.50 -20.74 -16.42
C ARG A 84 -9.28 -19.43 -16.45
N MET A 85 -9.10 -18.66 -15.38
CA MET A 85 -9.02 -17.21 -15.36
C MET A 85 -8.10 -16.82 -14.20
N PRO A 86 -6.89 -16.26 -14.38
CA PRO A 86 -6.04 -15.97 -13.18
C PRO A 86 -6.73 -14.96 -12.27
N HIS A 87 -6.63 -15.19 -10.96
CA HIS A 87 -7.20 -14.29 -9.96
C HIS A 87 -6.35 -14.27 -8.70
N ILE A 88 -6.22 -13.08 -8.10
CA ILE A 88 -5.67 -12.94 -6.76
C ILE A 88 -6.57 -12.06 -5.89
N VAL A 89 -6.65 -12.39 -4.59
CA VAL A 89 -7.45 -11.60 -3.65
C VAL A 89 -6.59 -10.99 -2.55
N VAL A 90 -6.76 -9.68 -2.33
CA VAL A 90 -5.86 -8.91 -1.48
C VAL A 90 -6.64 -8.19 -0.38
N LYS A 91 -6.17 -8.33 0.85
CA LYS A 91 -6.76 -7.65 2.00
C LYS A 91 -5.64 -7.12 2.89
N CYS A 92 -5.84 -5.91 3.44
CA CYS A 92 -5.04 -5.50 4.60
C CYS A 92 -5.75 -5.86 5.90
N LEU A 93 -4.88 -6.03 6.87
CA LEU A 93 -5.22 -5.88 8.28
C LEU A 93 -5.64 -4.43 8.54
N GLU A 94 -4.92 -3.52 7.91
CA GLU A 94 -5.06 -2.08 8.18
C GLU A 94 -6.47 -1.57 7.86
N CYS A 95 -7.02 -1.90 6.69
CA CYS A 95 -8.41 -1.52 6.40
C CYS A 95 -9.37 -2.57 6.96
N GLY A 96 -8.93 -3.82 6.97
CA GLY A 96 -9.81 -4.93 7.30
C GLY A 96 -10.70 -5.30 6.11
N HIS A 97 -10.30 -4.81 4.93
CA HIS A 97 -11.11 -4.92 3.72
C HIS A 97 -10.39 -5.73 2.65
N ILE A 98 -11.17 -6.44 1.84
CA ILE A 98 -10.65 -7.30 0.78
C ILE A 98 -10.93 -6.69 -0.59
N MET A 99 -9.85 -6.57 -1.36
CA MET A 99 -9.92 -6.13 -2.74
C MET A 99 -9.51 -7.26 -3.68
N ARG A 100 -10.35 -7.54 -4.66
CA ARG A 100 -10.06 -8.57 -5.67
C ARG A 100 -9.27 -7.95 -6.83
N TYR A 101 -8.26 -8.69 -7.29
CA TYR A 101 -7.46 -8.24 -8.43
C TYR A 101 -7.46 -9.32 -9.53
N PRO A 102 -8.30 -9.14 -10.56
CA PRO A 102 -8.27 -10.02 -11.77
C PRO A 102 -6.93 -9.95 -12.49
N TYR A 103 -6.48 -11.08 -13.04
CA TYR A 103 -5.27 -11.10 -13.85
C TYR A 103 -5.42 -12.05 -15.03
N ILE A 104 -4.70 -11.73 -16.10
CA ILE A 104 -4.69 -12.56 -17.31
C ILE A 104 -3.28 -13.00 -17.67
N LYS A 105 -3.12 -14.30 -17.91
CA LYS A 105 -1.82 -14.89 -18.20
C LYS A 105 -0.99 -14.00 -19.14
ZN ZN B . -6.01 -1.53 3.27
N LYS A 15 8.54 14.56 -3.00
CA LYS A 15 9.81 14.10 -3.64
C LYS A 15 10.76 13.61 -2.54
N GLU A 16 11.78 14.41 -2.23
CA GLU A 16 12.83 13.99 -1.31
C GLU A 16 12.27 13.80 0.10
N ARG A 17 11.39 14.72 0.51
CA ARG A 17 10.72 14.60 1.81
C ARG A 17 9.87 13.36 1.92
N ILE A 18 9.11 13.12 0.85
CA ILE A 18 8.27 11.94 0.72
C ILE A 18 9.11 10.69 0.73
N ASP A 19 10.22 10.74 0.01
CA ASP A 19 11.07 9.59 -0.24
C ASP A 19 11.65 9.10 1.08
N ILE A 20 11.99 10.03 1.98
CA ILE A 20 12.42 9.69 3.33
C ILE A 20 11.31 8.98 4.09
N LEU A 21 10.10 9.54 3.97
CA LEU A 21 8.91 8.92 4.59
C LEU A 21 8.65 7.54 4.00
N PHE A 22 8.84 7.44 2.69
CA PHE A 22 8.58 6.22 1.95
C PHE A 22 9.46 5.09 2.50
N SER A 23 10.74 5.37 2.70
CA SER A 23 11.64 4.42 3.32
C SER A 23 11.18 4.07 4.74
N LEU A 24 10.80 5.09 5.50
CA LEU A 24 10.31 4.90 6.87
C LEU A 24 9.04 4.05 6.87
N ALA A 25 8.15 4.34 5.92
CA ALA A 25 6.90 3.60 5.81
C ALA A 25 7.20 2.14 5.49
N GLU A 26 8.22 1.91 4.66
CA GLU A 26 8.57 0.55 4.27
C GLU A 26 9.09 -0.27 5.46
N ARG A 27 9.98 0.30 6.28
CA ARG A 27 10.51 -0.43 7.44
C ARG A 27 9.45 -0.70 8.50
N VAL A 28 8.63 0.31 8.78
CA VAL A 28 7.58 0.19 9.78
C VAL A 28 6.55 -0.85 9.33
N PHE A 29 6.30 -0.86 8.02
CA PHE A 29 5.26 -1.69 7.43
C PHE A 29 5.27 -3.13 7.97
N PRO A 30 6.37 -3.89 7.81
CA PRO A 30 6.47 -5.25 8.40
C PRO A 30 6.42 -5.24 9.92
N TYR A 31 6.94 -4.15 10.50
CA TYR A 31 7.02 -4.06 11.96
C TYR A 31 5.62 -4.08 12.55
N SER A 32 4.75 -3.27 11.96
CA SER A 32 3.35 -3.20 12.33
C SER A 32 2.56 -2.50 11.23
N PRO A 33 1.50 -3.14 10.72
CA PRO A 33 0.58 -2.51 9.74
C PRO A 33 -0.01 -1.20 10.27
N GLU A 34 -0.35 -1.22 11.56
CA GLU A 34 -1.00 -0.09 12.21
C GLU A 34 -0.08 1.13 12.31
N LEU A 35 1.18 0.91 12.66
CA LEU A 35 2.14 2.01 12.74
C LEU A 35 2.38 2.66 11.38
N ALA A 36 2.47 1.82 10.36
CA ALA A 36 2.65 2.28 8.99
C ALA A 36 1.44 3.11 8.54
N LYS A 37 0.27 2.72 9.02
CA LYS A 37 -0.97 3.42 8.66
C LYS A 37 -0.90 4.87 9.08
N ARG A 38 -0.44 5.13 10.30
CA ARG A 38 -0.21 6.50 10.74
C ARG A 38 0.87 7.20 9.91
N TYR A 39 1.97 6.49 9.65
CA TYR A 39 3.08 7.04 8.88
C TYR A 39 2.69 7.38 7.44
N VAL A 40 1.92 6.51 6.80
CA VAL A 40 1.51 6.75 5.42
C VAL A 40 0.64 8.00 5.34
N GLU A 41 -0.31 8.14 6.28
CA GLU A 41 -1.27 9.24 6.24
C GLU A 41 -0.54 10.56 6.39
N LEU A 42 0.53 10.46 7.16
CA LEU A 42 1.54 11.52 7.27
C LEU A 42 2.22 11.82 5.94
N ALA A 43 2.57 10.80 5.18
CA ALA A 43 3.12 11.04 3.84
C ALA A 43 2.08 11.71 2.93
N LEU A 44 0.81 11.31 3.02
CA LEU A 44 -0.24 11.93 2.22
C LEU A 44 -0.43 13.42 2.52
N LEU A 45 -0.40 13.80 3.81
CA LEU A 45 -0.49 15.21 4.17
C LEU A 45 0.71 15.98 3.63
N VAL A 46 1.89 15.37 3.71
CA VAL A 46 3.10 16.00 3.18
C VAL A 46 2.96 16.20 1.67
N GLN A 47 2.48 15.16 0.98
CA GLN A 47 2.39 15.21 -0.48
C GLN A 47 1.42 16.29 -0.96
N GLN A 48 0.25 16.37 -0.32
CA GLN A 48 -0.76 17.34 -0.74
C GLN A 48 -0.28 18.77 -0.48
N LYS A 49 0.31 18.97 0.70
CA LYS A 49 0.86 20.27 1.08
C LYS A 49 2.04 20.68 0.19
N ALA A 50 2.91 19.71 -0.11
CA ALA A 50 3.98 19.92 -1.07
C ALA A 50 3.46 19.86 -2.50
N LYS A 51 2.25 19.36 -2.67
CA LYS A 51 1.59 19.32 -3.98
C LYS A 51 2.47 18.69 -5.06
N VAL A 52 2.97 17.50 -4.77
CA VAL A 52 3.87 16.82 -5.70
C VAL A 52 3.25 15.50 -6.14
N LYS A 53 3.25 15.26 -7.44
CA LYS A 53 2.66 14.05 -7.99
C LYS A 53 3.74 13.02 -8.29
N ILE A 54 3.41 11.75 -8.05
CA ILE A 54 4.35 10.66 -8.24
C ILE A 54 3.63 9.52 -8.96
N PRO A 55 3.93 9.30 -10.25
CA PRO A 55 3.17 8.33 -11.08
C PRO A 55 3.14 6.93 -10.47
N ARG A 56 4.26 6.57 -9.84
CA ARG A 56 4.39 5.22 -9.27
C ARG A 56 4.62 5.22 -7.76
N LYS A 57 5.36 6.19 -7.20
CA LYS A 57 5.95 5.97 -5.87
C LYS A 57 4.93 5.77 -4.76
N TRP A 58 3.88 6.59 -4.68
CA TRP A 58 2.86 6.39 -3.66
C TRP A 58 1.52 5.96 -4.25
N LYS A 59 1.25 6.44 -5.46
CA LYS A 59 -0.02 6.15 -6.12
C LYS A 59 -0.19 4.66 -6.40
N ARG A 60 0.90 4.04 -6.85
CA ARG A 60 0.86 2.65 -7.31
C ARG A 60 1.27 1.68 -6.20
N ARG A 61 1.61 2.22 -5.03
CA ARG A 61 2.16 1.40 -3.94
C ARG A 61 1.27 1.44 -2.69
N TYR A 62 0.00 1.81 -2.81
CA TYR A 62 -0.87 1.82 -1.64
C TYR A 62 -2.31 1.36 -1.91
N CYS A 63 -2.92 0.98 -0.79
CA CYS A 63 -4.31 0.56 -0.72
C CYS A 63 -5.26 1.67 -1.14
N LYS A 64 -6.40 1.24 -1.69
CA LYS A 64 -7.42 2.17 -2.13
C LYS A 64 -7.99 2.97 -0.95
N LYS A 65 -8.21 2.31 0.20
CA LYS A 65 -8.74 3.01 1.36
C LYS A 65 -7.65 3.50 2.33
N CYS A 66 -6.77 2.64 2.84
CA CYS A 66 -5.94 3.05 3.97
C CYS A 66 -4.91 4.08 3.50
N HIS A 67 -4.56 3.98 2.22
CA HIS A 67 -3.36 4.59 1.68
C HIS A 67 -2.08 3.94 2.22
N ALA A 68 -2.27 2.84 2.95
CA ALA A 68 -1.15 2.06 3.46
C ALA A 68 -0.39 1.38 2.33
N PHE A 69 0.92 1.22 2.51
CA PHE A 69 1.81 0.78 1.45
C PHE A 69 1.44 -0.66 1.07
N LEU A 70 1.30 -0.96 -0.22
CA LEU A 70 0.66 -2.23 -0.55
C LEU A 70 1.78 -3.25 -0.76
N VAL A 71 1.91 -4.13 0.22
CA VAL A 71 2.81 -5.28 0.16
C VAL A 71 2.06 -6.50 0.68
N PRO A 72 2.02 -7.60 -0.08
CA PRO A 72 1.48 -8.87 0.46
C PRO A 72 2.31 -9.38 1.63
N GLY A 73 1.62 -9.97 2.60
CA GLY A 73 2.25 -10.60 3.76
C GLY A 73 2.42 -9.62 4.92
N ILE A 74 2.26 -8.31 4.65
CA ILE A 74 2.92 -7.32 5.50
C ILE A 74 1.87 -6.53 6.28
N ASN A 75 1.15 -5.61 5.60
CA ASN A 75 -0.07 -5.03 6.15
C ASN A 75 -1.29 -5.59 5.44
N ALA A 76 -1.03 -6.54 4.55
CA ALA A 76 -2.04 -7.03 3.63
C ALA A 76 -1.60 -8.40 3.13
N ARG A 77 -2.54 -9.25 2.77
CA ARG A 77 -2.19 -10.60 2.39
C ARG A 77 -2.87 -10.95 1.07
N VAL A 78 -2.14 -11.68 0.23
CA VAL A 78 -2.64 -12.07 -1.07
C VAL A 78 -2.57 -13.58 -1.19
N ARG A 79 -3.68 -14.15 -1.65
CA ARG A 79 -3.71 -15.56 -2.00
C ARG A 79 -3.82 -15.66 -3.51
N LEU A 80 -2.94 -16.46 -4.12
CA LEU A 80 -2.94 -16.58 -5.57
C LEU A 80 -3.64 -17.89 -5.92
N ARG A 81 -4.69 -17.78 -6.73
CA ARG A 81 -5.52 -18.92 -7.09
C ARG A 81 -5.29 -19.29 -8.55
N GLN A 82 -5.17 -20.59 -8.81
CA GLN A 82 -4.88 -21.03 -10.17
C GLN A 82 -6.09 -21.80 -10.71
N LYS A 83 -6.74 -21.14 -11.65
CA LYS A 83 -7.69 -21.70 -12.60
C LYS A 83 -7.20 -21.21 -13.96
N ARG A 84 -7.74 -21.64 -15.10
CA ARG A 84 -7.30 -20.96 -16.31
C ARG A 84 -8.14 -19.67 -16.40
N MET A 85 -7.97 -18.91 -15.32
CA MET A 85 -8.02 -17.46 -15.25
C MET A 85 -7.03 -17.08 -14.14
N PRO A 86 -6.01 -16.25 -14.33
CA PRO A 86 -5.24 -15.79 -13.14
C PRO A 86 -6.15 -15.00 -12.21
N HIS A 87 -5.98 -15.22 -10.91
CA HIS A 87 -6.79 -14.49 -9.93
C HIS A 87 -6.06 -14.43 -8.60
N ILE A 88 -6.06 -13.25 -7.98
CA ILE A 88 -5.48 -13.08 -6.65
C ILE A 88 -6.48 -12.34 -5.75
N VAL A 89 -6.50 -12.68 -4.47
CA VAL A 89 -7.34 -11.96 -3.52
C VAL A 89 -6.49 -11.25 -2.46
N VAL A 90 -6.80 -9.98 -2.29
CA VAL A 90 -6.00 -9.08 -1.48
C VAL A 90 -6.86 -8.55 -0.34
N LYS A 91 -6.32 -8.64 0.87
CA LYS A 91 -6.96 -8.05 2.03
C LYS A 91 -5.92 -7.27 2.82
N CYS A 92 -6.34 -6.11 3.34
CA CYS A 92 -5.43 -5.23 4.05
C CYS A 92 -5.96 -5.00 5.47
N LEU A 93 -5.07 -5.16 6.44
CA LEU A 93 -5.46 -5.11 7.84
C LEU A 93 -5.99 -3.73 8.24
N GLU A 94 -5.35 -2.65 7.76
CA GLU A 94 -5.71 -1.31 8.23
C GLU A 94 -7.12 -0.94 7.80
N CYS A 95 -7.46 -1.28 6.55
CA CYS A 95 -8.83 -1.17 6.09
C CYS A 95 -9.72 -2.30 6.64
N GLY A 96 -9.14 -3.49 6.80
CA GLY A 96 -9.89 -4.63 7.28
C GLY A 96 -10.70 -5.28 6.15
N HIS A 97 -10.41 -4.89 4.92
CA HIS A 97 -11.27 -5.21 3.78
C HIS A 97 -10.52 -6.00 2.72
N ILE A 98 -11.26 -6.85 2.02
CA ILE A 98 -10.72 -7.73 0.98
C ILE A 98 -11.19 -7.30 -0.40
N MET A 99 -10.23 -7.24 -1.32
CA MET A 99 -10.54 -7.02 -2.72
C MET A 99 -9.99 -8.16 -3.58
N ARG A 100 -10.71 -8.44 -4.66
CA ARG A 100 -10.31 -9.46 -5.62
C ARG A 100 -9.65 -8.80 -6.81
N TYR A 101 -8.53 -9.35 -7.27
CA TYR A 101 -7.81 -8.81 -8.43
C TYR A 101 -7.72 -9.86 -9.52
N PRO A 102 -8.60 -9.80 -10.53
CA PRO A 102 -8.43 -10.56 -11.79
C PRO A 102 -7.21 -10.15 -12.58
N TYR A 103 -6.56 -11.12 -13.22
CA TYR A 103 -5.47 -10.87 -14.14
C TYR A 103 -5.51 -11.82 -15.33
N ILE A 104 -4.95 -11.37 -16.46
CA ILE A 104 -4.90 -12.19 -17.67
C ILE A 104 -3.48 -12.24 -18.21
N LYS A 105 -3.03 -13.45 -18.52
CA LYS A 105 -1.72 -13.64 -19.14
C LYS A 105 -1.82 -13.41 -20.65
ZN ZN B . -5.93 -0.75 3.24
N LYS A 15 11.19 17.54 -2.03
CA LYS A 15 11.16 16.11 -2.46
C LYS A 15 11.96 15.27 -1.47
N GLU A 16 12.94 15.88 -0.81
CA GLU A 16 13.66 15.21 0.26
C GLU A 16 12.74 14.94 1.45
N ARG A 17 11.85 15.90 1.74
CA ARG A 17 11.00 15.82 2.93
C ARG A 17 10.08 14.61 2.89
N ILE A 18 9.48 14.42 1.73
CA ILE A 18 8.57 13.30 1.48
C ILE A 18 9.33 11.98 1.45
N ASP A 19 10.53 12.04 0.85
CA ASP A 19 11.33 10.86 0.57
C ASP A 19 11.71 10.17 1.88
N ILE A 20 12.00 10.98 2.90
CA ILE A 20 12.28 10.47 4.24
C ILE A 20 11.07 9.74 4.81
N LEU A 21 9.89 10.33 4.63
CA LEU A 21 8.65 9.71 5.13
C LEU A 21 8.41 8.38 4.43
N PHE A 22 8.68 8.32 3.13
CA PHE A 22 8.53 7.08 2.37
C PHE A 22 9.43 5.97 2.92
N SER A 23 10.71 6.28 3.17
CA SER A 23 11.63 5.28 3.70
C SER A 23 11.18 4.81 5.09
N LEU A 24 10.72 5.76 5.88
CA LEU A 24 10.17 5.47 7.21
C LEU A 24 8.92 4.60 7.10
N ALA A 25 8.07 4.92 6.13
CA ALA A 25 6.81 4.22 5.95
C ALA A 25 7.09 2.74 5.61
N GLU A 26 8.14 2.54 4.82
CA GLU A 26 8.54 1.18 4.45
C GLU A 26 9.05 0.40 5.65
N ARG A 27 9.85 1.05 6.51
CA ARG A 27 10.34 0.38 7.73
C ARG A 27 9.23 0.03 8.71
N VAL A 28 8.31 0.96 8.93
CA VAL A 28 7.18 0.72 9.82
C VAL A 28 6.28 -0.37 9.24
N PHE A 29 6.14 -0.31 7.93
CA PHE A 29 5.15 -1.11 7.21
C PHE A 29 5.21 -2.58 7.64
N PRO A 30 6.35 -3.28 7.49
CA PRO A 30 6.52 -4.66 8.07
C PRO A 30 6.42 -4.72 9.59
N TYR A 31 6.85 -3.66 10.27
CA TYR A 31 6.84 -3.65 11.74
C TYR A 31 5.43 -3.78 12.29
N SER A 32 4.55 -2.95 11.74
CA SER A 32 3.14 -2.95 12.14
C SER A 32 2.34 -2.16 11.10
N PRO A 33 1.38 -2.80 10.43
CA PRO A 33 0.54 -2.09 9.40
C PRO A 33 -0.16 -0.85 9.97
N GLU A 34 -0.60 -0.96 11.22
CA GLU A 34 -1.40 0.12 11.83
C GLU A 34 -0.59 1.39 11.99
N LEU A 35 0.66 1.24 12.42
CA LEU A 35 1.60 2.36 12.50
C LEU A 35 1.89 2.94 11.12
N ALA A 36 2.05 2.06 10.14
CA ALA A 36 2.27 2.47 8.75
C ALA A 36 1.04 3.24 8.26
N LYS A 37 -0.12 2.80 8.73
CA LYS A 37 -1.38 3.38 8.32
C LYS A 37 -1.43 4.86 8.68
N ARG A 38 -1.05 5.17 9.92
CA ARG A 38 -0.92 6.56 10.34
C ARG A 38 0.18 7.32 9.62
N TYR A 39 1.35 6.68 9.48
CA TYR A 39 2.53 7.34 8.90
C TYR A 39 2.33 7.72 7.44
N VAL A 40 1.78 6.78 6.67
CA VAL A 40 1.59 6.98 5.24
C VAL A 40 0.59 8.10 4.97
N GLU A 41 -0.52 8.10 5.71
CA GLU A 41 -1.56 9.11 5.50
C GLU A 41 -1.00 10.50 5.78
N LEU A 42 -0.11 10.55 6.76
CA LEU A 42 0.69 11.74 6.97
C LEU A 42 1.58 12.06 5.76
N ALA A 43 2.22 11.03 5.18
CA ALA A 43 3.00 11.26 3.97
C ALA A 43 2.12 11.64 2.79
N LEU A 44 1.00 10.95 2.65
CA LEU A 44 0.07 11.13 1.54
C LEU A 44 -0.56 12.51 1.54
N LEU A 45 -0.95 12.95 2.73
CA LEU A 45 -1.40 14.32 2.97
C LEU A 45 -0.31 15.34 2.69
N VAL A 46 0.91 14.98 3.09
CA VAL A 46 2.06 15.85 2.81
C VAL A 46 2.22 16.01 1.30
N GLN A 47 2.11 14.90 0.55
CA GLN A 47 2.41 14.94 -0.87
C GLN A 47 1.48 15.89 -1.63
N GLN A 48 0.19 15.81 -1.36
CA GLN A 48 -0.76 16.67 -2.06
C GLN A 48 -0.53 18.14 -1.70
N LYS A 49 -0.40 18.37 -0.41
CA LYS A 49 -0.16 19.70 0.15
C LYS A 49 1.19 20.28 -0.28
N ALA A 50 2.20 19.41 -0.23
CA ALA A 50 3.55 19.75 -0.69
C ALA A 50 3.61 19.76 -2.22
N LYS A 51 2.58 19.21 -2.84
CA LYS A 51 2.46 19.21 -4.30
C LYS A 51 3.69 18.57 -4.94
N VAL A 52 3.95 17.32 -4.57
CA VAL A 52 5.20 16.65 -4.96
C VAL A 52 4.89 15.57 -5.97
N LYS A 53 5.60 15.58 -7.08
CA LYS A 53 5.37 14.60 -8.15
C LYS A 53 6.01 13.26 -7.75
N ILE A 54 5.22 12.20 -7.94
CA ILE A 54 5.74 10.85 -7.73
C ILE A 54 5.16 9.92 -8.81
N PRO A 55 5.99 9.53 -9.80
CA PRO A 55 5.53 8.63 -10.89
C PRO A 55 4.93 7.32 -10.39
N ARG A 56 5.58 6.70 -9.40
CA ARG A 56 5.08 5.43 -8.86
C ARG A 56 5.18 5.34 -7.34
N LYS A 57 6.05 6.12 -6.72
CA LYS A 57 6.57 5.77 -5.39
C LYS A 57 5.47 5.74 -4.32
N TRP A 58 4.56 6.71 -4.31
CA TRP A 58 3.40 6.58 -3.43
C TRP A 58 2.14 6.11 -4.15
N LYS A 59 2.01 6.51 -5.42
CA LYS A 59 0.79 6.23 -6.16
C LYS A 59 0.59 4.73 -6.38
N ARG A 60 1.68 4.04 -6.70
CA ARG A 60 1.61 2.63 -7.05
C ARG A 60 1.93 1.74 -5.85
N ARG A 61 2.26 2.37 -4.74
CA ARG A 61 2.73 1.63 -3.57
C ARG A 61 1.81 1.87 -2.36
N TYR A 62 0.50 1.90 -2.58
CA TYR A 62 -0.42 2.05 -1.45
C TYR A 62 -1.74 1.31 -1.70
N CYS A 63 -2.48 1.06 -0.62
CA CYS A 63 -3.84 0.52 -0.74
C CYS A 63 -4.84 1.65 -0.96
N LYS A 64 -5.97 1.23 -1.51
CA LYS A 64 -7.11 2.12 -1.72
C LYS A 64 -7.62 2.65 -0.38
N LYS A 65 -7.66 1.79 0.63
CA LYS A 65 -8.08 2.19 1.97
C LYS A 65 -6.98 2.13 3.04
N CYS A 66 -5.92 1.33 2.90
CA CYS A 66 -4.97 1.30 4.01
C CYS A 66 -4.27 2.65 4.06
N HIS A 67 -4.01 3.19 2.87
CA HIS A 67 -3.24 4.42 2.77
C HIS A 67 -1.83 4.15 3.27
N ALA A 68 -1.44 2.89 3.07
CA ALA A 68 -0.21 2.32 3.62
C ALA A 68 0.57 1.62 2.51
N PHE A 69 1.86 1.45 2.73
CA PHE A 69 2.74 0.95 1.69
C PHE A 69 2.26 -0.44 1.28
N LEU A 70 2.06 -0.69 -0.02
CA LEU A 70 1.37 -1.91 -0.42
C LEU A 70 2.41 -2.89 -0.95
N VAL A 71 2.62 -3.94 -0.17
CA VAL A 71 3.25 -5.17 -0.61
C VAL A 71 2.44 -6.34 -0.04
N PRO A 72 2.17 -7.39 -0.82
CA PRO A 72 1.50 -8.61 -0.27
C PRO A 72 2.33 -9.29 0.81
N GLY A 73 1.62 -9.83 1.80
CA GLY A 73 2.23 -10.57 2.89
C GLY A 73 2.39 -9.72 4.15
N ILE A 74 2.42 -8.39 4.01
CA ILE A 74 2.81 -7.56 5.13
C ILE A 74 1.63 -6.85 5.82
N ASN A 75 1.08 -5.81 5.17
CA ASN A 75 -0.11 -5.14 5.68
C ASN A 75 -1.35 -5.65 4.97
N ALA A 76 -1.09 -6.57 4.04
CA ALA A 76 -2.12 -7.14 3.21
C ALA A 76 -1.61 -8.48 2.72
N ARG A 77 -2.53 -9.41 2.45
CA ARG A 77 -2.16 -10.74 2.02
C ARG A 77 -2.88 -11.10 0.72
N VAL A 78 -2.15 -11.74 -0.18
CA VAL A 78 -2.71 -12.12 -1.47
C VAL A 78 -2.56 -13.62 -1.68
N ARG A 79 -3.65 -14.23 -2.10
CA ARG A 79 -3.64 -15.64 -2.46
C ARG A 79 -3.80 -15.77 -3.97
N LEU A 80 -2.93 -16.56 -4.57
CA LEU A 80 -2.92 -16.69 -6.03
C LEU A 80 -3.55 -18.04 -6.38
N ARG A 81 -4.68 -18.00 -7.05
CA ARG A 81 -5.42 -19.20 -7.37
C ARG A 81 -5.21 -19.53 -8.84
N GLN A 82 -4.95 -20.81 -9.12
CA GLN A 82 -4.76 -21.23 -10.51
C GLN A 82 -5.84 -22.22 -10.89
N LYS A 83 -6.74 -21.67 -11.71
CA LYS A 83 -7.77 -22.39 -12.45
C LYS A 83 -7.70 -21.83 -13.85
N ARG A 84 -8.38 -22.39 -14.85
CA ARG A 84 -8.36 -21.64 -16.09
C ARG A 84 -9.43 -20.56 -15.94
N MET A 85 -9.25 -19.74 -14.91
CA MET A 85 -9.56 -18.32 -14.87
C MET A 85 -8.56 -17.67 -13.91
N PRO A 86 -7.56 -16.87 -14.32
CA PRO A 86 -6.61 -16.37 -13.31
C PRO A 86 -7.34 -15.52 -12.28
N HIS A 87 -6.95 -15.66 -11.00
CA HIS A 87 -7.49 -14.82 -9.94
C HIS A 87 -6.45 -14.61 -8.85
N ILE A 88 -6.46 -13.42 -8.27
CA ILE A 88 -5.85 -13.19 -6.97
C ILE A 88 -6.83 -12.50 -6.01
N VAL A 89 -6.76 -12.85 -4.74
CA VAL A 89 -7.55 -12.18 -3.71
C VAL A 89 -6.65 -11.52 -2.66
N VAL A 90 -6.95 -10.26 -2.37
CA VAL A 90 -6.08 -9.44 -1.54
C VAL A 90 -6.85 -8.95 -0.32
N LYS A 91 -6.26 -9.12 0.86
CA LYS A 91 -6.91 -8.70 2.10
C LYS A 91 -6.08 -7.58 2.70
N CYS A 92 -6.74 -6.57 3.24
CA CYS A 92 -6.05 -5.55 4.02
C CYS A 92 -6.01 -5.95 5.48
N LEU A 93 -4.81 -6.04 6.06
CA LEU A 93 -4.73 -6.03 7.51
C LEU A 93 -5.19 -4.70 8.13
N GLU A 94 -4.78 -3.57 7.54
CA GLU A 94 -5.12 -2.27 8.11
C GLU A 94 -6.60 -1.91 7.90
N CYS A 95 -7.08 -2.14 6.67
CA CYS A 95 -8.49 -1.93 6.36
C CYS A 95 -9.36 -3.04 6.93
N GLY A 96 -8.78 -4.25 6.98
CA GLY A 96 -9.47 -5.39 7.57
C GLY A 96 -10.41 -6.07 6.58
N HIS A 97 -10.29 -5.70 5.30
CA HIS A 97 -11.25 -6.07 4.27
C HIS A 97 -10.62 -6.79 3.10
N ILE A 98 -11.39 -7.70 2.51
CA ILE A 98 -10.96 -8.48 1.36
C ILE A 98 -11.35 -7.81 0.05
N MET A 99 -10.34 -7.66 -0.80
CA MET A 99 -10.52 -7.22 -2.18
C MET A 99 -10.19 -8.34 -3.16
N ARG A 100 -11.06 -8.55 -4.14
CA ARG A 100 -10.82 -9.55 -5.18
C ARG A 100 -10.32 -8.86 -6.44
N TYR A 101 -9.29 -9.44 -7.06
CA TYR A 101 -8.77 -8.92 -8.33
C TYR A 101 -8.82 -10.01 -9.40
N PRO A 102 -9.84 -9.99 -10.29
CA PRO A 102 -9.86 -10.85 -11.51
C PRO A 102 -8.72 -10.52 -12.46
N TYR A 103 -8.18 -11.55 -13.11
CA TYR A 103 -7.27 -11.36 -14.23
C TYR A 103 -7.56 -12.36 -15.34
N ILE A 104 -7.69 -11.88 -16.58
CA ILE A 104 -7.93 -12.76 -17.72
C ILE A 104 -6.70 -12.77 -18.63
N LYS A 105 -6.25 -13.99 -18.96
CA LYS A 105 -5.09 -14.22 -19.84
C LYS A 105 -4.49 -12.94 -20.40
ZN ZN B . -6.27 -1.46 2.68
N LYS A 15 9.97 16.30 -2.93
CA LYS A 15 10.63 15.12 -3.55
C LYS A 15 11.47 14.42 -2.49
N GLU A 16 12.51 15.10 -2.02
CA GLU A 16 13.40 14.54 -0.99
C GLU A 16 12.66 14.35 0.33
N ARG A 17 11.83 15.33 0.69
CA ARG A 17 11.11 15.29 1.95
C ARG A 17 10.13 14.12 2.03
N ILE A 18 9.40 13.89 0.96
CA ILE A 18 8.45 12.78 0.88
C ILE A 18 9.20 11.45 0.86
N ASP A 19 10.32 11.45 0.14
CA ASP A 19 11.13 10.25 -0.08
C ASP A 19 11.65 9.70 1.23
N ILE A 20 12.05 10.61 2.14
CA ILE A 20 12.51 10.22 3.46
C ILE A 20 11.39 9.54 4.25
N LEU A 21 10.20 10.14 4.16
CA LEU A 21 9.02 9.62 4.84
C LEU A 21 8.68 8.24 4.29
N PHE A 22 8.80 8.09 2.97
CA PHE A 22 8.50 6.83 2.30
C PHE A 22 9.37 5.71 2.88
N SER A 23 10.66 6.00 3.05
CA SER A 23 11.56 5.04 3.67
C SER A 23 11.10 4.68 5.09
N LEU A 24 10.69 5.70 5.85
CA LEU A 24 10.21 5.48 7.21
C LEU A 24 8.95 4.62 7.20
N ALA A 25 8.07 4.91 6.24
CA ALA A 25 6.84 4.14 6.08
C ALA A 25 7.17 2.70 5.72
N GLU A 26 8.20 2.53 4.88
CA GLU A 26 8.59 1.21 4.42
C GLU A 26 9.15 0.36 5.56
N ARG A 27 9.99 0.96 6.41
CA ARG A 27 10.58 0.24 7.54
C ARG A 27 9.55 -0.21 8.57
N VAL A 28 8.63 0.71 8.88
CA VAL A 28 7.57 0.42 9.83
C VAL A 28 6.64 -0.66 9.28
N PHE A 29 6.44 -0.57 7.96
CA PHE A 29 5.47 -1.41 7.27
C PHE A 29 5.53 -2.87 7.72
N PRO A 30 6.68 -3.56 7.59
CA PRO A 30 6.83 -4.95 8.11
C PRO A 30 6.70 -5.05 9.63
N TYR A 31 7.11 -4.01 10.35
CA TYR A 31 7.02 -4.00 11.80
C TYR A 31 5.58 -4.08 12.28
N SER A 32 4.72 -3.27 11.68
CA SER A 32 3.30 -3.26 12.00
C SER A 32 2.54 -2.51 10.91
N PRO A 33 1.49 -3.11 10.35
CA PRO A 33 0.59 -2.41 9.41
C PRO A 33 -0.04 -1.15 10.02
N GLU A 34 -0.38 -1.26 11.30
CA GLU A 34 -1.00 -0.16 12.03
C GLU A 34 -0.06 1.01 12.22
N LEU A 35 1.20 0.74 12.57
CA LEU A 35 2.18 1.81 12.74
C LEU A 35 2.40 2.52 11.41
N ALA A 36 2.47 1.72 10.35
CA ALA A 36 2.67 2.22 8.99
C ALA A 36 1.49 3.09 8.55
N LYS A 37 0.29 2.69 8.96
CA LYS A 37 -0.94 3.38 8.59
C LYS A 37 -0.97 4.84 9.06
N ARG A 38 -0.60 5.07 10.32
CA ARG A 38 -0.53 6.43 10.84
C ARG A 38 0.53 7.27 10.13
N TYR A 39 1.69 6.68 9.85
CA TYR A 39 2.71 7.37 9.05
C TYR A 39 2.20 7.67 7.65
N VAL A 40 1.50 6.68 7.10
CA VAL A 40 1.00 6.74 5.73
C VAL A 40 0.01 7.87 5.51
N GLU A 41 -0.93 8.04 6.43
CA GLU A 41 -1.97 9.06 6.30
C GLU A 41 -1.33 10.45 6.34
N LEU A 42 -0.29 10.52 7.16
CA LEU A 42 0.57 11.68 7.21
C LEU A 42 1.26 11.92 5.86
N ALA A 43 1.74 10.86 5.23
CA ALA A 43 2.47 10.98 3.97
C ALA A 43 1.59 11.54 2.85
N LEU A 44 0.34 11.09 2.80
CA LEU A 44 -0.61 11.62 1.82
C LEU A 44 -0.88 13.11 2.03
N LEU A 45 -1.02 13.51 3.30
CA LEU A 45 -1.12 14.92 3.67
C LEU A 45 0.15 15.66 3.31
N VAL A 46 1.29 15.02 3.55
CA VAL A 46 2.58 15.63 3.24
C VAL A 46 2.67 15.88 1.74
N GLN A 47 2.26 14.90 0.94
CA GLN A 47 2.45 14.99 -0.50
C GLN A 47 1.68 16.16 -1.09
N GLN A 48 0.42 16.32 -0.69
CA GLN A 48 -0.38 17.44 -1.19
C GLN A 48 0.15 18.78 -0.68
N LYS A 49 0.49 18.81 0.61
CA LYS A 49 1.03 20.02 1.22
C LYS A 49 2.38 20.41 0.64
N ALA A 50 3.23 19.40 0.43
CA ALA A 50 4.53 19.61 -0.20
C ALA A 50 4.38 19.76 -1.72
N LYS A 51 3.20 19.41 -2.23
CA LYS A 51 2.89 19.58 -3.65
C LYS A 51 3.96 18.94 -4.54
N VAL A 52 4.19 17.64 -4.34
CA VAL A 52 5.22 16.93 -5.08
C VAL A 52 4.59 15.80 -5.90
N LYS A 53 4.94 15.73 -7.17
CA LYS A 53 4.31 14.76 -8.07
C LYS A 53 5.18 13.52 -8.24
N ILE A 54 4.51 12.37 -8.20
CA ILE A 54 5.16 11.08 -8.38
C ILE A 54 4.20 10.16 -9.12
N PRO A 55 4.53 9.74 -10.35
CA PRO A 55 3.62 8.89 -11.16
C PRO A 55 3.24 7.57 -10.46
N ARG A 56 4.17 6.97 -9.72
CA ARG A 56 3.94 5.61 -9.23
C ARG A 56 4.32 5.42 -7.76
N LYS A 57 5.19 6.25 -7.19
CA LYS A 57 5.82 5.89 -5.91
C LYS A 57 4.83 5.75 -4.76
N TRP A 58 3.89 6.69 -4.61
CA TRP A 58 2.81 6.48 -3.65
C TRP A 58 1.49 6.09 -4.32
N LYS A 59 1.28 6.57 -5.53
CA LYS A 59 0.00 6.37 -6.21
C LYS A 59 -0.25 4.89 -6.48
N ARG A 60 0.80 4.19 -6.93
CA ARG A 60 0.68 2.80 -7.36
C ARG A 60 1.13 1.82 -6.28
N ARG A 61 1.57 2.34 -5.13
CA ARG A 61 2.14 1.50 -4.08
C ARG A 61 1.30 1.49 -2.82
N TYR A 62 0.02 1.86 -2.91
CA TYR A 62 -0.84 1.92 -1.73
C TYR A 62 -2.19 1.23 -1.95
N CYS A 63 -2.79 0.86 -0.82
CA CYS A 63 -4.12 0.28 -0.81
C CYS A 63 -5.16 1.33 -1.12
N LYS A 64 -6.33 0.85 -1.56
CA LYS A 64 -7.44 1.71 -1.89
C LYS A 64 -7.91 2.47 -0.65
N LYS A 65 -7.92 1.77 0.50
CA LYS A 65 -8.27 2.43 1.77
C LYS A 65 -7.14 2.51 2.80
N CYS A 66 -6.12 1.64 2.77
CA CYS A 66 -5.11 1.81 3.82
C CYS A 66 -4.38 3.11 3.54
N HIS A 67 -4.25 3.42 2.25
CA HIS A 67 -3.33 4.45 1.78
C HIS A 67 -1.89 4.01 2.05
N ALA A 68 -1.82 2.80 2.59
CA ALA A 68 -0.59 2.24 3.14
C ALA A 68 0.11 1.42 2.06
N PHE A 69 1.40 1.20 2.24
CA PHE A 69 2.21 0.61 1.18
C PHE A 69 1.67 -0.78 0.88
N LEU A 70 1.44 -1.08 -0.40
CA LEU A 70 0.70 -2.29 -0.71
C LEU A 70 1.73 -3.38 -1.00
N VAL A 71 1.89 -4.24 0.00
CA VAL A 71 2.81 -5.36 -0.07
C VAL A 71 2.09 -6.59 0.52
N PRO A 72 1.95 -7.68 -0.25
CA PRO A 72 1.34 -8.93 0.29
C PRO A 72 2.15 -9.52 1.44
N GLY A 73 1.41 -10.09 2.39
CA GLY A 73 2.00 -10.68 3.58
C GLY A 73 2.32 -9.65 4.66
N ILE A 74 2.12 -8.36 4.39
CA ILE A 74 2.76 -7.35 5.23
C ILE A 74 1.74 -6.52 6.00
N ASN A 75 1.05 -5.62 5.30
CA ASN A 75 -0.17 -5.01 5.83
C ASN A 75 -1.39 -5.62 5.15
N ALA A 76 -1.11 -6.56 4.26
CA ALA A 76 -2.15 -7.10 3.40
C ALA A 76 -1.69 -8.46 2.92
N ARG A 77 -2.64 -9.34 2.62
CA ARG A 77 -2.30 -10.70 2.24
C ARG A 77 -3.00 -11.07 0.95
N VAL A 78 -2.28 -11.83 0.13
CA VAL A 78 -2.77 -12.21 -1.19
C VAL A 78 -2.77 -13.73 -1.32
N ARG A 79 -3.89 -14.26 -1.80
CA ARG A 79 -4.00 -15.66 -2.14
C ARG A 79 -4.06 -15.78 -3.65
N LEU A 80 -3.25 -16.67 -4.21
CA LEU A 80 -3.24 -16.84 -5.66
C LEU A 80 -3.95 -18.15 -5.98
N ARG A 81 -5.00 -18.05 -6.80
CA ARG A 81 -5.82 -19.21 -7.11
C ARG A 81 -5.53 -19.71 -8.53
N GLN A 82 -5.41 -21.02 -8.65
CA GLN A 82 -4.95 -21.64 -9.89
C GLN A 82 -6.08 -22.46 -10.51
N LYS A 83 -7.06 -21.69 -10.97
CA LYS A 83 -8.11 -22.15 -11.88
C LYS A 83 -7.65 -21.75 -13.28
N ARG A 84 -8.19 -22.36 -14.34
CA ARG A 84 -7.86 -21.78 -15.64
C ARG A 84 -8.82 -20.59 -15.77
N MET A 85 -8.65 -19.67 -14.83
CA MET A 85 -8.48 -18.23 -14.99
C MET A 85 -7.52 -17.79 -13.88
N PRO A 86 -6.39 -17.09 -14.13
CA PRO A 86 -5.59 -16.60 -12.97
C PRO A 86 -6.43 -15.61 -12.16
N HIS A 87 -6.31 -15.71 -10.83
CA HIS A 87 -6.98 -14.77 -9.94
C HIS A 87 -6.13 -14.59 -8.68
N ILE A 88 -6.10 -13.38 -8.14
CA ILE A 88 -5.55 -13.16 -6.81
C ILE A 88 -6.54 -12.37 -5.96
N VAL A 89 -6.59 -12.68 -4.67
CA VAL A 89 -7.41 -11.93 -3.73
C VAL A 89 -6.56 -11.31 -2.63
N VAL A 90 -6.78 -10.02 -2.40
CA VAL A 90 -5.95 -9.25 -1.49
C VAL A 90 -6.82 -8.68 -0.38
N LYS A 91 -6.35 -8.87 0.85
CA LYS A 91 -7.01 -8.31 2.02
C LYS A 91 -5.98 -7.50 2.80
N CYS A 92 -6.39 -6.33 3.30
CA CYS A 92 -5.49 -5.50 4.08
C CYS A 92 -5.99 -5.39 5.51
N LEU A 93 -5.05 -5.55 6.44
CA LEU A 93 -5.35 -5.51 7.85
C LEU A 93 -5.88 -4.14 8.27
N GLU A 94 -5.28 -3.07 7.76
CA GLU A 94 -5.63 -1.73 8.21
C GLU A 94 -7.06 -1.33 7.85
N CYS A 95 -7.48 -1.64 6.62
CA CYS A 95 -8.89 -1.50 6.27
C CYS A 95 -9.73 -2.67 6.81
N GLY A 96 -9.13 -3.85 6.86
CA GLY A 96 -9.86 -5.05 7.24
C GLY A 96 -10.65 -5.62 6.06
N HIS A 97 -10.34 -5.18 4.85
CA HIS A 97 -11.20 -5.43 3.69
C HIS A 97 -10.47 -6.19 2.57
N ILE A 98 -11.26 -6.99 1.86
CA ILE A 98 -10.76 -7.83 0.77
C ILE A 98 -11.08 -7.20 -0.58
N MET A 99 -10.02 -7.07 -1.38
CA MET A 99 -10.13 -6.62 -2.76
C MET A 99 -9.61 -7.72 -3.70
N ARG A 100 -10.45 -8.11 -4.66
CA ARG A 100 -10.08 -9.15 -5.62
C ARG A 100 -9.51 -8.50 -6.89
N TYR A 101 -8.39 -9.05 -7.36
CA TYR A 101 -7.77 -8.59 -8.60
C TYR A 101 -7.73 -9.73 -9.60
N PRO A 102 -8.67 -9.78 -10.55
CA PRO A 102 -8.62 -10.75 -11.69
C PRO A 102 -7.38 -10.53 -12.55
N TYR A 103 -6.81 -11.63 -13.06
CA TYR A 103 -5.72 -11.53 -14.02
C TYR A 103 -5.92 -12.53 -15.16
N ILE A 104 -5.95 -12.01 -16.39
CA ILE A 104 -6.07 -12.85 -17.58
C ILE A 104 -4.91 -12.58 -18.52
N LYS A 105 -4.26 -13.67 -18.96
CA LYS A 105 -3.20 -13.58 -19.96
C LYS A 105 -3.78 -13.46 -21.37
ZN ZN B . -6.44 -1.25 2.92
N LYS A 15 10.52 16.14 -3.21
CA LYS A 15 11.10 14.85 -3.68
C LYS A 15 11.83 14.19 -2.50
N GLU A 16 12.75 14.94 -1.92
CA GLU A 16 13.47 14.46 -0.74
C GLU A 16 12.51 14.32 0.43
N ARG A 17 11.56 15.26 0.58
CA ARG A 17 10.68 15.24 1.76
C ARG A 17 9.84 13.98 1.82
N ILE A 18 9.27 13.61 0.67
CA ILE A 18 8.42 12.43 0.58
C ILE A 18 9.29 11.19 0.77
N ASP A 19 10.50 11.25 0.20
CA ASP A 19 11.38 10.08 0.11
C ASP A 19 11.77 9.63 1.52
N ILE A 20 11.97 10.59 2.42
CA ILE A 20 12.26 10.30 3.81
C ILE A 20 11.09 9.58 4.49
N LEU A 21 9.88 10.10 4.20
CA LEU A 21 8.66 9.50 4.71
C LEU A 21 8.48 8.09 4.17
N PHE A 22 8.80 7.91 2.88
CA PHE A 22 8.67 6.61 2.24
C PHE A 22 9.52 5.54 2.93
N SER A 23 10.78 5.88 3.24
CA SER A 23 11.66 4.90 3.90
C SER A 23 11.09 4.51 5.26
N LEU A 24 10.57 5.51 5.95
CA LEU A 24 9.97 5.32 7.27
C LEU A 24 8.75 4.41 7.18
N ALA A 25 7.94 4.63 6.15
CA ALA A 25 6.77 3.79 5.91
C ALA A 25 7.19 2.35 5.61
N GLU A 26 8.28 2.16 4.86
CA GLU A 26 8.72 0.81 4.56
C GLU A 26 9.19 0.08 5.81
N ARG A 27 9.96 0.75 6.67
CA ARG A 27 10.47 0.09 7.87
C ARG A 27 9.36 -0.27 8.85
N VAL A 28 8.42 0.65 9.06
CA VAL A 28 7.31 0.41 9.97
C VAL A 28 6.43 -0.73 9.43
N PHE A 29 6.29 -0.78 8.10
CA PHE A 29 5.33 -1.67 7.46
C PHE A 29 5.38 -3.08 8.03
N PRO A 30 6.54 -3.78 7.95
CA PRO A 30 6.68 -5.12 8.57
C PRO A 30 6.52 -5.14 10.10
N TYR A 31 6.92 -4.05 10.77
CA TYR A 31 6.68 -3.94 12.21
C TYR A 31 5.21 -3.94 12.59
N SER A 32 4.40 -3.16 11.88
CA SER A 32 3.00 -2.99 12.23
C SER A 32 2.27 -2.35 11.05
N PRO A 33 1.27 -3.03 10.51
CA PRO A 33 0.35 -2.38 9.54
C PRO A 33 -0.28 -1.09 10.06
N GLU A 34 -0.71 -1.12 11.32
CA GLU A 34 -1.41 0.02 11.91
C GLU A 34 -0.48 1.23 12.09
N LEU A 35 0.77 1.00 12.51
CA LEU A 35 1.73 2.09 12.66
C LEU A 35 2.00 2.72 11.29
N ALA A 36 2.12 1.84 10.30
CA ALA A 36 2.35 2.25 8.92
C ALA A 36 1.17 3.06 8.41
N LYS A 37 -0.04 2.70 8.85
CA LYS A 37 -1.25 3.30 8.33
C LYS A 37 -1.23 4.80 8.59
N ARG A 38 -0.90 5.14 9.83
CA ARG A 38 -0.82 6.53 10.26
C ARG A 38 0.32 7.28 9.56
N TYR A 39 1.49 6.66 9.41
CA TYR A 39 2.61 7.35 8.79
C TYR A 39 2.33 7.71 7.34
N VAL A 40 1.78 6.75 6.58
CA VAL A 40 1.52 6.96 5.17
C VAL A 40 0.45 8.03 4.97
N GLU A 41 -0.62 7.98 5.77
CA GLU A 41 -1.70 8.94 5.63
C GLU A 41 -1.16 10.34 5.89
N LEU A 42 -0.20 10.41 6.80
CA LEU A 42 0.65 11.59 6.93
C LEU A 42 1.46 11.86 5.66
N ALA A 43 2.03 10.82 5.05
CA ALA A 43 2.82 11.03 3.85
C ALA A 43 1.98 11.55 2.69
N LEU A 44 0.77 11.03 2.51
CA LEU A 44 -0.14 11.56 1.50
C LEU A 44 -0.54 13.00 1.80
N LEU A 45 -0.81 13.30 3.07
CA LEU A 45 -1.12 14.67 3.49
C LEU A 45 0.07 15.58 3.24
N VAL A 46 1.26 15.08 3.54
CA VAL A 46 2.48 15.80 3.23
C VAL A 46 2.59 15.98 1.71
N GLN A 47 2.33 14.91 0.97
CA GLN A 47 2.58 14.86 -0.46
C GLN A 47 1.73 15.89 -1.20
N GLN A 48 0.44 15.98 -0.85
CA GLN A 48 -0.44 17.00 -1.44
C GLN A 48 -0.02 18.42 -1.02
N LYS A 49 0.29 18.60 0.26
CA LYS A 49 0.69 19.90 0.80
C LYS A 49 1.99 20.40 0.19
N ALA A 50 2.95 19.50 0.05
CA ALA A 50 4.23 19.81 -0.59
C ALA A 50 4.05 19.96 -2.09
N LYS A 51 2.88 19.53 -2.58
CA LYS A 51 2.58 19.62 -4.00
C LYS A 51 3.64 18.92 -4.84
N VAL A 52 3.84 17.62 -4.57
CA VAL A 52 4.81 16.84 -5.31
C VAL A 52 4.10 15.71 -6.05
N LYS A 53 4.41 15.59 -7.34
CA LYS A 53 3.83 14.55 -8.15
C LYS A 53 4.63 13.26 -8.00
N ILE A 54 3.94 12.13 -7.93
CA ILE A 54 4.61 10.84 -7.92
C ILE A 54 3.83 9.86 -8.81
N PRO A 55 4.33 9.57 -10.02
CA PRO A 55 3.63 8.65 -10.96
C PRO A 55 3.48 7.21 -10.45
N ARG A 56 4.43 6.74 -9.64
CA ARG A 56 4.45 5.33 -9.27
C ARG A 56 4.75 5.10 -7.78
N LYS A 57 5.68 5.87 -7.19
CA LYS A 57 6.27 5.45 -5.93
C LYS A 57 5.25 5.37 -4.80
N TRP A 58 4.37 6.37 -4.73
CA TRP A 58 3.25 6.30 -3.80
C TRP A 58 1.95 5.88 -4.47
N LYS A 59 1.80 6.26 -5.74
CA LYS A 59 0.54 6.02 -6.45
C LYS A 59 0.28 4.52 -6.61
N ARG A 60 1.31 3.78 -6.99
CA ARG A 60 1.17 2.35 -7.30
C ARG A 60 1.53 1.48 -6.10
N ARG A 61 1.93 2.11 -5.01
CA ARG A 61 2.46 1.36 -3.86
C ARG A 61 1.55 1.44 -2.63
N TYR A 62 0.27 1.75 -2.80
CA TYR A 62 -0.58 1.97 -1.62
C TYR A 62 -2.00 1.45 -1.83
N CYS A 63 -2.68 1.21 -0.71
CA CYS A 63 -4.06 0.75 -0.72
C CYS A 63 -5.01 1.93 -0.82
N LYS A 64 -6.19 1.65 -1.38
CA LYS A 64 -7.23 2.65 -1.52
C LYS A 64 -7.69 3.13 -0.14
N LYS A 65 -7.81 2.19 0.81
CA LYS A 65 -8.24 2.49 2.17
C LYS A 65 -7.13 2.42 3.20
N CYS A 66 -6.08 1.61 3.03
CA CYS A 66 -5.07 1.63 4.09
C CYS A 66 -4.40 3.00 4.06
N HIS A 67 -4.17 3.52 2.84
CA HIS A 67 -3.35 4.72 2.67
C HIS A 67 -1.92 4.40 3.09
N ALA A 68 -1.63 3.13 2.84
CA ALA A 68 -0.46 2.43 3.34
C ALA A 68 0.24 1.70 2.22
N PHE A 69 1.53 1.38 2.44
CA PHE A 69 2.35 0.72 1.42
C PHE A 69 1.69 -0.62 1.08
N LEU A 70 1.53 -0.89 -0.21
CA LEU A 70 0.89 -2.14 -0.62
C LEU A 70 1.97 -3.20 -0.75
N VAL A 71 2.07 -4.03 0.30
CA VAL A 71 3.02 -5.14 0.31
C VAL A 71 2.31 -6.39 0.82
N PRO A 72 2.07 -7.40 -0.01
CA PRO A 72 1.40 -8.64 0.46
C PRO A 72 2.22 -9.37 1.52
N GLY A 73 1.50 -9.96 2.48
CA GLY A 73 2.10 -10.63 3.62
C GLY A 73 2.23 -9.67 4.79
N ILE A 74 2.22 -8.37 4.50
CA ILE A 74 2.79 -7.38 5.41
C ILE A 74 1.68 -6.60 6.13
N ASN A 75 1.01 -5.68 5.42
CA ASN A 75 -0.22 -5.08 5.93
C ASN A 75 -1.43 -5.64 5.21
N ALA A 76 -1.14 -6.58 4.31
CA ALA A 76 -2.16 -7.11 3.43
C ALA A 76 -1.74 -8.49 2.96
N ARG A 77 -2.71 -9.34 2.65
CA ARG A 77 -2.37 -10.70 2.25
C ARG A 77 -2.96 -11.00 0.88
N VAL A 78 -2.14 -11.63 0.02
CA VAL A 78 -2.60 -11.95 -1.32
C VAL A 78 -2.42 -13.44 -1.58
N ARG A 79 -3.46 -14.04 -2.12
CA ARG A 79 -3.41 -15.44 -2.53
C ARG A 79 -3.57 -15.49 -4.05
N LEU A 80 -2.67 -16.21 -4.72
CA LEU A 80 -2.70 -16.27 -6.17
C LEU A 80 -3.16 -17.67 -6.58
N ARG A 81 -4.27 -17.74 -7.31
CA ARG A 81 -4.79 -19.01 -7.82
C ARG A 81 -4.51 -19.16 -9.31
N GLN A 82 -4.07 -20.37 -9.67
CA GLN A 82 -3.77 -20.69 -11.06
C GLN A 82 -4.67 -21.82 -11.51
N LYS A 83 -5.96 -21.50 -11.59
CA LYS A 83 -6.90 -22.19 -12.45
C LYS A 83 -6.76 -21.57 -13.83
N ARG A 84 -7.34 -22.12 -14.90
CA ARG A 84 -7.23 -21.37 -16.15
C ARG A 84 -8.35 -20.32 -16.10
N MET A 85 -8.26 -19.52 -15.05
CA MET A 85 -8.73 -18.14 -14.97
C MET A 85 -7.85 -17.40 -13.99
N PRO A 86 -6.86 -16.58 -14.37
CA PRO A 86 -5.96 -16.01 -13.34
C PRO A 86 -6.75 -15.15 -12.35
N HIS A 87 -6.39 -15.22 -11.08
CA HIS A 87 -7.13 -14.52 -10.03
C HIS A 87 -6.31 -14.38 -8.75
N ILE A 88 -6.34 -13.20 -8.16
CA ILE A 88 -5.71 -12.98 -6.87
C ILE A 88 -6.69 -12.32 -5.90
N VAL A 89 -6.60 -12.67 -4.61
CA VAL A 89 -7.43 -12.04 -3.60
C VAL A 89 -6.58 -11.25 -2.60
N VAL A 90 -6.96 -10.00 -2.39
CA VAL A 90 -6.16 -9.09 -1.57
C VAL A 90 -7.01 -8.57 -0.42
N LYS A 91 -6.45 -8.66 0.78
CA LYS A 91 -7.08 -8.07 1.95
C LYS A 91 -6.01 -7.37 2.77
N CYS A 92 -6.37 -6.20 3.31
CA CYS A 92 -5.43 -5.48 4.16
C CYS A 92 -5.84 -5.57 5.62
N LEU A 93 -4.86 -5.77 6.48
CA LEU A 93 -5.07 -5.72 7.92
C LEU A 93 -5.52 -4.32 8.36
N GLU A 94 -4.89 -3.29 7.78
CA GLU A 94 -5.08 -1.92 8.26
C GLU A 94 -6.51 -1.44 7.96
N CYS A 95 -7.02 -1.77 6.78
CA CYS A 95 -8.44 -1.61 6.48
C CYS A 95 -9.32 -2.69 7.11
N GLY A 96 -8.80 -3.93 7.18
CA GLY A 96 -9.59 -5.07 7.61
C GLY A 96 -10.51 -5.60 6.51
N HIS A 97 -10.25 -5.16 5.29
CA HIS A 97 -11.19 -5.33 4.17
C HIS A 97 -10.53 -6.06 3.01
N ILE A 98 -11.34 -6.82 2.28
CA ILE A 98 -10.85 -7.65 1.19
C ILE A 98 -11.31 -7.15 -0.17
N MET A 99 -10.33 -7.01 -1.05
CA MET A 99 -10.57 -6.71 -2.46
C MET A 99 -10.09 -7.88 -3.32
N ARG A 100 -10.95 -8.29 -4.26
CA ARG A 100 -10.61 -9.34 -5.21
C ARG A 100 -10.14 -8.71 -6.53
N TYR A 101 -9.09 -9.26 -7.13
CA TYR A 101 -8.57 -8.73 -8.40
C TYR A 101 -8.55 -9.83 -9.46
N PRO A 102 -9.53 -9.82 -10.38
CA PRO A 102 -9.50 -10.71 -11.58
C PRO A 102 -8.31 -10.43 -12.50
N TYR A 103 -7.75 -11.49 -13.07
CA TYR A 103 -6.84 -11.39 -14.22
C TYR A 103 -7.19 -12.39 -15.31
N ILE A 104 -6.99 -11.96 -16.55
CA ILE A 104 -7.20 -12.79 -17.73
C ILE A 104 -5.87 -13.10 -18.41
N LYS A 105 -5.61 -14.37 -18.69
CA LYS A 105 -4.38 -14.79 -19.35
C LYS A 105 -4.29 -14.20 -20.76
ZN ZN B . -6.27 -1.27 2.80
N LYS A 15 9.72 16.25 -2.77
CA LYS A 15 10.54 15.28 -3.57
C LYS A 15 11.32 14.37 -2.62
N GLU A 16 12.40 14.91 -2.06
CA GLU A 16 13.20 14.20 -1.05
C GLU A 16 12.41 13.98 0.24
N ARG A 17 11.53 14.92 0.56
CA ARG A 17 10.72 14.83 1.77
C ARG A 17 9.84 13.58 1.75
N ILE A 18 9.24 13.30 0.60
CA ILE A 18 8.45 12.07 0.47
C ILE A 18 9.37 10.86 0.62
N ASP A 19 10.53 10.92 -0.02
CA ASP A 19 11.44 9.79 -0.05
C ASP A 19 11.93 9.43 1.36
N ILE A 20 12.20 10.45 2.17
CA ILE A 20 12.58 10.23 3.57
C ILE A 20 11.42 9.58 4.33
N LEU A 21 10.23 10.11 4.09
CA LEU A 21 9.00 9.63 4.70
C LEU A 21 8.74 8.19 4.29
N PHE A 22 8.98 7.96 3.01
CA PHE A 22 8.78 6.64 2.40
C PHE A 22 9.67 5.60 3.07
N SER A 23 10.94 5.94 3.28
CA SER A 23 11.88 5.06 3.94
C SER A 23 11.45 4.69 5.36
N LEU A 24 10.96 5.68 6.11
CA LEU A 24 10.39 5.40 7.43
C LEU A 24 9.17 4.52 7.30
N ALA A 25 8.34 4.82 6.30
CA ALA A 25 7.10 4.09 6.09
C ALA A 25 7.39 2.62 5.75
N GLU A 26 8.42 2.38 4.95
CA GLU A 26 8.73 1.01 4.57
C GLU A 26 9.23 0.17 5.74
N ARG A 27 10.11 0.72 6.57
CA ARG A 27 10.58 -0.02 7.75
C ARG A 27 9.50 -0.31 8.79
N VAL A 28 8.67 0.70 9.08
CA VAL A 28 7.60 0.57 10.06
C VAL A 28 6.55 -0.44 9.57
N PHE A 29 6.37 -0.44 8.26
CA PHE A 29 5.31 -1.18 7.60
C PHE A 29 5.31 -2.67 7.95
N PRO A 30 6.39 -3.41 7.67
CA PRO A 30 6.50 -4.84 8.10
C PRO A 30 6.46 -5.05 9.61
N TYR A 31 6.99 -4.08 10.36
CA TYR A 31 6.90 -4.14 11.82
C TYR A 31 5.46 -4.10 12.30
N SER A 32 4.69 -3.19 11.71
CA SER A 32 3.29 -3.00 12.06
C SER A 32 2.62 -2.17 10.98
N PRO A 33 1.63 -2.73 10.29
CA PRO A 33 0.76 -1.96 9.35
C PRO A 33 0.06 -0.79 10.03
N GLU A 34 -0.27 -0.96 11.31
CA GLU A 34 -0.95 0.08 12.07
C GLU A 34 -0.07 1.32 12.27
N LEU A 35 1.19 1.08 12.60
CA LEU A 35 2.15 2.17 12.73
C LEU A 35 2.37 2.88 11.39
N ALA A 36 2.47 2.05 10.35
CA ALA A 36 2.61 2.51 8.96
C ALA A 36 1.37 3.28 8.51
N LYS A 37 0.23 2.84 9.01
CA LYS A 37 -1.06 3.37 8.62
C LYS A 37 -1.16 4.86 8.92
N ARG A 38 -0.77 5.25 10.12
CA ARG A 38 -0.74 6.67 10.46
C ARG A 38 0.32 7.45 9.67
N TYR A 39 1.51 6.86 9.50
CA TYR A 39 2.58 7.57 8.80
C TYR A 39 2.26 7.88 7.34
N VAL A 40 1.72 6.89 6.63
CA VAL A 40 1.35 7.07 5.23
C VAL A 40 0.21 8.09 5.06
N GLU A 41 -0.83 8.02 5.90
CA GLU A 41 -1.96 8.94 5.74
C GLU A 41 -1.47 10.38 5.93
N LEU A 42 -0.48 10.48 6.81
CA LEU A 42 0.32 11.69 6.95
C LEU A 42 1.06 12.03 5.66
N ALA A 43 1.63 11.03 5.00
CA ALA A 43 2.35 11.26 3.75
C ALA A 43 1.43 11.77 2.64
N LEU A 44 0.22 11.23 2.56
CA LEU A 44 -0.75 11.67 1.56
C LEU A 44 -1.18 13.13 1.75
N LEU A 45 -1.40 13.50 3.02
CA LEU A 45 -1.69 14.88 3.40
C LEU A 45 -0.48 15.76 3.07
N VAL A 46 0.70 15.22 3.37
CA VAL A 46 1.96 15.87 3.07
C VAL A 46 2.11 16.05 1.55
N GLN A 47 1.80 15.01 0.78
CA GLN A 47 2.09 15.01 -0.65
C GLN A 47 1.29 16.10 -1.37
N GLN A 48 0.02 16.27 -1.01
CA GLN A 48 -0.80 17.31 -1.61
C GLN A 48 -0.28 18.70 -1.25
N LYS A 49 0.04 18.88 0.02
CA LYS A 49 0.63 20.13 0.53
C LYS A 49 2.00 20.43 -0.07
N ALA A 50 2.82 19.41 -0.14
CA ALA A 50 4.13 19.51 -0.80
C ALA A 50 3.97 19.54 -2.32
N LYS A 51 2.77 19.19 -2.80
CA LYS A 51 2.47 19.24 -4.22
C LYS A 51 3.53 18.49 -5.04
N VAL A 52 3.79 17.25 -4.63
CA VAL A 52 4.87 16.47 -5.27
C VAL A 52 4.22 15.37 -6.10
N LYS A 53 4.65 15.25 -7.35
CA LYS A 53 4.04 14.27 -8.24
C LYS A 53 4.94 13.04 -8.32
N ILE A 54 4.35 11.90 -7.97
CA ILE A 54 4.99 10.60 -8.15
C ILE A 54 3.93 9.59 -8.59
N PRO A 55 3.89 9.21 -9.87
CA PRO A 55 2.90 8.22 -10.38
C PRO A 55 3.13 6.82 -9.81
N ARG A 56 4.34 6.58 -9.29
CA ARG A 56 4.76 5.23 -8.93
C ARG A 56 5.12 5.10 -7.45
N LYS A 57 5.85 6.04 -6.88
CA LYS A 57 6.49 5.77 -5.58
C LYS A 57 5.51 5.53 -4.44
N TRP A 58 4.47 6.34 -4.35
CA TRP A 58 3.40 6.10 -3.39
C TRP A 58 2.10 5.65 -4.06
N LYS A 59 1.90 6.16 -5.27
CA LYS A 59 0.65 5.93 -6.01
C LYS A 59 0.44 4.47 -6.34
N ARG A 60 1.53 3.81 -6.73
CA ARG A 60 1.48 2.40 -7.09
C ARG A 60 1.81 1.49 -5.90
N ARG A 61 2.19 2.09 -4.78
CA ARG A 61 2.63 1.30 -3.63
C ARG A 61 1.76 1.57 -2.40
N TYR A 62 0.45 1.67 -2.60
CA TYR A 62 -0.44 1.93 -1.46
C TYR A 62 -1.79 1.24 -1.65
N CYS A 63 -2.51 1.08 -0.53
CA CYS A 63 -3.91 0.68 -0.56
C CYS A 63 -4.84 1.88 -0.74
N LYS A 64 -5.96 1.60 -1.40
CA LYS A 64 -6.98 2.61 -1.64
C LYS A 64 -7.55 3.11 -0.33
N LYS A 65 -7.76 2.20 0.62
CA LYS A 65 -8.20 2.60 1.96
C LYS A 65 -7.10 2.55 3.03
N CYS A 66 -6.08 1.68 2.97
CA CYS A 66 -5.14 1.67 4.12
C CYS A 66 -4.38 2.99 4.12
N HIS A 67 -4.07 3.44 2.91
CA HIS A 67 -3.16 4.57 2.80
C HIS A 67 -1.82 4.09 3.35
N ALA A 68 -1.56 2.82 3.05
CA ALA A 68 -0.43 2.08 3.62
C ALA A 68 0.32 1.44 2.47
N PHE A 69 1.59 1.11 2.71
CA PHE A 69 2.42 0.52 1.66
C PHE A 69 1.79 -0.80 1.22
N LEU A 70 1.64 -1.00 -0.08
CA LEU A 70 0.97 -2.21 -0.53
C LEU A 70 2.04 -3.18 -1.04
N VAL A 71 2.31 -4.16 -0.18
CA VAL A 71 3.04 -5.38 -0.53
C VAL A 71 2.32 -6.56 0.11
N PRO A 72 2.05 -7.65 -0.63
CA PRO A 72 1.44 -8.85 0.00
C PRO A 72 2.34 -9.46 1.07
N GLY A 73 1.68 -9.96 2.12
CA GLY A 73 2.32 -10.66 3.23
C GLY A 73 2.54 -9.76 4.45
N ILE A 74 2.48 -8.45 4.26
CA ILE A 74 2.90 -7.52 5.32
C ILE A 74 1.72 -6.83 6.02
N ASN A 75 1.11 -5.85 5.35
CA ASN A 75 -0.12 -5.21 5.84
C ASN A 75 -1.36 -5.82 5.21
N ALA A 76 -1.10 -6.70 4.27
CA ALA A 76 -2.11 -7.19 3.37
C ALA A 76 -1.58 -8.51 2.82
N ARG A 77 -2.50 -9.41 2.49
CA ARG A 77 -2.13 -10.74 2.05
C ARG A 77 -2.87 -11.09 0.77
N VAL A 78 -2.17 -11.79 -0.12
CA VAL A 78 -2.75 -12.15 -1.40
C VAL A 78 -2.68 -13.66 -1.56
N ARG A 79 -3.83 -14.21 -1.95
CA ARG A 79 -3.86 -15.59 -2.41
C ARG A 79 -3.89 -15.59 -3.93
N LEU A 80 -3.09 -16.46 -4.53
CA LEU A 80 -3.10 -16.57 -5.98
C LEU A 80 -3.80 -17.88 -6.33
N ARG A 81 -4.87 -17.78 -7.11
CA ARG A 81 -5.70 -18.93 -7.42
C ARG A 81 -5.45 -19.39 -8.86
N GLN A 82 -5.30 -20.69 -9.04
CA GLN A 82 -4.95 -21.23 -10.35
C GLN A 82 -6.11 -22.03 -10.91
N LYS A 83 -6.77 -21.34 -11.83
CA LYS A 83 -7.80 -21.85 -12.73
C LYS A 83 -7.45 -21.30 -14.10
N ARG A 84 -8.03 -21.81 -15.19
CA ARG A 84 -7.71 -21.09 -16.42
C ARG A 84 -8.65 -19.90 -16.47
N MET A 85 -8.55 -19.09 -15.41
CA MET A 85 -8.69 -17.65 -15.36
C MET A 85 -7.76 -17.16 -14.25
N PRO A 86 -6.71 -16.39 -14.46
CA PRO A 86 -5.90 -15.94 -13.30
C PRO A 86 -6.76 -15.09 -12.36
N HIS A 87 -6.59 -15.31 -11.05
CA HIS A 87 -7.25 -14.52 -10.02
C HIS A 87 -6.34 -14.36 -8.80
N ILE A 88 -6.34 -13.17 -8.20
CA ILE A 88 -5.75 -12.98 -6.88
C ILE A 88 -6.71 -12.26 -5.94
N VAL A 89 -6.69 -12.61 -4.66
CA VAL A 89 -7.51 -11.91 -3.67
C VAL A 89 -6.64 -11.26 -2.58
N VAL A 90 -6.93 -9.98 -2.33
CA VAL A 90 -6.10 -9.13 -1.50
C VAL A 90 -6.94 -8.60 -0.34
N LYS A 91 -6.38 -8.73 0.87
CA LYS A 91 -7.01 -8.17 2.05
C LYS A 91 -5.95 -7.41 2.85
N CYS A 92 -6.34 -6.24 3.36
CA CYS A 92 -5.45 -5.46 4.22
C CYS A 92 -5.97 -5.49 5.65
N LEU A 93 -5.05 -5.66 6.59
CA LEU A 93 -5.38 -5.62 8.01
C LEU A 93 -5.91 -4.24 8.42
N GLU A 94 -5.29 -3.18 7.91
CA GLU A 94 -5.65 -1.83 8.33
C GLU A 94 -7.07 -1.44 7.92
N CYS A 95 -7.46 -1.77 6.69
CA CYS A 95 -8.85 -1.66 6.27
C CYS A 95 -9.71 -2.80 6.82
N GLY A 96 -9.10 -3.97 7.00
CA GLY A 96 -9.81 -5.14 7.49
C GLY A 96 -10.62 -5.79 6.36
N HIS A 97 -10.37 -5.35 5.13
CA HIS A 97 -11.28 -5.60 4.01
C HIS A 97 -10.58 -6.38 2.90
N ILE A 98 -11.37 -7.19 2.20
CA ILE A 98 -10.88 -8.12 1.18
C ILE A 98 -11.36 -7.71 -0.21
N MET A 99 -10.39 -7.68 -1.12
CA MET A 99 -10.63 -7.32 -2.51
C MET A 99 -10.27 -8.50 -3.41
N ARG A 100 -11.03 -8.64 -4.49
CA ARG A 100 -10.71 -9.62 -5.52
C ARG A 100 -10.23 -8.91 -6.77
N TYR A 101 -9.05 -9.31 -7.24
CA TYR A 101 -8.47 -8.71 -8.43
C TYR A 101 -8.32 -9.77 -9.51
N PRO A 102 -9.26 -9.81 -10.47
CA PRO A 102 -9.11 -10.66 -11.69
C PRO A 102 -7.89 -10.23 -12.50
N TYR A 103 -7.21 -11.23 -13.08
CA TYR A 103 -6.09 -10.95 -13.98
C TYR A 103 -6.22 -11.82 -15.23
N ILE A 104 -6.13 -11.20 -16.40
CA ILE A 104 -6.14 -11.97 -17.64
C ILE A 104 -4.78 -11.92 -18.32
N LYS A 105 -4.27 -13.12 -18.61
CA LYS A 105 -3.01 -13.34 -19.32
C LYS A 105 -1.90 -12.40 -18.84
ZN ZN B . -6.33 -1.29 2.84
#